data_8HZ4
#
_entry.id   8HZ4
#
_cell.length_a   128.528
_cell.length_b   126.224
_cell.length_c   132.192
_cell.angle_alpha   90.00
_cell.angle_beta   106.44
_cell.angle_gamma   90.00
#
_symmetry.space_group_name_H-M   'P 1 21 1'
#
loop_
_entity.id
_entity.type
_entity.pdbx_description
1 polymer 'Biotin carboxylase'
2 polymer 'Biotin carboxylase'
#
loop_
_entity_poly.entity_id
_entity_poly.type
_entity_poly.pdbx_seq_one_letter_code
_entity_poly.pdbx_strand_id
1 'polypeptide(L)'
;MGSSHHHHHHMFRTILVANRGEIALRVMRACRELGLRCVAVYSEADRDAPHVAYADDAFLIGPPSPAESYLNIDAIIRAA
KATGAEAIHPGYGFLAENASFVRAVTAAGLIFIGPPAEAMERMGGKTAARREATAAGVPVVPGVLEPVTDAAEVRRLGKE
FGYPIAIKAVGGGGGRGLRVVRSPEEVDEAFAAARREAEVAFKNGELYVEKYLDDPRHIEIQVLADRYGNAVALGERDCS
VQRRHQKLIEECPSPALTPELRAEMGAAAVRLAKAVGYVSAGTLEFLFQDGRYYFLEMNTRIQVEHTVTEMVYGIDLVAA
QIRIAQGEKLWFKQEDVVPRGHAIECRINAEDPLHNFRPALGTIGEYHEPVGFGVRVDSGVRAYYTVPSHYDSLLAKLIT
WGSDRQEAIARMRRALAEYRIEGVTTIIPFHQAALEHPVFTAGAATVNFIPRHPELFSRAAELTPPTAA
;
A,B,C,D
2 'polypeptide(L)'
;SAGAEPAPEPRRFTIEVNGRRFGVAVFGDGMNATPVASPSRSAPARRAAPKKTTLAAPVDAVISPIQGRVVAVRVAHGQQ
VEAGQVLFIVEAMKMENEITAPHSGTIAEVRVEVGTTVEAGAMLATYQNTANNTNGK
;
E,F,G,H
#
# COMPACT_ATOMS: atom_id res chain seq x y z
N MET A 11 -19.20 8.80 0.92
CA MET A 11 -18.34 9.43 1.90
C MET A 11 -16.88 9.10 1.59
N PHE A 12 -16.11 10.11 1.17
CA PHE A 12 -14.70 9.93 0.84
C PHE A 12 -13.80 10.60 1.88
N ARG A 13 -12.58 10.07 2.01
CA ARG A 13 -11.64 10.53 3.03
C ARG A 13 -10.42 11.29 2.50
N THR A 14 -9.98 11.05 1.27
CA THR A 14 -8.81 11.75 0.73
C THR A 14 -9.21 12.47 -0.56
N ILE A 15 -8.83 13.73 -0.65
CA ILE A 15 -9.20 14.61 -1.75
C ILE A 15 -7.92 15.13 -2.39
N LEU A 16 -7.89 15.15 -3.72
CA LEU A 16 -6.73 15.65 -4.46
C LEU A 16 -7.06 17.02 -5.04
N VAL A 17 -6.16 17.97 -4.83
CA VAL A 17 -6.36 19.34 -5.30
C VAL A 17 -5.56 19.52 -6.59
N ALA A 18 -6.27 19.62 -7.71
CA ALA A 18 -5.65 19.75 -9.04
C ALA A 18 -5.48 21.23 -9.39
N ASN A 19 -4.63 21.89 -8.63
CA ASN A 19 -4.34 23.31 -8.84
C ASN A 19 -3.07 23.68 -8.09
N ARG A 20 -2.75 24.96 -8.06
CA ARG A 20 -1.53 25.45 -7.45
C ARG A 20 -1.82 26.75 -6.70
N GLY A 21 -0.80 27.21 -5.97
CA GLY A 21 -0.82 28.58 -5.46
C GLY A 21 -1.91 28.81 -4.43
N GLU A 22 -2.49 30.02 -4.50
CA GLU A 22 -3.47 30.43 -3.50
C GLU A 22 -4.58 29.42 -3.35
N ILE A 23 -5.27 29.10 -4.44
CA ILE A 23 -6.49 28.30 -4.35
C ILE A 23 -6.19 26.93 -3.74
N ALA A 24 -5.05 26.32 -4.10
CA ALA A 24 -4.75 25.00 -3.58
C ALA A 24 -4.65 25.01 -2.06
N LEU A 25 -3.98 26.03 -1.50
CA LEU A 25 -3.92 26.16 -0.04
C LEU A 25 -5.32 26.37 0.53
N ARG A 26 -6.13 27.20 -0.11
CA ARG A 26 -7.49 27.44 0.38
C ARG A 26 -8.27 26.15 0.46
N VAL A 27 -8.22 25.32 -0.58
CA VAL A 27 -8.95 24.06 -0.58
C VAL A 27 -8.40 23.12 0.49
N MET A 28 -7.07 23.07 0.64
CA MET A 28 -6.47 22.17 1.60
C MET A 28 -6.89 22.49 3.03
N ARG A 29 -6.90 23.78 3.39
CA ARG A 29 -7.35 24.17 4.72
C ARG A 29 -8.76 23.66 5.00
N ALA A 30 -9.65 23.75 4.01
CA ALA A 30 -10.99 23.20 4.17
C ALA A 30 -10.92 21.71 4.45
N CYS A 31 -10.03 20.99 3.76
CA CYS A 31 -9.87 19.56 4.00
C CYS A 31 -9.46 19.29 5.45
N ARG A 32 -8.45 20.02 5.94
CA ARG A 32 -7.94 19.77 7.28
C ARG A 32 -9.03 19.96 8.33
N GLU A 33 -9.80 21.03 8.22
CA GLU A 33 -10.83 21.30 9.21
C GLU A 33 -11.86 20.19 9.21
N LEU A 34 -12.17 19.64 8.03
CA LEU A 34 -13.13 18.56 7.88
C LEU A 34 -12.53 17.19 8.16
N GLY A 35 -11.28 17.12 8.61
CA GLY A 35 -10.69 15.83 8.95
C GLY A 35 -10.33 14.97 7.76
N LEU A 36 -10.20 15.57 6.58
CA LEU A 36 -9.92 14.83 5.37
C LEU A 36 -8.47 15.05 4.96
N ARG A 37 -7.91 14.08 4.25
CA ARG A 37 -6.55 14.17 3.78
C ARG A 37 -6.53 14.89 2.45
N CYS A 38 -5.58 15.79 2.28
CA CYS A 38 -5.41 16.56 1.06
C CYS A 38 -4.12 16.10 0.37
N VAL A 39 -4.20 15.88 -0.94
CA VAL A 39 -3.06 15.48 -1.73
C VAL A 39 -2.76 16.59 -2.72
N ALA A 40 -1.49 16.97 -2.82
CA ALA A 40 -1.09 18.04 -3.72
C ALA A 40 -0.48 17.48 -4.99
N VAL A 41 -0.65 18.21 -6.09
CA VAL A 41 -0.02 17.82 -7.35
C VAL A 41 0.84 19.00 -7.70
N TYR A 42 2.01 18.73 -8.25
CA TYR A 42 2.90 19.82 -8.52
C TYR A 42 3.74 19.61 -9.72
N SER A 43 4.08 20.69 -10.38
CA SER A 43 4.95 20.58 -11.52
C SER A 43 6.33 20.78 -10.99
N GLU A 44 7.29 20.73 -11.88
CA GLU A 44 8.65 20.83 -11.43
C GLU A 44 8.99 22.21 -10.93
N ALA A 45 8.21 23.20 -11.34
CA ALA A 45 8.50 24.55 -10.96
C ALA A 45 7.97 24.80 -9.59
N ASP A 46 6.88 24.13 -9.27
CA ASP A 46 6.26 24.32 -7.99
C ASP A 46 6.61 23.18 -7.08
N ARG A 47 7.88 22.88 -6.94
CA ARG A 47 8.30 21.82 -6.07
C ARG A 47 8.49 22.40 -4.72
N ASP A 48 8.97 23.62 -4.69
CA ASP A 48 9.23 24.27 -3.43
C ASP A 48 8.10 25.22 -3.17
N ALA A 49 6.91 24.82 -3.55
CA ALA A 49 5.76 25.67 -3.37
C ALA A 49 5.08 25.39 -2.07
N PRO A 50 4.45 26.39 -1.51
CA PRO A 50 3.77 26.22 -0.23
C PRO A 50 2.74 25.11 -0.19
N HIS A 51 2.00 24.91 -1.26
CA HIS A 51 0.94 23.92 -1.24
C HIS A 51 1.44 22.52 -1.08
N VAL A 52 2.59 22.25 -1.65
CA VAL A 52 3.15 20.93 -1.59
C VAL A 52 3.43 20.54 -0.15
N ALA A 53 3.97 21.46 0.62
CA ALA A 53 4.34 21.14 1.98
C ALA A 53 3.15 20.99 2.89
N TYR A 54 2.15 21.82 2.69
CA TYR A 54 0.97 21.78 3.55
C TYR A 54 0.30 20.46 3.42
N ALA A 55 0.28 19.91 2.22
CA ALA A 55 -0.43 18.66 1.99
C ALA A 55 0.05 17.46 2.73
N ASP A 56 -0.85 16.52 2.92
CA ASP A 56 -0.50 15.33 3.63
C ASP A 56 0.34 14.46 2.73
N ASP A 57 0.04 14.47 1.44
CA ASP A 57 0.85 13.73 0.49
C ASP A 57 0.92 14.50 -0.81
N ALA A 58 1.86 14.17 -1.68
CA ALA A 58 2.03 14.92 -2.91
C ALA A 58 2.56 14.12 -4.08
N PHE A 59 2.43 14.64 -5.30
CA PHE A 59 2.85 13.92 -6.51
C PHE A 59 3.27 14.82 -7.67
N LEU A 60 4.35 14.49 -8.35
CA LEU A 60 4.80 15.26 -9.50
C LEU A 60 3.90 15.03 -10.67
N ILE A 61 3.19 16.06 -11.07
CA ILE A 61 2.24 15.95 -12.15
C ILE A 61 2.96 16.05 -13.48
N GLY A 62 4.14 16.65 -13.50
CA GLY A 62 4.89 16.73 -14.72
C GLY A 62 5.79 17.92 -14.96
N PRO A 63 6.17 18.14 -16.22
CA PRO A 63 7.07 19.24 -16.57
C PRO A 63 6.44 20.60 -16.44
N PRO A 64 7.26 21.64 -16.27
CA PRO A 64 6.73 22.98 -16.05
C PRO A 64 5.69 23.49 -17.05
N SER A 65 5.69 22.97 -18.27
CA SER A 65 4.72 23.41 -19.25
C SER A 65 3.31 23.14 -18.73
N PRO A 66 2.42 24.13 -18.73
CA PRO A 66 1.06 23.87 -18.21
C PRO A 66 0.36 22.75 -18.94
N ALA A 67 0.52 22.66 -20.26
CA ALA A 67 -0.17 21.60 -21.01
C ALA A 67 0.30 20.22 -20.57
N GLU A 68 1.56 20.10 -20.17
CA GLU A 68 2.12 18.82 -19.75
C GLU A 68 2.00 18.59 -18.25
N SER A 69 1.45 19.54 -17.49
CA SER A 69 1.33 19.40 -16.06
C SER A 69 -0.13 19.56 -15.65
N TYR A 70 -0.54 20.75 -15.20
CA TYR A 70 -1.86 20.94 -14.60
C TYR A 70 -3.01 20.78 -15.59
N LEU A 71 -2.74 20.79 -16.89
CA LEU A 71 -3.77 20.55 -17.88
C LEU A 71 -3.69 19.13 -18.44
N ASN A 72 -2.78 18.31 -17.91
CA ASN A 72 -2.59 16.94 -18.36
C ASN A 72 -3.55 16.08 -17.54
N ILE A 73 -4.66 15.68 -18.15
CA ILE A 73 -5.70 14.96 -17.42
C ILE A 73 -5.18 13.64 -16.88
N ASP A 74 -4.52 12.85 -17.74
CA ASP A 74 -4.08 11.52 -17.31
C ASP A 74 -3.10 11.60 -16.16
N ALA A 75 -2.24 12.61 -16.15
CA ALA A 75 -1.27 12.75 -15.07
C ALA A 75 -1.95 12.97 -13.73
N ILE A 76 -2.98 13.82 -13.71
CA ILE A 76 -3.67 14.12 -12.45
C ILE A 76 -4.38 12.87 -11.93
N ILE A 77 -5.09 12.17 -12.81
CA ILE A 77 -5.77 10.95 -12.41
C ILE A 77 -4.77 9.91 -11.93
N ARG A 78 -3.65 9.77 -12.64
CA ARG A 78 -2.63 8.82 -12.21
C ARG A 78 -2.10 9.18 -10.83
N ALA A 79 -1.89 10.48 -10.58
CA ALA A 79 -1.45 10.92 -9.27
C ALA A 79 -2.46 10.56 -8.19
N ALA A 80 -3.75 10.75 -8.49
CA ALA A 80 -4.79 10.41 -7.52
C ALA A 80 -4.76 8.92 -7.17
N LYS A 81 -4.54 8.08 -8.18
CA LYS A 81 -4.48 6.64 -7.93
C LYS A 81 -3.28 6.30 -7.03
N ALA A 82 -2.12 6.89 -7.30
CA ALA A 82 -0.93 6.59 -6.51
C ALA A 82 -1.08 7.08 -5.07
N THR A 83 -1.71 8.24 -4.87
CA THR A 83 -1.85 8.80 -3.52
C THR A 83 -3.11 8.30 -2.83
N GLY A 84 -3.96 7.56 -3.53
CA GLY A 84 -5.18 7.05 -2.95
C GLY A 84 -6.31 8.04 -2.87
N ALA A 85 -6.21 9.17 -3.56
CA ALA A 85 -7.28 10.15 -3.50
C ALA A 85 -8.57 9.56 -4.06
N GLU A 86 -9.69 9.95 -3.46
CA GLU A 86 -11.01 9.49 -3.86
C GLU A 86 -11.84 10.58 -4.52
N ALA A 87 -11.46 11.84 -4.35
CA ALA A 87 -12.16 12.95 -5.00
C ALA A 87 -11.13 13.99 -5.41
N ILE A 88 -11.53 14.83 -6.35
CA ILE A 88 -10.65 15.85 -6.92
C ILE A 88 -11.33 17.20 -6.82
N HIS A 89 -10.62 18.19 -6.29
CA HIS A 89 -11.11 19.56 -6.30
C HIS A 89 -10.39 20.32 -7.40
N PRO A 90 -11.09 20.84 -8.42
CA PRO A 90 -10.38 21.49 -9.52
C PRO A 90 -9.84 22.86 -9.15
N GLY A 91 -10.44 23.55 -8.20
CA GLY A 91 -10.06 24.93 -7.95
C GLY A 91 -10.66 25.83 -9.02
N TYR A 92 -9.96 26.92 -9.32
CA TYR A 92 -10.33 27.80 -10.41
C TYR A 92 -9.24 27.76 -11.48
N GLY A 93 -9.68 27.67 -12.74
CA GLY A 93 -8.76 27.62 -13.86
C GLY A 93 -8.41 26.19 -14.22
N PHE A 94 -7.51 26.08 -15.19
CA PHE A 94 -7.00 24.77 -15.64
C PHE A 94 -8.18 23.91 -16.08
N LEU A 95 -8.39 22.74 -15.48
CA LEU A 95 -9.40 21.76 -15.86
C LEU A 95 -10.68 21.87 -15.04
N ALA A 96 -10.87 22.98 -14.32
CA ALA A 96 -12.03 23.08 -13.44
C ALA A 96 -13.33 23.14 -14.22
N GLU A 97 -13.32 23.73 -15.41
CA GLU A 97 -14.51 23.82 -16.26
C GLU A 97 -14.38 22.94 -17.48
N ASN A 98 -13.52 21.93 -17.43
CA ASN A 98 -13.24 21.03 -18.55
C ASN A 98 -14.05 19.75 -18.39
N ALA A 99 -15.10 19.62 -19.17
CA ALA A 99 -15.96 18.44 -19.08
C ALA A 99 -15.17 17.16 -19.32
N SER A 100 -14.18 17.21 -20.21
CA SER A 100 -13.36 16.03 -20.45
C SER A 100 -12.71 15.55 -19.16
N PHE A 101 -12.15 16.48 -18.38
CA PHE A 101 -11.56 16.11 -17.10
C PHE A 101 -12.61 15.50 -16.17
N VAL A 102 -13.81 16.05 -16.15
CA VAL A 102 -14.88 15.53 -15.30
C VAL A 102 -15.21 14.10 -15.70
N ARG A 103 -15.39 13.87 -17.00
CA ARG A 103 -15.76 12.53 -17.46
C ARG A 103 -14.64 11.54 -17.21
N ALA A 104 -13.40 11.95 -17.43
CA ALA A 104 -12.26 11.09 -17.11
C ALA A 104 -12.22 10.76 -15.62
N VAL A 105 -12.48 11.75 -14.78
CA VAL A 105 -12.44 11.52 -13.34
C VAL A 105 -13.58 10.58 -12.93
N THR A 106 -14.76 10.75 -13.53
CA THR A 106 -15.87 9.87 -13.19
C THR A 106 -15.57 8.43 -13.63
N ALA A 107 -14.95 8.27 -14.80
CA ALA A 107 -14.66 6.93 -15.29
C ALA A 107 -13.61 6.23 -14.45
N ALA A 108 -12.70 6.98 -13.83
CA ALA A 108 -11.69 6.38 -12.96
C ALA A 108 -12.23 5.97 -11.61
N GLY A 109 -13.49 6.24 -11.31
CA GLY A 109 -14.04 5.91 -10.02
C GLY A 109 -13.90 7.01 -8.98
N LEU A 110 -13.54 8.22 -9.40
CA LEU A 110 -13.31 9.33 -8.50
C LEU A 110 -14.51 10.28 -8.51
N ILE A 111 -14.67 11.01 -7.41
CA ILE A 111 -15.74 11.99 -7.29
C ILE A 111 -15.19 13.34 -7.73
N PHE A 112 -15.91 14.03 -8.61
CA PHE A 112 -15.53 15.36 -9.03
C PHE A 112 -16.21 16.37 -8.10
N ILE A 113 -15.41 17.14 -7.38
CA ILE A 113 -15.99 18.12 -6.47
C ILE A 113 -16.37 19.35 -7.28
N GLY A 114 -17.48 19.22 -8.02
CA GLY A 114 -17.99 20.30 -8.84
C GLY A 114 -19.27 19.91 -9.53
N PRO A 115 -19.75 20.75 -10.44
CA PRO A 115 -20.97 20.44 -11.17
C PRO A 115 -20.80 19.20 -12.03
N PRO A 116 -21.90 18.57 -12.46
CA PRO A 116 -21.78 17.42 -13.36
C PRO A 116 -21.36 17.84 -14.76
N ALA A 117 -20.86 16.87 -15.51
CA ALA A 117 -20.32 17.17 -16.84
C ALA A 117 -21.38 17.81 -17.73
N GLU A 118 -22.59 17.26 -17.73
CA GLU A 118 -23.62 17.74 -18.63
C GLU A 118 -23.98 19.19 -18.36
N ALA A 119 -24.10 19.57 -17.09
CA ALA A 119 -24.37 20.98 -16.78
C ALA A 119 -23.20 21.84 -17.24
N MET A 120 -21.98 21.40 -16.97
CA MET A 120 -20.79 22.13 -17.39
C MET A 120 -20.81 22.39 -18.89
N GLU A 121 -21.15 21.37 -19.68
CA GLU A 121 -21.19 21.53 -21.14
C GLU A 121 -22.30 22.48 -21.55
N ARG A 122 -23.49 22.31 -20.98
CA ARG A 122 -24.62 23.13 -21.39
C ARG A 122 -24.34 24.61 -21.14
N MET A 123 -23.52 24.93 -20.15
CA MET A 123 -23.19 26.30 -19.81
C MET A 123 -21.78 26.70 -20.22
N GLY A 124 -21.08 25.87 -20.99
CA GLY A 124 -19.68 26.14 -21.32
C GLY A 124 -19.45 27.32 -22.24
N GLY A 125 -19.99 27.26 -23.45
CA GLY A 125 -19.77 28.32 -24.42
C GLY A 125 -20.69 29.50 -24.21
N LYS A 126 -20.20 30.68 -24.58
CA LYS A 126 -21.00 31.90 -24.41
C LYS A 126 -22.33 31.80 -25.16
N THR A 127 -22.32 31.23 -26.36
CA THR A 127 -23.57 31.09 -27.11
C THR A 127 -24.54 30.15 -26.42
N ALA A 128 -24.05 28.99 -25.96
CA ALA A 128 -24.94 28.04 -25.32
C ALA A 128 -25.53 28.61 -24.04
N ALA A 129 -24.72 29.28 -23.23
CA ALA A 129 -25.21 29.80 -21.96
C ALA A 129 -26.31 30.84 -22.16
N ARG A 130 -26.12 31.77 -23.09
CA ARG A 130 -27.16 32.77 -23.29
C ARG A 130 -28.46 32.12 -23.72
N ARG A 131 -28.36 31.08 -24.57
CA ARG A 131 -29.54 30.35 -24.97
C ARG A 131 -30.20 29.69 -23.76
N GLU A 132 -29.39 29.05 -22.91
CA GLU A 132 -29.94 28.45 -21.71
C GLU A 132 -30.52 29.50 -20.78
N ALA A 133 -29.97 30.71 -20.78
CA ALA A 133 -30.45 31.74 -19.87
C ALA A 133 -31.78 32.33 -20.33
N THR A 134 -31.96 32.49 -21.64
CA THR A 134 -33.25 32.95 -22.15
C THR A 134 -34.32 31.89 -21.94
N ALA A 135 -33.95 30.61 -22.09
CA ALA A 135 -34.89 29.54 -21.79
C ALA A 135 -35.38 29.61 -20.34
N ALA A 136 -34.50 29.90 -19.39
CA ALA A 136 -34.85 29.99 -17.98
C ALA A 136 -35.37 31.37 -17.59
N GLY A 137 -35.63 32.24 -18.56
CA GLY A 137 -36.18 33.53 -18.28
C GLY A 137 -35.20 34.44 -17.57
N VAL A 138 -33.91 34.31 -17.88
CA VAL A 138 -32.87 35.22 -17.42
C VAL A 138 -32.54 36.17 -18.57
N PRO A 139 -32.61 37.49 -18.37
CA PRO A 139 -32.32 38.40 -19.47
C PRO A 139 -30.88 38.25 -19.93
N VAL A 140 -30.67 38.43 -21.23
CA VAL A 140 -29.33 38.41 -21.81
C VAL A 140 -29.14 39.70 -22.61
N VAL A 141 -27.90 39.94 -23.00
CA VAL A 141 -27.59 41.13 -23.79
C VAL A 141 -28.33 41.01 -25.11
N PRO A 142 -29.17 41.99 -25.46
CA PRO A 142 -29.90 41.90 -26.74
C PRO A 142 -28.95 41.88 -27.91
N GLY A 143 -28.96 40.77 -28.65
CA GLY A 143 -28.06 40.67 -29.79
C GLY A 143 -28.49 39.57 -30.74
N VAL A 144 -27.99 39.68 -31.96
CA VAL A 144 -28.22 38.69 -33.02
C VAL A 144 -26.89 38.02 -33.31
N LEU A 145 -26.80 36.73 -33.01
CA LEU A 145 -25.56 36.00 -33.27
C LEU A 145 -25.41 35.56 -34.72
N GLU A 146 -26.48 35.62 -35.52
CA GLU A 146 -26.25 35.22 -36.89
C GLU A 146 -25.72 36.43 -37.66
N PRO A 147 -24.99 36.20 -38.75
CA PRO A 147 -24.35 37.31 -39.45
C PRO A 147 -25.37 38.33 -39.96
N VAL A 148 -24.98 39.61 -39.89
CA VAL A 148 -25.82 40.71 -40.34
C VAL A 148 -25.33 41.11 -41.73
N THR A 149 -26.22 41.00 -42.72
CA THR A 149 -25.80 41.11 -44.11
C THR A 149 -25.50 42.55 -44.50
N ASP A 150 -26.36 43.50 -44.16
CA ASP A 150 -26.25 44.86 -44.69
C ASP A 150 -26.49 45.89 -43.60
N ALA A 151 -26.30 47.15 -43.98
CA ALA A 151 -26.46 48.28 -43.07
C ALA A 151 -27.91 48.47 -42.64
N ALA A 152 -28.87 48.16 -43.51
CA ALA A 152 -30.28 48.32 -43.15
C ALA A 152 -30.67 47.40 -41.99
N GLU A 153 -30.18 46.17 -41.98
CA GLU A 153 -30.47 45.27 -40.87
C GLU A 153 -29.90 45.82 -39.55
N VAL A 154 -28.71 46.44 -39.61
CA VAL A 154 -28.15 47.06 -38.41
C VAL A 154 -29.10 48.10 -37.86
N ARG A 155 -29.65 48.97 -38.73
CA ARG A 155 -30.57 50.00 -38.26
C ARG A 155 -31.80 49.38 -37.63
N ARG A 156 -32.38 48.38 -38.30
CA ARG A 156 -33.55 47.70 -37.76
C ARG A 156 -33.23 47.03 -36.43
N LEU A 157 -32.09 46.34 -36.38
CA LEU A 157 -31.63 45.77 -35.11
C LEU A 157 -31.34 46.86 -34.10
N GLY A 158 -30.95 48.05 -34.56
CA GLY A 158 -30.74 49.17 -33.65
C GLY A 158 -32.04 49.67 -33.04
N LYS A 159 -33.10 49.70 -33.83
CA LYS A 159 -34.41 50.10 -33.32
C LYS A 159 -34.87 49.16 -32.21
N GLU A 160 -34.80 47.85 -32.46
CA GLU A 160 -35.25 46.88 -31.48
C GLU A 160 -34.39 46.90 -30.23
N PHE A 161 -33.07 46.99 -30.39
CA PHE A 161 -32.19 46.88 -29.22
C PHE A 161 -32.13 48.19 -28.44
N GLY A 162 -32.14 49.32 -29.14
CA GLY A 162 -32.02 50.60 -28.49
C GLY A 162 -30.59 51.11 -28.53
N TYR A 163 -30.38 52.29 -29.10
CA TYR A 163 -29.04 52.81 -29.23
C TYR A 163 -28.51 53.24 -27.87
N PRO A 164 -27.20 53.10 -27.63
CA PRO A 164 -26.22 52.67 -28.62
C PRO A 164 -26.16 51.16 -28.83
N ILE A 165 -25.68 50.75 -30.01
CA ILE A 165 -25.40 49.36 -30.33
C ILE A 165 -23.96 49.26 -30.78
N ALA A 166 -23.47 48.02 -30.89
CA ALA A 166 -22.06 47.79 -31.20
C ALA A 166 -21.95 46.73 -32.28
N ILE A 167 -21.13 47.00 -33.28
CA ILE A 167 -20.85 46.06 -34.36
C ILE A 167 -19.58 45.31 -34.01
N LYS A 168 -19.64 43.99 -34.06
CA LYS A 168 -18.50 43.14 -33.77
C LYS A 168 -18.39 42.07 -34.84
N ALA A 169 -17.25 41.38 -34.85
CA ALA A 169 -16.97 40.37 -35.85
C ALA A 169 -16.80 39.01 -35.20
N VAL A 170 -17.07 37.96 -35.97
CA VAL A 170 -16.89 36.60 -35.51
C VAL A 170 -15.40 36.32 -35.36
N GLY A 174 -11.75 40.22 -30.86
CA GLY A 174 -12.85 41.01 -31.38
C GLY A 174 -14.12 40.92 -30.56
N GLY A 175 -14.00 40.37 -29.34
CA GLY A 175 -15.15 40.27 -28.47
C GLY A 175 -15.76 41.61 -28.15
N ARG A 176 -14.93 42.63 -27.93
CA ARG A 176 -15.40 43.99 -27.78
C ARG A 176 -15.68 44.59 -29.16
N GLY A 177 -16.67 45.49 -29.19
CA GLY A 177 -17.14 46.03 -30.46
C GLY A 177 -16.07 46.61 -31.35
N LEU A 178 -15.95 46.09 -32.57
CA LEU A 178 -15.13 46.75 -33.57
C LEU A 178 -15.52 48.22 -33.71
N ARG A 179 -16.81 48.51 -33.52
CA ARG A 179 -17.31 49.87 -33.64
C ARG A 179 -18.58 50.01 -32.81
N VAL A 180 -18.75 51.18 -32.22
CA VAL A 180 -19.95 51.50 -31.46
C VAL A 180 -20.70 52.61 -32.19
N VAL A 181 -21.95 52.36 -32.54
CA VAL A 181 -22.78 53.30 -33.28
C VAL A 181 -23.87 53.79 -32.33
N ARG A 182 -23.98 55.12 -32.19
CA ARG A 182 -24.95 55.71 -31.29
C ARG A 182 -26.21 56.21 -32.02
N SER A 183 -26.18 56.32 -33.34
CA SER A 183 -27.29 56.84 -34.12
C SER A 183 -27.50 55.98 -35.35
N PRO A 184 -28.68 56.04 -35.95
CA PRO A 184 -28.90 55.32 -37.21
C PRO A 184 -28.01 55.83 -38.34
N GLU A 185 -27.69 57.12 -38.32
CA GLU A 185 -26.91 57.72 -39.40
C GLU A 185 -25.48 57.17 -39.43
N GLU A 186 -24.91 56.89 -38.27
CA GLU A 186 -23.53 56.42 -38.18
C GLU A 186 -23.33 54.99 -38.65
N VAL A 187 -24.40 54.26 -38.99
CA VAL A 187 -24.25 52.82 -39.24
C VAL A 187 -23.61 52.53 -40.59
N ASP A 188 -23.77 53.42 -41.58
CA ASP A 188 -23.17 53.15 -42.88
C ASP A 188 -21.65 53.20 -42.79
N GLU A 189 -21.11 54.22 -42.11
CA GLU A 189 -19.66 54.32 -41.96
C GLU A 189 -19.12 53.18 -41.12
N ALA A 190 -19.78 52.88 -40.00
CA ALA A 190 -19.29 51.84 -39.10
C ALA A 190 -19.34 50.48 -39.76
N PHE A 191 -20.42 50.17 -40.49
CA PHE A 191 -20.49 48.88 -41.16
C PHE A 191 -19.37 48.70 -42.16
N ALA A 192 -19.06 49.75 -42.94
CA ALA A 192 -17.93 49.67 -43.86
C ALA A 192 -16.63 49.49 -43.11
N ALA A 193 -16.42 50.27 -42.05
CA ALA A 193 -15.17 50.20 -41.31
C ALA A 193 -14.98 48.84 -40.67
N ALA A 194 -16.05 48.27 -40.11
CA ALA A 194 -15.96 46.99 -39.43
C ALA A 194 -15.65 45.85 -40.39
N ARG A 195 -16.17 45.91 -41.63
CA ARG A 195 -15.96 44.82 -42.56
C ARG A 195 -14.49 44.69 -42.97
N ARG A 196 -13.87 45.79 -43.40
CA ARG A 196 -12.43 45.73 -43.73
C ARG A 196 -11.64 45.18 -42.55
N GLU A 197 -11.85 45.76 -41.37
CA GLU A 197 -11.07 45.38 -40.20
C GLU A 197 -11.15 43.89 -39.93
N ALA A 198 -12.34 43.30 -40.10
CA ALA A 198 -12.48 41.87 -39.90
C ALA A 198 -11.87 41.10 -41.07
N GLU A 199 -12.17 41.53 -42.29
CA GLU A 199 -11.61 40.87 -43.47
C GLU A 199 -10.08 40.85 -43.41
N VAL A 200 -9.46 42.03 -43.21
CA VAL A 200 -8.01 42.12 -43.27
C VAL A 200 -7.36 41.35 -42.12
N ALA A 201 -7.82 41.60 -40.89
CA ALA A 201 -7.22 40.99 -39.71
C ALA A 201 -7.92 39.68 -39.35
N PHE A 202 -9.13 39.79 -38.78
CA PHE A 202 -9.83 38.60 -38.29
C PHE A 202 -10.03 37.56 -39.37
N LYS A 203 -10.10 37.98 -40.63
CA LYS A 203 -10.13 37.17 -41.84
C LYS A 203 -11.54 36.73 -42.22
N ASN A 204 -12.59 37.20 -41.54
CA ASN A 204 -13.97 36.86 -41.86
C ASN A 204 -14.82 38.13 -41.87
N GLY A 205 -15.31 38.49 -43.05
CA GLY A 205 -16.18 39.65 -43.17
C GLY A 205 -17.46 39.56 -42.37
N GLU A 206 -17.80 38.38 -41.86
CA GLU A 206 -19.04 38.21 -41.12
C GLU A 206 -19.03 39.06 -39.86
N LEU A 207 -20.09 39.83 -39.67
CA LEU A 207 -20.26 40.61 -38.47
C LEU A 207 -21.55 40.21 -37.76
N TYR A 208 -21.76 40.77 -36.58
CA TYR A 208 -23.00 40.63 -35.85
C TYR A 208 -23.18 41.89 -35.02
N VAL A 209 -24.40 42.09 -34.52
CA VAL A 209 -24.74 43.30 -33.79
C VAL A 209 -25.23 42.93 -32.40
N GLU A 210 -24.86 43.74 -31.43
CA GLU A 210 -25.21 43.56 -30.02
C GLU A 210 -25.47 44.93 -29.40
N LYS A 211 -26.25 44.94 -28.33
CA LYS A 211 -26.52 46.20 -27.64
C LYS A 211 -25.28 46.66 -26.89
N TYR A 212 -25.06 47.97 -26.85
CA TYR A 212 -23.90 48.52 -26.20
C TYR A 212 -24.31 49.22 -24.90
N LEU A 213 -23.54 48.97 -23.85
CA LEU A 213 -23.72 49.60 -22.55
C LEU A 213 -22.57 50.59 -22.34
N ASP A 214 -22.91 51.87 -22.20
CA ASP A 214 -21.87 52.90 -22.11
C ASP A 214 -21.05 52.72 -20.84
N ASP A 215 -21.71 52.71 -19.69
CA ASP A 215 -21.05 52.64 -18.39
C ASP A 215 -21.70 51.55 -17.55
N PRO A 216 -21.43 50.28 -17.87
CA PRO A 216 -22.01 49.19 -17.11
C PRO A 216 -21.23 48.92 -15.83
N ARG A 217 -21.80 48.06 -14.99
CA ARG A 217 -21.18 47.57 -13.77
C ARG A 217 -21.24 46.05 -13.80
N HIS A 218 -20.16 45.40 -13.38
CA HIS A 218 -20.07 43.95 -13.40
C HIS A 218 -20.59 43.40 -12.09
N ILE A 219 -21.79 42.85 -12.09
CA ILE A 219 -22.43 42.26 -10.92
C ILE A 219 -22.67 40.78 -11.18
N GLU A 220 -22.25 39.94 -10.23
CA GLU A 220 -22.37 38.50 -10.37
C GLU A 220 -23.07 37.92 -9.15
N ILE A 221 -23.74 36.78 -9.35
CA ILE A 221 -24.55 36.14 -8.34
C ILE A 221 -23.96 34.76 -8.04
N GLN A 222 -23.79 34.47 -6.75
CA GLN A 222 -23.26 33.18 -6.34
C GLN A 222 -24.41 32.18 -6.17
N VAL A 223 -24.22 30.97 -6.70
CA VAL A 223 -25.22 29.92 -6.63
C VAL A 223 -24.58 28.67 -6.05
N LEU A 224 -25.27 28.06 -5.07
CA LEU A 224 -24.86 26.80 -4.48
C LEU A 224 -26.01 25.81 -4.59
N ALA A 225 -25.71 24.59 -5.03
CA ALA A 225 -26.73 23.57 -5.21
C ALA A 225 -26.19 22.24 -4.71
N ASP A 226 -27.11 21.29 -4.50
CA ASP A 226 -26.79 19.96 -4.01
C ASP A 226 -27.20 18.95 -5.06
N ARG A 227 -26.78 17.69 -4.86
CA ARG A 227 -27.10 16.65 -5.83
C ARG A 227 -28.60 16.42 -5.99
N TYR A 228 -29.43 16.91 -5.07
CA TYR A 228 -30.86 16.59 -5.04
C TYR A 228 -31.75 17.72 -5.53
N GLY A 229 -31.20 18.72 -6.23
CA GLY A 229 -32.03 19.73 -6.86
C GLY A 229 -32.34 20.95 -6.01
N ASN A 230 -31.77 21.05 -4.82
CA ASN A 230 -31.93 22.24 -3.99
C ASN A 230 -30.86 23.26 -4.35
N ALA A 231 -31.29 24.49 -4.63
CA ALA A 231 -30.36 25.53 -5.02
C ALA A 231 -30.72 26.80 -4.26
N VAL A 232 -29.68 27.56 -3.93
CA VAL A 232 -29.82 28.79 -3.15
C VAL A 232 -28.88 29.84 -3.73
N ALA A 233 -29.25 31.11 -3.56
CA ALA A 233 -28.46 32.24 -4.03
C ALA A 233 -27.79 32.91 -2.83
N LEU A 234 -26.46 32.98 -2.87
CA LEU A 234 -25.66 33.49 -1.76
C LEU A 234 -25.16 34.92 -2.00
N GLY A 235 -25.93 35.73 -2.71
CA GLY A 235 -25.64 37.16 -2.78
C GLY A 235 -24.96 37.56 -4.06
N GLU A 236 -24.58 38.82 -4.11
CA GLU A 236 -24.00 39.44 -5.29
C GLU A 236 -22.53 39.75 -5.06
N ARG A 237 -21.85 40.14 -6.13
CA ARG A 237 -20.51 40.69 -6.06
C ARG A 237 -20.34 41.74 -7.14
N ASP A 238 -19.68 42.83 -6.80
CA ASP A 238 -19.32 43.87 -7.76
C ASP A 238 -17.85 43.71 -8.12
N CYS A 239 -17.58 43.19 -9.32
CA CYS A 239 -16.21 43.04 -9.78
C CYS A 239 -15.95 44.04 -10.90
N SER A 240 -16.21 45.33 -10.63
CA SER A 240 -16.20 46.33 -11.69
C SER A 240 -14.79 46.82 -12.01
N VAL A 241 -13.98 47.07 -11.00
CA VAL A 241 -12.62 47.56 -11.22
C VAL A 241 -11.79 46.50 -11.87
N GLN A 242 -11.58 46.64 -13.17
CA GLN A 242 -10.78 45.68 -13.87
C GLN A 242 -9.90 46.32 -14.94
N ARG A 243 -8.72 45.76 -15.15
CA ARG A 243 -7.84 46.24 -16.21
C ARG A 243 -8.09 45.27 -17.28
N ARG A 244 -8.13 45.71 -18.54
CA ARG A 244 -8.47 44.83 -19.63
C ARG A 244 -9.79 44.25 -19.24
N HIS A 245 -9.82 42.95 -19.05
CA HIS A 245 -11.03 42.34 -18.60
C HIS A 245 -10.68 41.45 -17.44
N GLN A 246 -9.59 41.76 -16.78
CA GLN A 246 -9.17 40.97 -15.66
C GLN A 246 -9.44 41.75 -14.42
N LYS A 247 -10.16 41.15 -13.48
CA LYS A 247 -10.53 41.84 -12.28
C LYS A 247 -9.41 42.16 -11.33
N LEU A 248 -9.47 43.34 -10.74
CA LEU A 248 -8.45 43.77 -9.80
C LEU A 248 -8.99 43.96 -8.38
N ILE A 249 -10.16 44.58 -8.24
CA ILE A 249 -10.81 44.75 -6.95
C ILE A 249 -12.25 44.24 -7.03
N GLU A 250 -12.68 43.56 -5.98
CA GLU A 250 -14.03 43.02 -5.89
C GLU A 250 -14.59 43.32 -4.51
N GLU A 251 -15.88 43.63 -4.44
CA GLU A 251 -16.50 43.92 -3.16
C GLU A 251 -17.88 43.28 -3.08
N CYS A 252 -18.33 43.07 -1.84
CA CYS A 252 -19.64 42.55 -1.52
C CYS A 252 -20.20 43.30 -0.33
N PRO A 253 -21.46 43.76 -0.38
CA PRO A 253 -22.42 43.77 -1.48
C PRO A 253 -22.08 44.85 -2.51
N SER A 254 -22.82 44.89 -3.64
CA SER A 254 -22.55 45.99 -4.57
C SER A 254 -23.36 47.22 -4.17
N PRO A 255 -22.75 48.40 -4.10
CA PRO A 255 -23.52 49.62 -3.76
C PRO A 255 -24.61 49.97 -4.76
N ALA A 256 -24.55 49.47 -5.99
CA ALA A 256 -25.52 49.85 -7.02
C ALA A 256 -26.82 49.06 -6.94
N LEU A 257 -26.83 47.90 -6.29
CA LEU A 257 -28.01 47.07 -6.25
C LEU A 257 -28.97 47.52 -5.15
N THR A 258 -30.26 47.35 -5.41
CA THR A 258 -31.32 47.54 -4.43
C THR A 258 -31.74 46.20 -3.87
N PRO A 259 -32.31 46.19 -2.65
CA PRO A 259 -32.70 44.90 -2.05
C PRO A 259 -33.60 44.08 -2.96
N GLU A 260 -34.47 44.76 -3.72
CA GLU A 260 -35.39 44.07 -4.62
C GLU A 260 -34.64 43.46 -5.80
N LEU A 261 -33.72 44.22 -6.40
CA LEU A 261 -32.93 43.69 -7.51
C LEU A 261 -32.09 42.49 -7.06
N ARG A 262 -31.59 42.53 -5.82
CA ARG A 262 -30.78 41.41 -5.33
C ARG A 262 -31.59 40.11 -5.36
N ALA A 263 -32.83 40.16 -4.88
CA ALA A 263 -33.67 38.97 -4.91
C ALA A 263 -34.03 38.59 -6.33
N GLU A 264 -34.40 39.58 -7.14
CA GLU A 264 -34.77 39.31 -8.53
C GLU A 264 -33.62 38.61 -9.26
N MET A 265 -32.39 39.11 -9.09
CA MET A 265 -31.24 38.47 -9.73
C MET A 265 -30.95 37.11 -9.11
N GLY A 266 -31.03 37.02 -7.78
CA GLY A 266 -30.80 35.74 -7.13
C GLY A 266 -31.78 34.68 -7.62
N ALA A 267 -33.05 35.06 -7.76
CA ALA A 267 -34.04 34.13 -8.27
C ALA A 267 -33.68 33.67 -9.67
N ALA A 268 -33.30 34.61 -10.54
CA ALA A 268 -32.89 34.25 -11.89
C ALA A 268 -31.71 33.28 -11.87
N ALA A 269 -30.73 33.52 -11.01
CA ALA A 269 -29.58 32.63 -10.93
C ALA A 269 -30.02 31.22 -10.53
N VAL A 270 -30.89 31.12 -9.52
CA VAL A 270 -31.33 29.81 -9.07
C VAL A 270 -32.13 29.10 -10.16
N ARG A 271 -32.93 29.84 -10.92
CA ARG A 271 -33.69 29.23 -12.01
C ARG A 271 -32.76 28.56 -13.01
N LEU A 272 -31.76 29.29 -13.47
CA LEU A 272 -30.82 28.73 -14.44
C LEU A 272 -30.07 27.55 -13.87
N ALA A 273 -29.62 27.64 -12.61
CA ALA A 273 -28.85 26.55 -12.02
C ALA A 273 -29.67 25.27 -11.96
N LYS A 274 -30.91 25.36 -11.47
CA LYS A 274 -31.76 24.19 -11.37
C LYS A 274 -32.14 23.67 -12.75
N ALA A 275 -32.40 24.59 -13.70
CA ALA A 275 -32.81 24.19 -15.04
C ALA A 275 -31.72 23.37 -15.72
N VAL A 276 -30.45 23.70 -15.48
CA VAL A 276 -29.33 23.00 -16.08
C VAL A 276 -28.92 21.77 -15.27
N GLY A 277 -29.50 21.56 -14.11
CA GLY A 277 -29.12 20.44 -13.28
C GLY A 277 -27.85 20.69 -12.49
N TYR A 278 -27.62 21.94 -12.11
CA TYR A 278 -26.36 22.31 -11.49
C TYR A 278 -26.14 21.65 -10.15
N VAL A 279 -24.86 21.45 -9.82
CA VAL A 279 -24.43 20.94 -8.53
C VAL A 279 -23.17 21.70 -8.13
N SER A 280 -22.97 21.84 -6.82
CA SER A 280 -21.87 22.59 -6.20
C SER A 280 -21.97 24.09 -6.40
N ALA A 281 -20.82 24.76 -6.32
CA ALA A 281 -20.76 26.21 -6.40
C ALA A 281 -20.60 26.68 -7.84
N GLY A 282 -21.22 27.81 -8.14
CA GLY A 282 -21.15 28.40 -9.45
C GLY A 282 -21.38 29.89 -9.34
N THR A 283 -20.98 30.61 -10.38
CA THR A 283 -21.12 32.06 -10.39
C THR A 283 -21.72 32.49 -11.72
N LEU A 284 -22.82 33.25 -11.63
CA LEU A 284 -23.47 33.82 -12.80
C LEU A 284 -23.08 35.29 -12.91
N GLU A 285 -22.50 35.67 -14.04
CA GLU A 285 -21.99 37.02 -14.23
C GLU A 285 -22.99 37.85 -15.01
N PHE A 286 -23.29 39.04 -14.52
CA PHE A 286 -24.24 39.94 -15.15
C PHE A 286 -23.57 41.28 -15.42
N LEU A 287 -24.22 42.07 -16.27
CA LEU A 287 -23.85 43.45 -16.51
C LEU A 287 -25.03 44.30 -16.09
N PHE A 288 -24.76 45.37 -15.33
CA PHE A 288 -25.82 46.17 -14.73
C PHE A 288 -25.67 47.63 -15.11
N GLN A 289 -26.70 48.18 -15.77
CA GLN A 289 -26.72 49.61 -16.08
C GLN A 289 -28.15 50.13 -16.08
N ASP A 290 -28.35 51.30 -15.49
CA ASP A 290 -29.63 52.00 -15.52
C ASP A 290 -30.75 51.09 -15.01
N GLY A 291 -30.47 50.43 -13.88
CA GLY A 291 -31.48 49.61 -13.24
C GLY A 291 -31.78 48.30 -13.92
N ARG A 292 -31.04 47.94 -14.97
CA ARG A 292 -31.29 46.74 -15.75
C ARG A 292 -30.07 45.83 -15.69
N TYR A 293 -30.31 44.54 -15.59
CA TYR A 293 -29.26 43.54 -15.53
C TYR A 293 -29.33 42.62 -16.74
N TYR A 294 -28.17 42.21 -17.24
CA TYR A 294 -28.07 41.38 -18.43
C TYR A 294 -27.09 40.24 -18.15
N PHE A 295 -27.50 39.02 -18.45
CA PHE A 295 -26.62 37.87 -18.27
C PHE A 295 -25.52 37.84 -19.32
N LEU A 296 -24.31 37.47 -18.90
CA LEU A 296 -23.19 37.27 -19.82
C LEU A 296 -22.77 35.81 -19.85
N GLU A 297 -22.20 35.29 -18.77
CA GLU A 297 -21.68 33.93 -18.78
C GLU A 297 -21.81 33.34 -17.37
N MET A 298 -21.70 32.01 -17.30
CA MET A 298 -21.70 31.32 -16.02
C MET A 298 -20.39 30.55 -15.86
N ASN A 299 -19.77 30.71 -14.69
CA ASN A 299 -18.55 29.99 -14.32
C ASN A 299 -18.95 28.77 -13.52
N THR A 300 -18.67 27.59 -14.06
CA THR A 300 -19.05 26.33 -13.42
C THR A 300 -17.99 25.85 -12.44
N ARG A 301 -17.62 26.71 -11.50
CA ARG A 301 -16.51 26.43 -10.60
C ARG A 301 -16.60 27.37 -9.41
N ILE A 302 -15.61 27.25 -8.52
CA ILE A 302 -15.44 28.26 -7.49
C ILE A 302 -14.93 29.55 -8.13
N GLN A 303 -15.27 30.67 -7.53
CA GLN A 303 -14.85 31.96 -8.03
C GLN A 303 -13.64 32.42 -7.24
N VAL A 304 -12.68 33.04 -7.92
CA VAL A 304 -11.53 33.56 -7.19
C VAL A 304 -11.98 34.51 -6.11
N GLU A 305 -13.02 35.30 -6.40
CA GLU A 305 -13.51 36.31 -5.48
C GLU A 305 -14.61 35.78 -4.56
N HIS A 306 -14.74 34.45 -4.43
CA HIS A 306 -15.70 33.89 -3.49
C HIS A 306 -15.43 34.36 -2.08
N THR A 307 -14.22 34.87 -1.81
CA THR A 307 -13.85 35.27 -0.46
C THR A 307 -14.78 36.35 0.08
N VAL A 308 -15.10 37.37 -0.72
CA VAL A 308 -15.94 38.46 -0.20
C VAL A 308 -17.32 37.94 0.18
N THR A 309 -17.95 37.15 -0.70
CA THR A 309 -19.23 36.54 -0.34
C THR A 309 -19.05 35.64 0.87
N GLU A 310 -17.94 34.93 0.92
CA GLU A 310 -17.67 34.01 2.00
C GLU A 310 -17.67 34.74 3.34
N MET A 311 -17.12 35.95 3.37
CA MET A 311 -17.05 36.70 4.62
C MET A 311 -18.34 37.45 4.92
N VAL A 312 -19.08 37.89 3.90
CA VAL A 312 -20.29 38.66 4.16
C VAL A 312 -21.45 37.73 4.56
N TYR A 313 -21.52 36.53 3.99
CA TYR A 313 -22.60 35.60 4.32
C TYR A 313 -22.17 34.50 5.28
N GLY A 314 -20.93 34.51 5.74
CA GLY A 314 -20.51 33.57 6.77
C GLY A 314 -20.59 32.11 6.36
N ILE A 315 -20.19 31.80 5.12
CA ILE A 315 -20.25 30.45 4.60
C ILE A 315 -18.87 30.06 4.06
N ASP A 316 -18.44 28.85 4.37
CA ASP A 316 -17.23 28.28 3.78
C ASP A 316 -17.64 27.55 2.52
N LEU A 317 -17.45 28.19 1.37
CA LEU A 317 -17.91 27.60 0.13
C LEU A 317 -17.11 26.37 -0.26
N VAL A 318 -15.80 26.37 0.00
CA VAL A 318 -15.01 25.17 -0.32
C VAL A 318 -15.47 24.00 0.53
N ALA A 319 -15.73 24.24 1.82
CA ALA A 319 -16.32 23.20 2.65
C ALA A 319 -17.69 22.79 2.12
N ALA A 320 -18.51 23.79 1.73
CA ALA A 320 -19.82 23.48 1.18
C ALA A 320 -19.70 22.62 -0.06
N GLN A 321 -18.76 22.94 -0.95
CA GLN A 321 -18.55 22.14 -2.15
C GLN A 321 -18.27 20.69 -1.78
N ILE A 322 -17.40 20.47 -0.80
CA ILE A 322 -17.02 19.12 -0.41
C ILE A 322 -18.22 18.37 0.15
N ARG A 323 -19.02 19.03 1.00
CA ARG A 323 -20.15 18.34 1.61
C ARG A 323 -21.14 17.86 0.56
N ILE A 324 -21.57 18.77 -0.33
CA ILE A 324 -22.53 18.37 -1.36
C ILE A 324 -21.90 17.32 -2.27
N ALA A 325 -20.57 17.35 -2.41
CA ALA A 325 -19.91 16.32 -3.20
C ALA A 325 -20.06 14.96 -2.55
N GLN A 326 -20.05 14.91 -1.22
CA GLN A 326 -20.31 13.67 -0.50
C GLN A 326 -21.79 13.31 -0.48
N GLY A 327 -22.66 14.15 -1.02
CA GLY A 327 -24.07 13.84 -1.11
C GLY A 327 -24.96 14.48 -0.07
N GLU A 328 -24.45 15.39 0.76
CA GLU A 328 -25.29 16.04 1.74
C GLU A 328 -26.35 16.90 1.06
N LYS A 329 -27.55 16.89 1.62
CA LYS A 329 -28.58 17.83 1.23
C LYS A 329 -28.28 19.18 1.86
N LEU A 330 -28.69 20.26 1.19
CA LEU A 330 -28.40 21.59 1.70
C LEU A 330 -28.89 21.72 3.15
N TRP A 331 -28.00 22.19 4.01
CA TRP A 331 -28.27 22.30 5.44
C TRP A 331 -28.88 23.63 5.81
N PHE A 332 -29.25 24.44 4.83
CA PHE A 332 -29.86 25.74 5.10
C PHE A 332 -30.80 26.07 3.94
N LYS A 333 -31.59 27.12 4.14
CA LYS A 333 -32.58 27.54 3.17
C LYS A 333 -32.35 29.01 2.83
N GLN A 334 -33.01 29.48 1.78
CA GLN A 334 -32.80 30.86 1.36
C GLN A 334 -33.09 31.84 2.48
N GLU A 335 -34.02 31.49 3.38
CA GLU A 335 -34.30 32.35 4.52
C GLU A 335 -33.07 32.52 5.39
N ASP A 336 -32.21 31.50 5.42
CA ASP A 336 -30.99 31.51 6.22
C ASP A 336 -29.86 32.34 5.59
N VAL A 337 -29.98 32.71 4.32
CA VAL A 337 -28.94 33.46 3.62
C VAL A 337 -29.11 34.94 3.96
N VAL A 338 -28.27 35.45 4.84
CA VAL A 338 -28.36 36.85 5.29
C VAL A 338 -27.01 37.52 5.19
N PRO A 339 -26.90 38.66 4.52
CA PRO A 339 -25.63 39.39 4.48
C PRO A 339 -25.45 40.26 5.71
N ARG A 340 -24.25 40.25 6.27
CA ARG A 340 -23.87 41.14 7.36
C ARG A 340 -22.54 41.77 7.03
N GLY A 341 -22.48 43.10 7.06
CA GLY A 341 -21.23 43.80 6.83
C GLY A 341 -20.86 43.94 5.36
N HIS A 342 -19.64 44.42 5.14
CA HIS A 342 -19.11 44.66 3.80
C HIS A 342 -17.69 44.14 3.68
N ALA A 343 -17.38 43.52 2.54
CA ALA A 343 -16.07 42.93 2.28
C ALA A 343 -15.50 43.44 0.96
N ILE A 344 -14.18 43.64 0.93
CA ILE A 344 -13.45 44.04 -0.25
C ILE A 344 -12.28 43.08 -0.43
N GLU A 345 -11.96 42.76 -1.68
CA GLU A 345 -10.78 41.97 -1.99
C GLU A 345 -9.94 42.71 -3.02
N CYS A 346 -8.64 42.84 -2.74
CA CYS A 346 -7.65 43.37 -3.66
C CYS A 346 -6.73 42.24 -4.09
N ARG A 347 -6.48 42.12 -5.38
CA ARG A 347 -5.60 41.07 -5.89
C ARG A 347 -4.16 41.56 -5.91
N ILE A 348 -3.30 40.83 -5.20
CA ILE A 348 -1.85 41.08 -5.23
C ILE A 348 -1.35 40.24 -6.39
N ASN A 349 -1.27 40.86 -7.56
CA ASN A 349 -1.08 40.15 -8.82
C ASN A 349 0.35 40.14 -9.34
N ALA A 350 1.29 40.77 -8.65
CA ALA A 350 2.70 40.77 -9.05
C ALA A 350 2.84 41.11 -10.55
N GLU A 351 2.50 42.36 -10.85
CA GLU A 351 2.62 42.93 -12.17
C GLU A 351 2.94 44.39 -11.98
N ASP A 352 3.57 45.00 -12.97
CA ASP A 352 4.02 46.37 -12.80
C ASP A 352 2.98 47.41 -13.19
N PRO A 353 2.32 48.06 -12.22
CA PRO A 353 1.50 49.21 -12.57
C PRO A 353 2.40 50.33 -13.08
N LEU A 354 1.82 51.24 -13.84
CA LEU A 354 2.59 52.33 -14.44
C LEU A 354 3.36 51.81 -15.64
N HIS A 355 3.40 50.49 -15.81
CA HIS A 355 4.04 49.87 -16.97
C HIS A 355 3.06 48.96 -17.71
N ASN A 356 1.80 49.37 -17.79
CA ASN A 356 0.72 48.57 -18.39
C ASN A 356 0.68 47.15 -17.80
N PHE A 357 0.66 47.09 -16.48
CA PHE A 357 0.55 45.83 -15.74
C PHE A 357 1.35 44.70 -16.38
N ARG A 358 2.53 45.02 -16.90
CA ARG A 358 3.36 43.98 -17.48
C ARG A 358 3.79 43.02 -16.37
N PRO A 359 3.87 41.72 -16.66
CA PRO A 359 4.24 40.76 -15.61
C PRO A 359 5.54 41.14 -14.92
N ALA A 360 5.55 41.01 -13.60
CA ALA A 360 6.73 41.23 -12.78
C ALA A 360 7.13 39.90 -12.17
N LEU A 361 8.40 39.55 -12.32
CA LEU A 361 8.93 38.30 -11.82
C LEU A 361 10.13 38.59 -10.93
N GLY A 362 10.54 37.57 -10.19
CA GLY A 362 11.68 37.70 -9.31
C GLY A 362 11.54 36.75 -8.15
N THR A 363 12.35 37.01 -7.13
CA THR A 363 12.32 36.23 -5.89
C THR A 363 11.87 37.15 -4.76
N ILE A 364 10.88 36.69 -4.01
CA ILE A 364 10.37 37.44 -2.87
C ILE A 364 11.35 37.26 -1.71
N GLY A 365 11.86 38.37 -1.20
CA GLY A 365 12.77 38.28 -0.08
C GLY A 365 12.04 38.20 1.24
N GLU A 366 11.55 39.34 1.72
CA GLU A 366 10.91 39.42 3.03
C GLU A 366 9.39 39.47 2.84
N TYR A 367 8.69 38.64 3.61
CA TYR A 367 7.25 38.48 3.50
C TYR A 367 6.66 38.68 4.88
N HIS A 368 5.86 39.75 5.03
CA HIS A 368 5.12 39.99 6.27
C HIS A 368 3.68 40.32 5.89
N GLU A 369 2.76 39.43 6.24
CA GLU A 369 1.35 39.58 5.87
C GLU A 369 0.63 40.44 6.89
N PRO A 370 -0.32 41.26 6.48
CA PRO A 370 -1.06 42.08 7.43
C PRO A 370 -1.96 41.21 8.28
N VAL A 371 -2.21 41.66 9.51
CA VAL A 371 -3.00 40.89 10.46
C VAL A 371 -4.01 41.80 11.14
N GLY A 372 -5.09 41.22 11.60
CA GLY A 372 -6.04 41.95 12.43
C GLY A 372 -7.44 41.41 12.26
N PHE A 373 -8.35 42.01 13.03
CA PHE A 373 -9.76 41.65 12.94
C PHE A 373 -10.32 42.13 11.61
N GLY A 374 -10.96 41.23 10.88
CA GLY A 374 -11.50 41.58 9.58
C GLY A 374 -10.49 41.61 8.46
N VAL A 375 -9.29 41.06 8.66
CA VAL A 375 -8.28 40.95 7.61
C VAL A 375 -8.03 39.47 7.34
N ARG A 376 -8.12 39.07 6.08
CA ARG A 376 -7.82 37.72 5.63
C ARG A 376 -6.82 37.80 4.49
N VAL A 377 -5.84 36.90 4.49
CA VAL A 377 -4.85 36.82 3.42
C VAL A 377 -4.86 35.40 2.88
N ASP A 378 -5.30 35.24 1.64
CA ASP A 378 -5.26 33.96 0.94
C ASP A 378 -4.09 34.05 -0.02
N SER A 379 -2.99 33.35 0.30
CA SER A 379 -1.74 33.55 -0.40
C SER A 379 -1.22 32.21 -0.92
N GLY A 380 -0.39 32.30 -1.94
CA GLY A 380 0.27 31.14 -2.52
C GLY A 380 1.77 31.33 -2.55
N VAL A 381 2.25 32.34 -1.82
CA VAL A 381 3.66 32.69 -1.78
C VAL A 381 4.11 32.77 -0.33
N ARG A 382 5.43 32.78 -0.14
CA ARG A 382 6.05 32.91 1.17
C ARG A 382 7.32 33.74 1.02
N ALA A 383 8.00 33.97 2.14
CA ALA A 383 9.26 34.69 2.12
C ALA A 383 10.37 33.82 1.55
N TYR A 384 11.30 34.46 0.85
CA TYR A 384 12.42 33.77 0.19
C TYR A 384 11.90 32.68 -0.74
N TYR A 385 10.98 33.07 -1.61
CA TYR A 385 10.33 32.20 -2.58
C TYR A 385 10.56 32.77 -3.98
N THR A 386 11.05 31.94 -4.88
CA THR A 386 11.18 32.35 -6.28
C THR A 386 9.85 32.10 -6.97
N VAL A 387 9.25 33.17 -7.48
CA VAL A 387 7.91 33.08 -8.06
C VAL A 387 7.99 32.49 -9.46
N PRO A 388 7.40 31.31 -9.69
CA PRO A 388 7.40 30.73 -11.04
C PRO A 388 6.77 31.66 -12.06
N SER A 389 7.41 31.76 -13.23
CA SER A 389 6.94 32.60 -14.32
C SER A 389 6.04 31.88 -15.31
N HIS A 390 5.97 30.54 -15.25
CA HIS A 390 5.28 29.76 -16.28
C HIS A 390 3.77 29.79 -16.18
N TYR A 391 3.20 30.41 -15.15
CA TYR A 391 1.75 30.34 -14.99
C TYR A 391 1.16 31.71 -14.73
N ASP A 392 0.46 31.82 -13.60
CA ASP A 392 -0.35 32.97 -13.25
C ASP A 392 0.54 34.05 -12.66
N SER A 393 -0.05 35.23 -12.44
CA SER A 393 0.64 36.30 -11.75
C SER A 393 0.17 36.52 -10.33
N LEU A 394 -0.92 35.87 -9.93
CA LEU A 394 -1.53 36.12 -8.62
C LEU A 394 -0.64 35.56 -7.52
N LEU A 395 -0.03 36.45 -6.73
CA LEU A 395 0.71 35.99 -5.55
C LEU A 395 -0.24 35.67 -4.40
N ALA A 396 -1.13 36.59 -4.08
CA ALA A 396 -2.05 36.40 -2.96
C ALA A 396 -3.27 37.29 -3.16
N LYS A 397 -4.26 37.07 -2.31
CA LYS A 397 -5.49 37.86 -2.29
C LYS A 397 -5.66 38.46 -0.90
N LEU A 398 -5.85 39.77 -0.85
CA LEU A 398 -6.05 40.49 0.41
C LEU A 398 -7.53 40.83 0.56
N ILE A 399 -8.16 40.31 1.62
CA ILE A 399 -9.59 40.49 1.85
C ILE A 399 -9.80 41.12 3.23
N THR A 400 -10.67 42.12 3.29
CA THR A 400 -11.04 42.74 4.57
C THR A 400 -12.54 42.76 4.73
N TRP A 401 -12.99 42.71 5.99
CA TRP A 401 -14.40 42.80 6.34
C TRP A 401 -14.62 43.95 7.31
N GLY A 402 -15.79 44.59 7.20
CA GLY A 402 -16.15 45.66 8.10
C GLY A 402 -17.63 45.65 8.43
N SER A 403 -17.99 46.45 9.43
CA SER A 403 -19.40 46.65 9.78
C SER A 403 -20.13 47.37 8.65
N ASP A 404 -19.50 48.39 8.06
CA ASP A 404 -20.02 49.07 6.89
C ASP A 404 -18.92 49.13 5.85
N ARG A 405 -19.29 49.56 4.64
CA ARG A 405 -18.30 49.66 3.57
C ARG A 405 -17.11 50.52 3.98
N GLN A 406 -17.37 51.60 4.71
CA GLN A 406 -16.29 52.50 5.11
C GLN A 406 -15.25 51.77 5.95
N GLU A 407 -15.69 50.98 6.93
CA GLU A 407 -14.76 50.22 7.75
C GLU A 407 -13.91 49.28 6.89
N ALA A 408 -14.55 48.51 6.03
CA ALA A 408 -13.81 47.56 5.21
C ALA A 408 -12.77 48.27 4.37
N ILE A 409 -13.10 49.45 3.85
CA ILE A 409 -12.13 50.19 3.04
C ILE A 409 -10.95 50.63 3.91
N ALA A 410 -11.22 51.11 5.13
CA ALA A 410 -10.15 51.53 6.01
C ALA A 410 -9.22 50.37 6.34
N ARG A 411 -9.79 49.19 6.62
CA ARG A 411 -8.95 48.03 6.90
C ARG A 411 -8.15 47.63 5.67
N MET A 412 -8.76 47.66 4.48
CA MET A 412 -7.99 47.37 3.27
C MET A 412 -6.88 48.39 3.08
N ARG A 413 -7.13 49.65 3.42
CA ARG A 413 -6.09 50.65 3.27
C ARG A 413 -4.92 50.37 4.21
N ARG A 414 -5.22 50.03 5.47
CA ARG A 414 -4.16 49.69 6.41
C ARG A 414 -3.45 48.41 6.00
N ALA A 415 -4.20 47.37 5.66
CA ALA A 415 -3.58 46.10 5.30
C ALA A 415 -2.68 46.26 4.09
N LEU A 416 -3.11 47.04 3.09
CA LEU A 416 -2.29 47.24 1.90
C LEU A 416 -0.96 47.89 2.24
N ALA A 417 -0.98 48.91 3.11
CA ALA A 417 0.26 49.59 3.48
C ALA A 417 1.21 48.66 4.23
N GLU A 418 0.66 47.83 5.10
CA GLU A 418 1.44 46.98 6.00
C GLU A 418 1.72 45.59 5.43
N TYR A 419 1.43 45.37 4.15
CA TYR A 419 1.81 44.16 3.45
C TYR A 419 3.21 44.33 2.89
N ARG A 420 4.15 43.50 3.33
CA ARG A 420 5.56 43.62 2.96
C ARG A 420 5.95 42.50 1.99
N ILE A 421 6.23 42.88 0.75
CA ILE A 421 6.71 41.98 -0.30
C ILE A 421 7.90 42.69 -0.95
N GLU A 422 9.12 42.20 -0.69
CA GLU A 422 10.33 42.95 -1.02
C GLU A 422 10.90 42.64 -2.40
N GLY A 423 11.02 41.36 -2.75
CA GLY A 423 11.71 41.01 -3.98
C GLY A 423 10.99 41.37 -5.27
N VAL A 424 9.66 41.44 -5.26
CA VAL A 424 8.89 41.58 -6.49
C VAL A 424 7.94 42.77 -6.44
N THR A 425 7.69 43.34 -7.62
CA THR A 425 6.75 44.43 -7.77
C THR A 425 5.31 43.91 -7.74
N THR A 426 4.45 44.63 -7.03
CA THR A 426 3.04 44.28 -6.95
C THR A 426 2.23 45.51 -7.30
N ILE A 427 0.93 45.31 -7.50
CA ILE A 427 0.04 46.41 -7.85
C ILE A 427 -0.52 47.05 -6.59
N ILE A 428 0.13 46.77 -5.44
CA ILE A 428 -0.37 47.32 -4.17
C ILE A 428 -0.46 48.84 -4.19
N PRO A 429 0.46 49.58 -4.79
CA PRO A 429 0.25 51.03 -4.92
C PRO A 429 -1.03 51.36 -5.67
N PHE A 430 -1.34 50.66 -6.74
CA PHE A 430 -2.58 50.92 -7.47
C PHE A 430 -3.77 50.78 -6.54
N HIS A 431 -3.84 49.69 -5.78
CA HIS A 431 -4.94 49.49 -4.85
C HIS A 431 -5.07 50.66 -3.90
N GLN A 432 -3.95 51.15 -3.37
CA GLN A 432 -4.01 52.24 -2.42
C GLN A 432 -4.58 53.50 -3.05
N ALA A 433 -4.18 53.79 -4.30
CA ALA A 433 -4.70 54.96 -4.98
C ALA A 433 -6.19 54.84 -5.23
N ALA A 434 -6.64 53.68 -5.70
CA ALA A 434 -8.06 53.49 -5.96
C ALA A 434 -8.87 53.65 -4.68
N LEU A 435 -8.44 53.01 -3.60
CA LEU A 435 -9.19 53.07 -2.35
C LEU A 435 -9.21 54.47 -1.76
N GLU A 436 -8.34 55.36 -2.24
CA GLU A 436 -8.43 56.77 -1.89
C GLU A 436 -9.26 57.56 -2.88
N HIS A 437 -9.55 57.01 -4.06
CA HIS A 437 -10.19 57.80 -5.11
C HIS A 437 -11.60 58.19 -4.71
N PRO A 438 -12.01 59.41 -5.00
CA PRO A 438 -13.38 59.83 -4.64
C PRO A 438 -14.45 58.97 -5.29
N VAL A 439 -14.23 58.55 -6.54
CA VAL A 439 -15.22 57.73 -7.23
C VAL A 439 -15.38 56.39 -6.52
N PHE A 440 -14.28 55.76 -6.14
CA PHE A 440 -14.36 54.49 -5.43
C PHE A 440 -15.00 54.67 -4.05
N THR A 441 -14.59 55.73 -3.34
CA THR A 441 -15.16 55.99 -2.02
C THR A 441 -16.68 56.11 -2.11
N ALA A 442 -17.19 56.70 -3.19
CA ALA A 442 -18.62 56.90 -3.33
C ALA A 442 -19.34 55.65 -3.82
N GLY A 443 -18.61 54.66 -4.32
CA GLY A 443 -19.24 53.45 -4.82
C GLY A 443 -19.73 53.60 -6.24
N ALA A 444 -19.06 54.43 -7.04
CA ALA A 444 -19.45 54.67 -8.42
C ALA A 444 -18.51 54.00 -9.42
N ALA A 445 -17.61 53.14 -8.94
CA ALA A 445 -16.70 52.45 -9.85
C ALA A 445 -17.46 51.60 -10.84
N THR A 446 -17.23 51.84 -12.12
CA THR A 446 -17.83 51.10 -13.22
C THR A 446 -16.73 50.29 -13.91
N VAL A 447 -17.11 49.58 -14.97
CA VAL A 447 -16.10 48.84 -15.73
C VAL A 447 -15.09 49.77 -16.36
N ASN A 448 -15.48 51.03 -16.60
CA ASN A 448 -14.61 52.02 -17.21
C ASN A 448 -13.91 52.89 -16.17
N PHE A 449 -13.81 52.41 -14.92
CA PHE A 449 -13.22 53.21 -13.85
C PHE A 449 -11.78 53.57 -14.16
N ILE A 450 -10.96 52.59 -14.53
CA ILE A 450 -9.53 52.82 -14.77
C ILE A 450 -9.34 53.66 -16.04
N PRO A 451 -9.94 53.30 -17.16
CA PRO A 451 -9.78 54.14 -18.36
C PRO A 451 -10.14 55.60 -18.14
N ARG A 452 -11.24 55.87 -17.44
CA ARG A 452 -11.74 57.23 -17.33
C ARG A 452 -10.97 58.09 -16.32
N HIS A 453 -10.27 57.48 -15.37
CA HIS A 453 -9.52 58.22 -14.36
C HIS A 453 -8.05 57.82 -14.38
N PRO A 454 -7.23 58.48 -15.20
CA PRO A 454 -5.79 58.17 -15.19
C PRO A 454 -5.05 58.76 -14.00
N GLU A 455 -5.69 59.62 -13.21
CA GLU A 455 -5.04 60.17 -12.03
C GLU A 455 -4.64 59.08 -11.06
N LEU A 456 -5.26 57.90 -11.20
CA LEU A 456 -4.91 56.76 -10.37
C LEU A 456 -3.43 56.42 -10.50
N PHE A 457 -2.92 56.40 -11.73
CA PHE A 457 -1.54 55.98 -11.93
C PHE A 457 -0.53 57.01 -11.44
N SER A 458 -0.87 58.30 -11.47
CA SER A 458 0.00 59.31 -10.88
C SER A 458 0.14 59.10 -9.38
N ARG A 459 -0.99 58.93 -8.68
CA ARG A 459 -0.95 58.65 -7.25
C ARG A 459 -0.23 57.33 -6.98
N ALA A 460 -0.41 56.33 -7.86
CA ALA A 460 0.29 55.07 -7.67
C ALA A 460 1.80 55.26 -7.67
N ALA A 461 2.29 56.07 -8.61
CA ALA A 461 3.72 56.35 -8.63
C ALA A 461 4.16 57.01 -7.32
N GLU A 462 3.32 57.90 -6.78
CA GLU A 462 3.68 58.59 -5.55
C GLU A 462 3.81 57.62 -4.37
N LEU A 463 3.02 56.54 -4.36
CA LEU A 463 3.05 55.59 -3.27
C LEU A 463 3.97 54.38 -3.52
N THR A 464 4.65 54.34 -4.67
CA THR A 464 5.47 53.19 -5.05
C THR A 464 6.88 53.23 -4.45
N PRO A 465 7.19 52.39 -3.48
CA PRO A 465 8.56 52.35 -2.97
C PRO A 465 9.53 51.99 -4.09
N PRO A 466 10.76 52.49 -4.01
CA PRO A 466 11.77 52.07 -5.01
C PRO A 466 12.21 50.64 -4.76
N THR A 467 12.27 49.85 -5.83
CA THR A 467 12.55 48.42 -5.72
C THR A 467 14.00 48.05 -6.03
N ALA A 468 14.68 48.83 -6.88
CA ALA A 468 16.09 48.61 -7.22
C ALA A 468 16.21 47.21 -7.82
N ALA A 469 17.16 46.39 -7.38
CA ALA A 469 17.30 45.03 -7.90
C ALA A 469 17.57 44.04 -6.78
N MET B 11 -10.69 -18.89 1.16
CA MET B 11 -9.75 -18.69 0.06
C MET B 11 -8.77 -17.57 0.40
N PHE B 12 -7.50 -17.93 0.63
CA PHE B 12 -6.44 -16.99 0.94
C PHE B 12 -5.43 -16.91 -0.20
N ARG B 13 -4.71 -15.79 -0.27
CA ARG B 13 -3.74 -15.56 -1.33
C ARG B 13 -2.29 -15.62 -0.87
N THR B 14 -1.99 -15.24 0.38
CA THR B 14 -0.62 -15.26 0.89
C THR B 14 -0.56 -16.03 2.20
N ILE B 15 0.41 -16.95 2.33
CA ILE B 15 0.54 -17.78 3.51
C ILE B 15 1.95 -17.64 4.07
N LEU B 16 2.05 -17.65 5.40
CA LEU B 16 3.32 -17.53 6.11
C LEU B 16 3.77 -18.90 6.61
N VAL B 17 5.04 -19.22 6.38
CA VAL B 17 5.61 -20.49 6.78
C VAL B 17 6.36 -20.29 8.10
N ALA B 18 5.82 -20.86 9.18
CA ALA B 18 6.41 -20.73 10.51
C ALA B 18 7.41 -21.86 10.77
N ASN B 19 8.48 -21.88 9.99
CA ASN B 19 9.51 -22.90 10.16
C ASN B 19 10.78 -22.45 9.40
N ARG B 20 11.76 -23.34 9.37
CA ARG B 20 13.08 -23.03 8.83
C ARG B 20 13.59 -24.21 8.01
N GLY B 21 14.70 -24.00 7.31
CA GLY B 21 15.46 -25.11 6.74
C GLY B 21 14.72 -25.84 5.63
N GLU B 22 14.89 -27.16 5.63
CA GLU B 22 14.33 -28.00 4.57
C GLU B 22 12.84 -27.78 4.40
N ILE B 23 12.07 -27.97 5.48
CA ILE B 23 10.61 -27.99 5.37
C ILE B 23 10.09 -26.66 4.85
N ALA B 24 10.67 -25.55 5.32
CA ALA B 24 10.17 -24.24 4.91
C ALA B 24 10.24 -24.07 3.39
N LEU B 25 11.35 -24.49 2.78
CA LEU B 25 11.45 -24.47 1.33
C LEU B 25 10.42 -25.41 0.70
N ARG B 26 10.24 -26.60 1.28
CA ARG B 26 9.28 -27.54 0.71
C ARG B 26 7.90 -26.92 0.62
N VAL B 27 7.46 -26.26 1.69
CA VAL B 27 6.14 -25.63 1.69
C VAL B 27 6.11 -24.48 0.70
N MET B 28 7.18 -23.68 0.64
CA MET B 28 7.19 -22.53 -0.27
C MET B 28 7.05 -22.97 -1.72
N ARG B 29 7.76 -24.03 -2.12
CA ARG B 29 7.61 -24.52 -3.48
C ARG B 29 6.16 -24.85 -3.78
N ALA B 30 5.48 -25.50 -2.84
CA ALA B 30 4.06 -25.78 -3.04
C ALA B 30 3.26 -24.50 -3.19
N CYS B 31 3.55 -23.49 -2.39
CA CYS B 31 2.84 -22.22 -2.51
C CYS B 31 3.03 -21.64 -3.90
N ARG B 32 4.27 -21.60 -4.37
CA ARG B 32 4.55 -21.03 -5.69
C ARG B 32 3.78 -21.78 -6.77
N GLU B 33 3.77 -23.11 -6.70
CA GLU B 33 3.07 -23.90 -7.71
C GLU B 33 1.57 -23.62 -7.68
N LEU B 34 1.00 -23.43 -6.49
CA LEU B 34 -0.41 -23.13 -6.36
C LEU B 34 -0.74 -21.66 -6.60
N GLY B 35 0.25 -20.85 -6.97
CA GLY B 35 0.01 -19.45 -7.25
C GLY B 35 -0.17 -18.57 -6.03
N LEU B 36 0.29 -19.01 -4.87
CA LEU B 36 0.11 -18.26 -3.64
C LEU B 36 1.43 -17.63 -3.22
N ARG B 37 1.34 -16.52 -2.50
CA ARG B 37 2.53 -15.85 -1.99
C ARG B 37 2.93 -16.47 -0.66
N CYS B 38 4.22 -16.72 -0.50
CA CYS B 38 4.75 -17.30 0.73
C CYS B 38 5.64 -16.28 1.43
N VAL B 39 5.46 -16.16 2.74
CA VAL B 39 6.26 -15.26 3.58
C VAL B 39 7.05 -16.11 4.56
N ALA B 40 8.34 -15.79 4.70
CA ALA B 40 9.24 -16.52 5.57
C ALA B 40 9.46 -15.77 6.88
N VAL B 41 9.75 -16.52 7.94
CA VAL B 41 10.15 -15.99 9.23
C VAL B 41 11.49 -16.60 9.59
N TYR B 42 12.37 -15.81 10.20
CA TYR B 42 13.72 -16.28 10.49
C TYR B 42 14.24 -15.65 11.76
N SER B 43 15.06 -16.40 12.48
CA SER B 43 15.84 -15.85 13.57
C SER B 43 17.10 -15.20 13.00
N GLU B 44 17.85 -14.53 13.89
CA GLU B 44 19.07 -13.85 13.45
C GLU B 44 20.05 -14.82 12.81
N ALA B 45 20.05 -16.08 13.23
CA ALA B 45 20.99 -17.06 12.68
C ALA B 45 20.65 -17.43 11.24
N ASP B 46 19.37 -17.46 10.88
CA ASP B 46 18.96 -17.90 9.56
C ASP B 46 18.71 -16.73 8.62
N ARG B 47 19.34 -15.57 8.86
CA ARG B 47 19.16 -14.44 7.96
C ARG B 47 19.70 -14.77 6.58
N ASP B 48 20.84 -15.46 6.53
CA ASP B 48 21.42 -15.91 5.27
C ASP B 48 20.93 -17.31 4.88
N ALA B 49 19.70 -17.69 5.28
CA ALA B 49 19.30 -19.06 5.02
C ALA B 49 18.56 -19.15 3.69
N PRO B 50 18.62 -20.32 3.04
CA PRO B 50 17.97 -20.43 1.72
C PRO B 50 16.50 -20.09 1.73
N HIS B 51 15.77 -20.45 2.78
CA HIS B 51 14.33 -20.23 2.77
C HIS B 51 13.97 -18.76 2.85
N VAL B 52 14.82 -17.92 3.44
CA VAL B 52 14.53 -16.49 3.48
C VAL B 52 14.69 -15.88 2.09
N ALA B 53 15.71 -16.30 1.35
CA ALA B 53 15.90 -15.79 -0.01
C ALA B 53 14.80 -16.26 -0.94
N TYR B 54 14.34 -17.50 -0.78
CA TYR B 54 13.36 -18.07 -1.69
C TYR B 54 12.01 -17.39 -1.58
N ALA B 55 11.57 -17.11 -0.35
CA ALA B 55 10.22 -16.62 -0.12
C ALA B 55 9.99 -15.26 -0.80
N ASP B 56 8.72 -14.97 -1.06
CA ASP B 56 8.33 -13.70 -1.65
C ASP B 56 8.52 -12.55 -0.66
N ASP B 57 8.40 -12.83 0.63
CA ASP B 57 8.59 -11.84 1.68
C ASP B 57 9.14 -12.53 2.91
N ALA B 58 9.76 -11.76 3.79
CA ALA B 58 10.36 -12.32 4.99
C ALA B 58 10.26 -11.35 6.16
N PHE B 59 10.34 -11.90 7.37
CA PHE B 59 10.26 -11.12 8.60
C PHE B 59 11.21 -11.71 9.65
N LEU B 60 11.85 -10.83 10.41
CA LEU B 60 12.74 -11.24 11.50
C LEU B 60 11.93 -11.37 12.78
N ILE B 61 11.79 -12.61 13.28
CA ILE B 61 10.95 -12.83 14.45
C ILE B 61 11.72 -12.79 15.77
N GLY B 62 13.04 -12.94 15.76
CA GLY B 62 13.80 -12.83 16.99
C GLY B 62 15.24 -13.33 16.96
N PRO B 63 15.83 -13.44 18.15
CA PRO B 63 17.22 -13.89 18.27
C PRO B 63 17.35 -15.38 18.02
N PRO B 64 18.58 -15.91 17.97
CA PRO B 64 18.77 -17.32 17.60
C PRO B 64 18.10 -18.30 18.54
N SER B 65 17.83 -17.91 19.78
CA SER B 65 17.22 -18.85 20.72
C SER B 65 15.88 -19.33 20.17
N PRO B 66 15.64 -20.64 20.11
CA PRO B 66 14.35 -21.11 19.58
C PRO B 66 13.16 -20.55 20.34
N ALA B 67 13.26 -20.45 21.67
CA ALA B 67 12.15 -19.96 22.47
C ALA B 67 11.79 -18.52 22.14
N GLU B 68 12.79 -17.71 21.78
CA GLU B 68 12.56 -16.30 21.48
C GLU B 68 12.32 -16.04 20.00
N SER B 69 12.38 -17.07 19.16
CA SER B 69 12.19 -16.92 17.72
C SER B 69 11.07 -17.81 17.20
N TYR B 70 11.44 -19.00 16.68
CA TYR B 70 10.48 -19.85 15.99
C TYR B 70 9.42 -20.44 16.91
N LEU B 71 9.61 -20.36 18.22
CA LEU B 71 8.62 -20.83 19.18
C LEU B 71 7.82 -19.69 19.79
N ASN B 72 8.04 -18.47 19.34
CA ASN B 72 7.35 -17.29 19.88
C ASN B 72 6.02 -17.13 19.16
N ILE B 73 4.94 -17.53 19.83
CA ILE B 73 3.61 -17.45 19.21
C ILE B 73 3.27 -16.02 18.85
N ASP B 74 3.39 -15.10 19.81
CA ASP B 74 3.01 -13.72 19.55
C ASP B 74 3.88 -13.11 18.46
N ALA B 75 5.17 -13.46 18.43
CA ALA B 75 6.07 -12.91 17.41
C ALA B 75 5.64 -13.37 16.02
N ILE B 76 5.27 -14.64 15.87
CA ILE B 76 4.89 -15.16 14.57
C ILE B 76 3.63 -14.47 14.07
N ILE B 77 2.63 -14.33 14.94
CA ILE B 77 1.38 -13.68 14.55
C ILE B 77 1.62 -12.23 14.15
N ARG B 78 2.47 -11.52 14.89
CA ARG B 78 2.77 -10.14 14.52
C ARG B 78 3.42 -10.07 13.14
N ALA B 79 4.32 -11.01 12.86
CA ALA B 79 4.96 -11.04 11.54
C ALA B 79 3.94 -11.27 10.44
N ALA B 80 2.98 -12.17 10.67
CA ALA B 80 1.95 -12.43 9.67
C ALA B 80 1.16 -11.17 9.35
N LYS B 81 0.82 -10.38 10.39
CA LYS B 81 0.09 -9.15 10.14
C LYS B 81 0.92 -8.18 9.32
N ALA B 82 2.20 -8.03 9.67
CA ALA B 82 3.06 -7.09 8.97
C ALA B 82 3.24 -7.50 7.51
N THR B 83 3.31 -8.79 7.25
CA THR B 83 3.53 -9.30 5.90
C THR B 83 2.24 -9.52 5.13
N GLY B 84 1.08 -9.38 5.78
CA GLY B 84 -0.18 -9.60 5.12
C GLY B 84 -0.59 -11.05 4.99
N ALA B 85 0.05 -11.95 5.71
CA ALA B 85 -0.30 -13.37 5.61
C ALA B 85 -1.71 -13.63 6.13
N GLU B 86 -2.39 -14.55 5.47
CA GLU B 86 -3.74 -14.94 5.85
C GLU B 86 -3.84 -16.36 6.41
N ALA B 87 -2.81 -17.19 6.20
CA ALA B 87 -2.75 -18.53 6.76
C ALA B 87 -1.31 -18.83 7.13
N ILE B 88 -1.13 -19.82 8.00
CA ILE B 88 0.19 -20.20 8.49
C ILE B 88 0.38 -21.70 8.31
N HIS B 89 1.51 -22.09 7.74
CA HIS B 89 1.87 -23.50 7.66
C HIS B 89 2.87 -23.82 8.76
N PRO B 90 2.55 -24.70 9.71
CA PRO B 90 3.47 -24.93 10.83
C PRO B 90 4.70 -25.72 10.43
N GLY B 91 4.61 -26.54 9.38
CA GLY B 91 5.72 -27.41 9.08
C GLY B 91 5.76 -28.56 10.07
N TYR B 92 6.96 -29.04 10.35
CA TYR B 92 7.09 -30.19 11.22
C TYR B 92 7.71 -30.02 12.57
N GLY B 93 7.97 -28.81 13.02
CA GLY B 93 8.54 -28.74 14.34
C GLY B 93 7.96 -27.74 15.30
N PHE B 94 8.70 -26.69 15.53
CA PHE B 94 8.26 -25.65 16.39
C PHE B 94 6.80 -25.33 16.24
N LEU B 95 6.04 -25.38 17.31
CA LEU B 95 4.64 -24.95 17.27
C LEU B 95 3.68 -25.63 16.31
N ALA B 96 4.03 -26.78 15.78
CA ALA B 96 3.17 -27.40 14.82
C ALA B 96 2.10 -28.17 15.49
N GLU B 97 2.41 -28.68 16.67
CA GLU B 97 1.46 -29.46 17.39
C GLU B 97 1.15 -28.76 18.69
N ASN B 98 1.23 -27.43 18.69
CA ASN B 98 0.91 -26.65 19.88
C ASN B 98 -0.47 -26.01 19.70
N ALA B 99 -1.46 -26.52 20.43
CA ALA B 99 -2.81 -26.01 20.29
C ALA B 99 -2.89 -24.51 20.55
N SER B 100 -2.07 -24.01 21.47
CA SER B 100 -2.07 -22.57 21.75
C SER B 100 -1.77 -21.78 20.48
N PHE B 101 -0.75 -22.19 19.73
CA PHE B 101 -0.42 -21.49 18.49
C PHE B 101 -1.60 -21.50 17.53
N VAL B 102 -2.33 -22.62 17.46
CA VAL B 102 -3.50 -22.69 16.60
C VAL B 102 -4.53 -21.66 17.04
N ARG B 103 -4.78 -21.58 18.35
CA ARG B 103 -5.81 -20.67 18.86
C ARG B 103 -5.42 -19.21 18.64
N ALA B 104 -4.15 -18.87 18.86
CA ALA B 104 -3.70 -17.52 18.56
C ALA B 104 -3.92 -17.19 17.09
N VAL B 105 -3.67 -18.15 16.22
CA VAL B 105 -3.87 -17.93 14.79
C VAL B 105 -5.35 -17.74 14.50
N THR B 106 -6.21 -18.51 15.18
CA THR B 106 -7.65 -18.38 14.98
C THR B 106 -8.16 -17.02 15.45
N ALA B 107 -7.66 -16.54 16.59
CA ALA B 107 -8.12 -15.26 17.10
C ALA B 107 -7.63 -14.11 16.24
N ALA B 108 -6.47 -14.25 15.59
CA ALA B 108 -5.97 -13.20 14.72
C ALA B 108 -6.67 -13.14 13.38
N GLY B 109 -7.57 -14.08 13.09
CA GLY B 109 -8.29 -14.10 11.84
C GLY B 109 -7.62 -14.84 10.71
N LEU B 110 -6.56 -15.58 10.98
CA LEU B 110 -5.81 -16.31 9.97
C LEU B 110 -6.15 -17.79 10.04
N ILE B 111 -5.92 -18.49 8.93
CA ILE B 111 -6.21 -19.91 8.83
C ILE B 111 -4.96 -20.71 9.19
N PHE B 112 -5.14 -21.72 10.04
CA PHE B 112 -4.08 -22.66 10.39
C PHE B 112 -4.10 -23.80 9.39
N ILE B 113 -3.01 -23.96 8.65
CA ILE B 113 -2.94 -25.04 7.66
C ILE B 113 -2.56 -26.32 8.38
N GLY B 114 -3.52 -26.90 9.09
CA GLY B 114 -3.34 -28.13 9.82
C GLY B 114 -4.62 -28.59 10.48
N PRO B 115 -4.54 -29.60 11.34
CA PRO B 115 -5.72 -30.09 12.05
C PRO B 115 -6.28 -29.01 12.96
N PRO B 116 -7.53 -29.13 13.39
CA PRO B 116 -8.10 -28.16 14.33
C PRO B 116 -7.53 -28.34 15.72
N ALA B 117 -7.69 -27.29 16.54
CA ALA B 117 -7.09 -27.29 17.87
C ALA B 117 -7.61 -28.47 18.72
N GLU B 118 -8.93 -28.68 18.70
CA GLU B 118 -9.52 -29.70 19.57
C GLU B 118 -9.00 -31.09 19.24
N ALA B 119 -8.90 -31.42 17.95
CA ALA B 119 -8.35 -32.70 17.56
C ALA B 119 -6.89 -32.79 17.95
N MET B 120 -6.12 -31.74 17.69
CA MET B 120 -4.70 -31.72 18.05
C MET B 120 -4.52 -32.02 19.54
N GLU B 121 -5.38 -31.43 20.38
CA GLU B 121 -5.28 -31.67 21.82
C GLU B 121 -5.62 -33.11 22.17
N ARG B 122 -6.69 -33.65 21.59
CA ARG B 122 -7.11 -34.99 21.96
C ARG B 122 -6.04 -36.02 21.64
N MET B 123 -5.22 -35.77 20.62
CA MET B 123 -4.16 -36.67 20.22
C MET B 123 -2.78 -36.18 20.66
N GLY B 124 -2.72 -35.16 21.52
CA GLY B 124 -1.46 -34.56 21.90
C GLY B 124 -0.57 -35.48 22.71
N GLY B 125 -1.05 -35.91 23.87
CA GLY B 125 -0.24 -36.75 24.72
C GLY B 125 -0.28 -38.21 24.30
N LYS B 126 0.82 -38.92 24.54
CA LYS B 126 0.87 -40.34 24.22
C LYS B 126 -0.24 -41.10 24.94
N THR B 127 -0.49 -40.74 26.21
CA THR B 127 -1.59 -41.39 26.93
C THR B 127 -2.93 -41.02 26.33
N ALA B 128 -3.14 -39.74 26.01
CA ALA B 128 -4.42 -39.34 25.43
C ALA B 128 -4.65 -40.03 24.10
N ALA B 129 -3.62 -40.12 23.26
CA ALA B 129 -3.77 -40.80 21.97
C ALA B 129 -4.10 -42.26 22.17
N ARG B 130 -3.44 -42.92 23.13
CA ARG B 130 -3.72 -44.32 23.38
C ARG B 130 -5.18 -44.53 23.75
N ARG B 131 -5.74 -43.66 24.60
CA ARG B 131 -7.15 -43.77 24.96
C ARG B 131 -8.05 -43.56 23.75
N GLU B 132 -7.78 -42.52 22.95
CA GLU B 132 -8.61 -42.32 21.76
C GLU B 132 -8.50 -43.51 20.82
N ALA B 133 -7.36 -44.21 20.85
CA ALA B 133 -7.17 -45.40 20.03
C ALA B 133 -7.92 -46.60 20.58
N THR B 134 -8.08 -46.70 21.90
CA THR B 134 -8.89 -47.79 22.46
C THR B 134 -10.33 -47.64 22.03
N ALA B 135 -10.86 -46.42 22.07
CA ALA B 135 -12.06 -46.17 21.29
C ALA B 135 -11.70 -46.34 19.82
N ALA B 136 -12.70 -46.51 18.97
CA ALA B 136 -12.45 -46.75 17.56
C ALA B 136 -11.65 -48.03 17.31
N GLY B 137 -11.38 -48.82 18.34
CA GLY B 137 -10.89 -50.18 18.13
C GLY B 137 -9.56 -50.31 17.44
N VAL B 138 -8.60 -49.43 17.74
CA VAL B 138 -7.25 -49.53 17.19
C VAL B 138 -6.36 -50.22 18.22
N PRO B 139 -5.62 -51.25 17.85
CA PRO B 139 -4.79 -51.94 18.83
C PRO B 139 -3.78 -50.96 19.42
N VAL B 140 -3.50 -51.15 20.71
CA VAL B 140 -2.47 -50.38 21.39
C VAL B 140 -1.55 -51.36 22.10
N VAL B 141 -0.43 -50.87 22.59
CA VAL B 141 0.53 -51.72 23.28
C VAL B 141 -0.06 -52.17 24.58
N PRO B 142 -0.18 -53.48 24.78
CA PRO B 142 -0.83 -53.95 25.99
C PRO B 142 -0.15 -53.42 27.23
N GLY B 143 -0.82 -52.61 28.02
CA GLY B 143 -0.19 -52.00 29.18
C GLY B 143 -1.13 -51.51 30.26
N VAL B 144 -0.58 -50.99 31.35
CA VAL B 144 -1.39 -50.51 32.44
C VAL B 144 -1.46 -49.02 32.46
N LEU B 145 -0.31 -48.37 32.38
CA LEU B 145 -0.24 -46.92 32.36
C LEU B 145 -0.74 -46.25 33.62
N GLU B 146 -0.95 -47.03 34.67
CA GLU B 146 -1.39 -46.49 35.94
C GLU B 146 -0.40 -47.06 36.92
N PRO B 147 0.04 -46.25 37.85
CA PRO B 147 1.02 -46.69 38.82
C PRO B 147 0.81 -48.07 39.43
N VAL B 148 1.80 -48.91 39.35
CA VAL B 148 1.72 -50.26 39.89
C VAL B 148 2.16 -50.24 41.35
N THR B 149 1.49 -50.99 42.22
CA THR B 149 1.79 -50.90 43.65
C THR B 149 2.97 -51.80 44.03
N ASP B 150 2.94 -53.07 43.64
CA ASP B 150 3.89 -54.06 44.14
C ASP B 150 4.33 -55.00 43.02
N ALA B 151 5.25 -55.90 43.38
CA ALA B 151 5.75 -56.90 42.44
C ALA B 151 4.68 -57.91 42.06
N ALA B 152 3.75 -58.21 42.96
CA ALA B 152 2.69 -59.17 42.63
C ALA B 152 1.82 -58.67 41.48
N GLU B 153 1.47 -57.39 41.48
CA GLU B 153 0.68 -56.85 40.38
C GLU B 153 1.42 -56.98 39.06
N VAL B 154 2.74 -56.79 39.09
CA VAL B 154 3.55 -56.96 37.89
C VAL B 154 3.42 -58.39 37.38
N ARG B 155 3.47 -59.37 38.28
CA ARG B 155 3.37 -60.77 37.85
C ARG B 155 2.02 -61.04 37.19
N ARG B 156 0.93 -60.64 37.83
CA ARG B 156 -0.40 -60.86 37.25
C ARG B 156 -0.54 -60.13 35.93
N LEU B 157 -0.11 -58.86 35.88
CA LEU B 157 -0.11 -58.13 34.61
C LEU B 157 0.84 -58.76 33.60
N GLY B 158 1.89 -59.43 34.08
CA GLY B 158 2.80 -60.09 33.16
C GLY B 158 2.16 -61.27 32.45
N LYS B 159 1.39 -62.08 33.19
CA LYS B 159 0.67 -63.18 32.56
C LYS B 159 -0.40 -62.67 31.60
N GLU B 160 -1.16 -61.65 32.02
CA GLU B 160 -2.23 -61.12 31.18
C GLU B 160 -1.69 -60.59 29.85
N PHE B 161 -0.56 -59.88 29.89
CA PHE B 161 -0.02 -59.28 28.67
C PHE B 161 0.81 -60.28 27.87
N GLY B 162 1.53 -61.17 28.56
CA GLY B 162 2.40 -62.12 27.92
C GLY B 162 3.85 -61.67 27.91
N TYR B 163 4.73 -62.50 28.48
CA TYR B 163 6.12 -62.15 28.56
C TYR B 163 6.76 -62.23 27.18
N PRO B 164 7.74 -61.36 26.88
CA PRO B 164 8.34 -60.43 27.83
C PRO B 164 7.50 -59.20 28.09
N ILE B 165 7.67 -58.60 29.27
CA ILE B 165 7.05 -57.33 29.62
C ILE B 165 8.15 -56.40 30.10
N ALA B 166 7.81 -55.12 30.22
CA ALA B 166 8.80 -54.11 30.54
C ALA B 166 8.28 -53.16 31.61
N ILE B 167 9.12 -52.87 32.60
CA ILE B 167 8.78 -51.93 33.67
C ILE B 167 9.33 -50.57 33.27
N LYS B 168 8.49 -49.55 33.36
CA LYS B 168 8.82 -48.19 32.97
C LYS B 168 8.44 -47.25 34.11
N ALA B 169 8.80 -45.98 33.97
CA ALA B 169 8.57 -45.01 35.04
C ALA B 169 8.06 -43.70 34.45
N VAL B 170 7.55 -42.84 35.33
CA VAL B 170 7.03 -41.54 34.93
C VAL B 170 8.06 -40.46 35.24
N GLY B 177 12.06 -48.01 28.43
CA GLY B 177 11.78 -48.75 29.65
C GLY B 177 12.97 -48.91 30.57
N LEU B 178 12.70 -48.95 31.88
CA LEU B 178 13.78 -49.06 32.86
C LEU B 178 14.38 -50.48 32.88
N ARG B 179 13.52 -51.50 32.87
CA ARG B 179 13.98 -52.88 32.89
C ARG B 179 12.98 -53.76 32.16
N VAL B 180 13.50 -54.81 31.53
CA VAL B 180 12.70 -55.78 30.79
C VAL B 180 12.71 -57.10 31.55
N VAL B 181 11.53 -57.61 31.85
CA VAL B 181 11.35 -58.84 32.63
C VAL B 181 10.87 -59.94 31.69
N ARG B 182 11.60 -61.04 31.65
CA ARG B 182 11.28 -62.16 30.76
C ARG B 182 10.58 -63.32 31.45
N SER B 183 10.63 -63.39 32.78
CA SER B 183 10.07 -64.51 33.51
C SER B 183 9.33 -63.98 34.74
N PRO B 184 8.41 -64.76 35.30
CA PRO B 184 7.71 -64.31 36.52
C PRO B 184 8.63 -64.12 37.72
N GLU B 185 9.65 -64.96 37.86
CA GLU B 185 10.56 -64.87 39.00
C GLU B 185 11.39 -63.59 38.97
N GLU B 186 11.71 -63.10 37.78
CA GLU B 186 12.56 -61.93 37.57
C GLU B 186 11.90 -60.62 38.01
N VAL B 187 10.64 -60.64 38.46
CA VAL B 187 9.92 -59.39 38.65
C VAL B 187 10.33 -58.64 39.93
N ASP B 188 10.72 -59.35 40.99
CA ASP B 188 11.03 -58.67 42.25
C ASP B 188 12.32 -57.86 42.15
N GLU B 189 13.38 -58.42 41.55
CA GLU B 189 14.63 -57.69 41.44
C GLU B 189 14.47 -56.46 40.56
N ALA B 190 13.81 -56.63 39.41
CA ALA B 190 13.67 -55.53 38.48
C ALA B 190 12.82 -54.41 39.07
N PHE B 191 11.74 -54.77 39.77
CA PHE B 191 10.90 -53.76 40.40
C PHE B 191 11.69 -52.95 41.41
N ALA B 192 12.52 -53.61 42.22
CA ALA B 192 13.34 -52.88 43.19
C ALA B 192 14.31 -51.95 42.49
N ALA B 193 15.03 -52.46 41.48
CA ALA B 193 16.00 -51.65 40.76
C ALA B 193 15.32 -50.51 40.01
N ALA B 194 14.16 -50.79 39.42
CA ALA B 194 13.45 -49.77 38.64
C ALA B 194 12.95 -48.64 39.54
N ARG B 195 12.53 -48.96 40.76
CA ARG B 195 12.04 -47.91 41.66
C ARG B 195 13.17 -46.99 42.11
N ARG B 196 14.25 -47.56 42.65
CA ARG B 196 15.38 -46.74 43.06
C ARG B 196 15.87 -45.86 41.93
N GLU B 197 15.96 -46.42 40.71
CA GLU B 197 16.46 -45.64 39.58
C GLU B 197 15.55 -44.46 39.28
N ALA B 198 14.24 -44.67 39.32
CA ALA B 198 13.31 -43.58 39.08
C ALA B 198 13.44 -42.50 40.15
N GLU B 199 13.41 -42.92 41.42
CA GLU B 199 13.52 -41.96 42.51
C GLU B 199 14.77 -41.10 42.37
N VAL B 200 15.92 -41.74 42.16
CA VAL B 200 17.20 -41.04 42.19
C VAL B 200 17.34 -40.07 41.02
N ALA B 201 16.93 -40.48 39.82
CA ALA B 201 17.16 -39.72 38.60
C ALA B 201 15.98 -38.83 38.21
N PHE B 202 14.78 -39.39 38.14
CA PHE B 202 13.59 -38.65 37.71
C PHE B 202 12.77 -38.12 38.87
N LYS B 203 13.25 -38.31 40.11
CA LYS B 203 12.52 -37.86 41.30
C LYS B 203 11.04 -38.22 41.24
N ASN B 204 10.73 -39.44 40.80
CA ASN B 204 9.35 -39.86 40.69
C ASN B 204 9.12 -41.15 41.46
N GLY B 205 9.83 -42.21 41.06
CA GLY B 205 9.74 -43.45 41.80
C GLY B 205 8.45 -44.23 41.63
N GLU B 206 7.55 -43.77 40.78
CA GLU B 206 6.33 -44.51 40.45
C GLU B 206 6.48 -45.11 39.06
N LEU B 207 6.05 -46.35 38.90
CA LEU B 207 6.27 -47.06 37.65
C LEU B 207 4.96 -47.48 37.00
N TYR B 208 5.09 -48.06 35.82
CA TYR B 208 3.99 -48.67 35.09
C TYR B 208 4.57 -49.77 34.23
N VAL B 209 3.71 -50.65 33.73
CA VAL B 209 4.13 -51.83 32.99
C VAL B 209 3.52 -51.81 31.59
N GLU B 210 4.30 -52.31 30.62
CA GLU B 210 3.88 -52.45 29.23
C GLU B 210 4.46 -53.74 28.69
N LYS B 211 3.81 -54.27 27.65
CA LYS B 211 4.36 -55.44 26.97
C LYS B 211 5.58 -55.02 26.16
N TYR B 212 6.56 -55.90 26.09
CA TYR B 212 7.81 -55.61 25.40
C TYR B 212 7.88 -56.41 24.10
N LEU B 213 8.28 -55.75 23.02
CA LEU B 213 8.48 -56.38 21.73
C LEU B 213 9.97 -56.43 21.46
N ASP B 214 10.52 -57.63 21.32
CA ASP B 214 11.97 -57.80 21.20
C ASP B 214 12.50 -57.13 19.93
N ASP B 215 11.95 -57.50 18.78
CA ASP B 215 12.45 -57.04 17.48
C ASP B 215 11.29 -56.44 16.70
N PRO B 216 10.83 -55.26 17.10
CA PRO B 216 9.73 -54.61 16.39
C PRO B 216 10.22 -53.86 15.15
N ARG B 217 9.24 -53.40 14.36
CA ARG B 217 9.45 -52.57 13.19
C ARG B 217 8.55 -51.35 13.34
N HIS B 218 9.06 -50.18 12.98
CA HIS B 218 8.28 -48.95 13.10
C HIS B 218 7.54 -48.71 11.79
N ILE B 219 6.22 -48.95 11.79
CA ILE B 219 5.38 -48.75 10.62
C ILE B 219 4.33 -47.71 10.94
N GLU B 220 4.19 -46.73 10.06
CA GLU B 220 3.27 -45.61 10.26
C GLU B 220 2.38 -45.45 9.04
N ILE B 221 1.17 -44.93 9.27
CA ILE B 221 0.14 -44.81 8.26
C ILE B 221 -0.19 -43.33 8.07
N GLN B 222 -0.16 -42.87 6.82
CA GLN B 222 -0.47 -41.48 6.50
C GLN B 222 -1.95 -41.34 6.22
N VAL B 223 -2.58 -40.33 6.81
CA VAL B 223 -4.01 -40.08 6.64
C VAL B 223 -4.22 -38.63 6.24
N LEU B 224 -5.15 -38.41 5.31
CA LEU B 224 -5.57 -37.08 4.91
C LEU B 224 -7.07 -36.97 5.09
N ALA B 225 -7.50 -35.86 5.67
CA ALA B 225 -8.92 -35.62 5.95
C ALA B 225 -9.27 -34.20 5.55
N ASP B 226 -10.57 -33.94 5.44
CA ASP B 226 -11.07 -32.63 5.05
C ASP B 226 -11.93 -32.09 6.18
N ARG B 227 -12.28 -30.80 6.05
CA ARG B 227 -13.13 -30.18 7.05
C ARG B 227 -14.49 -30.87 7.15
N TYR B 228 -14.86 -31.66 6.15
CA TYR B 228 -16.20 -32.23 6.03
C TYR B 228 -16.28 -33.70 6.37
N GLY B 229 -15.27 -34.29 7.01
CA GLY B 229 -15.37 -35.64 7.51
C GLY B 229 -14.96 -36.74 6.56
N ASN B 230 -14.47 -36.41 5.36
CA ASN B 230 -13.95 -37.44 4.46
C ASN B 230 -12.48 -37.65 4.77
N ALA B 231 -12.11 -38.91 4.97
CA ALA B 231 -10.75 -39.27 5.32
C ALA B 231 -10.30 -40.45 4.47
N VAL B 232 -9.01 -40.45 4.12
CA VAL B 232 -8.43 -41.48 3.28
C VAL B 232 -7.06 -41.85 3.82
N ALA B 233 -6.64 -43.08 3.58
CA ALA B 233 -5.35 -43.59 4.02
C ALA B 233 -4.41 -43.70 2.82
N LEU B 234 -3.26 -43.00 2.90
CA LEU B 234 -2.31 -42.91 1.80
C LEU B 234 -1.10 -43.82 1.97
N GLY B 235 -1.27 -44.97 2.60
CA GLY B 235 -0.25 -46.00 2.57
C GLY B 235 0.57 -46.04 3.84
N GLU B 236 1.58 -46.91 3.81
CA GLU B 236 2.42 -47.16 4.97
C GLU B 236 3.83 -46.61 4.73
N ARG B 237 4.60 -46.58 5.82
CA ARG B 237 6.02 -46.23 5.79
C ARG B 237 6.76 -47.05 6.84
N ASP B 238 7.94 -47.52 6.47
CA ASP B 238 8.83 -48.24 7.38
C ASP B 238 9.93 -47.28 7.83
N CYS B 239 9.83 -46.82 9.08
CA CYS B 239 10.86 -45.96 9.65
C CYS B 239 11.63 -46.71 10.73
N SER B 240 12.16 -47.88 10.39
CA SER B 240 12.70 -48.78 11.41
C SER B 240 14.12 -48.42 11.79
N VAL B 241 14.94 -48.02 10.81
CA VAL B 241 16.35 -47.71 11.01
C VAL B 241 16.52 -46.41 11.77
N GLN B 242 16.75 -46.48 13.08
CA GLN B 242 16.88 -45.30 13.92
C GLN B 242 18.09 -45.43 14.83
N ARG B 243 18.72 -44.30 15.12
CA ARG B 243 19.75 -44.19 16.16
C ARG B 243 19.08 -43.60 17.39
N ARG B 244 19.35 -44.18 18.55
CA ARG B 244 18.62 -43.76 19.75
C ARG B 244 17.15 -44.07 19.52
N HIS B 245 16.38 -43.04 19.17
CA HIS B 245 15.00 -43.23 18.74
C HIS B 245 14.66 -42.23 17.64
N GLN B 246 15.67 -41.83 16.89
CA GLN B 246 15.55 -40.81 15.85
C GLN B 246 15.79 -41.48 14.50
N LYS B 247 14.85 -41.29 13.58
CA LYS B 247 14.91 -41.98 12.29
C LYS B 247 16.04 -41.44 11.43
N LEU B 248 16.71 -42.35 10.73
CA LEU B 248 17.75 -42.03 9.77
C LEU B 248 17.37 -42.42 8.35
N ILE B 249 16.73 -43.58 8.18
CA ILE B 249 16.24 -44.03 6.88
C ILE B 249 14.77 -44.41 6.98
N GLU B 250 14.00 -44.06 5.95
CA GLU B 250 12.59 -44.40 5.85
C GLU B 250 12.33 -44.86 4.43
N GLU B 251 11.47 -45.86 4.28
CA GLU B 251 11.10 -46.33 2.95
C GLU B 251 9.61 -46.63 2.91
N CYS B 252 9.06 -46.56 1.71
CA CYS B 252 7.68 -46.91 1.45
C CYS B 252 7.63 -47.65 0.12
N PRO B 253 6.91 -48.77 0.03
CA PRO B 253 6.17 -49.46 1.08
C PRO B 253 7.07 -50.20 2.06
N SER B 254 6.50 -50.75 3.15
CA SER B 254 7.29 -51.57 4.05
C SER B 254 7.31 -53.02 3.59
N PRO B 255 8.48 -53.64 3.48
CA PRO B 255 8.55 -55.05 3.06
C PRO B 255 7.88 -56.02 4.02
N ALA B 256 7.65 -55.65 5.27
CA ALA B 256 7.07 -56.58 6.23
C ALA B 256 5.54 -56.67 6.13
N LEU B 257 4.89 -55.66 5.57
CA LEU B 257 3.44 -55.65 5.51
C LEU B 257 2.93 -56.46 4.33
N THR B 258 1.77 -57.08 4.53
CA THR B 258 1.04 -57.73 3.47
C THR B 258 -0.07 -56.82 2.98
N PRO B 259 -0.52 -57.01 1.74
CA PRO B 259 -1.59 -56.12 1.21
C PRO B 259 -2.79 -56.06 2.12
N GLU B 260 -3.16 -57.18 2.73
CA GLU B 260 -4.32 -57.22 3.60
C GLU B 260 -4.07 -56.45 4.89
N LEU B 261 -2.91 -56.66 5.51
CA LEU B 261 -2.57 -55.92 6.72
C LEU B 261 -2.52 -54.44 6.43
N ARG B 262 -2.02 -54.07 5.24
CA ARG B 262 -1.94 -52.68 4.86
C ARG B 262 -3.32 -52.04 4.83
N ALA B 263 -4.31 -52.75 4.27
CA ALA B 263 -5.67 -52.23 4.26
C ALA B 263 -6.25 -52.14 5.67
N GLU B 264 -6.03 -53.18 6.48
CA GLU B 264 -6.56 -53.19 7.84
C GLU B 264 -6.03 -51.99 8.63
N MET B 265 -4.72 -51.72 8.52
CA MET B 265 -4.15 -50.60 9.25
C MET B 265 -4.69 -49.28 8.75
N GLY B 266 -4.79 -49.12 7.43
CA GLY B 266 -5.35 -47.88 6.89
C GLY B 266 -6.76 -47.64 7.39
N ALA B 267 -7.57 -48.69 7.43
CA ALA B 267 -8.93 -48.55 7.93
C ALA B 267 -8.93 -48.09 9.38
N ALA B 268 -8.08 -48.72 10.21
CA ALA B 268 -8.00 -48.29 11.61
C ALA B 268 -7.61 -46.82 11.70
N ALA B 269 -6.63 -46.40 10.89
CA ALA B 269 -6.18 -45.02 10.92
C ALA B 269 -7.30 -44.04 10.59
N VAL B 270 -8.09 -44.33 9.55
CA VAL B 270 -9.17 -43.43 9.18
C VAL B 270 -10.24 -43.40 10.26
N ARG B 271 -10.55 -44.55 10.85
CA ARG B 271 -11.54 -44.61 11.92
C ARG B 271 -11.11 -43.73 13.10
N LEU B 272 -9.85 -43.90 13.53
CA LEU B 272 -9.30 -43.09 14.61
C LEU B 272 -9.27 -41.62 14.22
N ALA B 273 -8.88 -41.32 12.98
CA ALA B 273 -8.85 -39.93 12.54
C ALA B 273 -10.25 -39.31 12.59
N LYS B 274 -11.24 -40.03 12.07
CA LYS B 274 -12.60 -39.50 12.03
C LYS B 274 -13.17 -39.33 13.43
N ALA B 275 -12.88 -40.27 14.33
CA ALA B 275 -13.43 -40.18 15.68
C ALA B 275 -12.93 -38.92 16.39
N VAL B 276 -11.69 -38.52 16.13
CA VAL B 276 -11.09 -37.36 16.77
C VAL B 276 -11.41 -36.05 16.07
N GLY B 277 -12.02 -36.10 14.90
CA GLY B 277 -12.42 -34.87 14.25
C GLY B 277 -11.27 -34.29 13.52
N TYR B 278 -10.52 -35.13 12.83
CA TYR B 278 -9.31 -34.67 12.18
C TYR B 278 -9.50 -33.96 10.90
N VAL B 279 -8.69 -32.95 10.65
CA VAL B 279 -8.73 -32.25 9.39
C VAL B 279 -7.26 -32.24 9.03
N SER B 280 -6.91 -32.19 7.76
CA SER B 280 -5.52 -32.18 7.28
C SER B 280 -4.71 -33.42 7.36
N ALA B 281 -3.40 -33.26 7.24
CA ALA B 281 -2.55 -34.43 7.20
C ALA B 281 -2.08 -34.83 8.55
N GLY B 282 -1.90 -36.12 8.73
CA GLY B 282 -1.44 -36.63 9.98
C GLY B 282 -0.86 -37.99 9.83
N THR B 283 -0.11 -38.44 10.81
CA THR B 283 0.49 -39.74 10.76
C THR B 283 0.35 -40.53 12.02
N LEU B 284 -0.18 -41.72 11.91
CA LEU B 284 -0.35 -42.62 13.05
C LEU B 284 0.78 -43.64 13.04
N GLU B 285 1.57 -43.67 14.11
CA GLU B 285 2.74 -44.54 14.19
C GLU B 285 2.44 -45.80 14.99
N PHE B 286 2.83 -46.94 14.43
CA PHE B 286 2.57 -48.24 15.02
C PHE B 286 3.88 -48.97 15.23
N LEU B 287 3.83 -50.03 16.03
CA LEU B 287 4.94 -50.95 16.21
C LEU B 287 4.48 -52.29 15.68
N PHE B 288 5.33 -52.95 14.89
CA PHE B 288 4.94 -54.17 14.18
C PHE B 288 5.89 -55.30 14.55
N GLN B 289 5.34 -56.37 15.15
CA GLN B 289 6.14 -57.55 15.42
C GLN B 289 5.25 -58.78 15.36
N ASP B 290 5.75 -59.84 14.70
CA ASP B 290 5.08 -61.12 14.64
C ASP B 290 3.65 -60.98 14.10
N GLY B 291 3.52 -60.24 13.00
CA GLY B 291 2.25 -60.11 12.32
C GLY B 291 1.21 -59.26 13.01
N ARG B 292 1.54 -58.61 14.11
CA ARG B 292 0.61 -57.80 14.88
C ARG B 292 1.11 -56.37 14.95
N TYR B 293 0.19 -55.42 14.85
CA TYR B 293 0.53 -54.00 14.89
C TYR B 293 -0.10 -53.36 16.12
N TYR B 294 0.63 -52.40 16.70
CA TYR B 294 0.23 -51.74 17.94
C TYR B 294 0.38 -50.24 17.76
N PHE B 295 -0.67 -49.49 18.10
CA PHE B 295 -0.61 -48.05 18.03
C PHE B 295 0.23 -47.48 19.16
N LEU B 296 1.06 -46.47 18.85
CA LEU B 296 1.83 -45.75 19.86
C LEU B 296 1.31 -44.32 19.97
N GLU B 297 1.52 -43.48 18.96
CA GLU B 297 1.08 -42.09 19.03
C GLU B 297 0.80 -41.57 17.63
N MET B 298 0.12 -40.43 17.57
CA MET B 298 -0.21 -39.76 16.32
C MET B 298 0.44 -38.39 16.26
N ASN B 299 1.07 -38.08 15.13
CA ASN B 299 1.66 -36.78 14.86
C ASN B 299 0.65 -35.95 14.09
N THR B 300 0.19 -34.86 14.69
CA THR B 300 -0.85 -34.02 14.11
C THR B 300 -0.26 -32.93 13.21
N ARG B 301 0.54 -33.35 12.23
CA ARG B 301 1.29 -32.43 11.38
C ARG B 301 1.73 -33.18 10.13
N ILE B 302 2.42 -32.47 9.24
CA ILE B 302 3.12 -33.15 8.16
C ILE B 302 4.34 -33.87 8.74
N GLN B 303 4.73 -34.98 8.12
CA GLN B 303 5.90 -35.72 8.58
C GLN B 303 7.11 -35.44 7.68
N VAL B 304 8.28 -35.44 8.31
CA VAL B 304 9.53 -35.23 7.58
C VAL B 304 9.64 -36.24 6.45
N GLU B 305 9.20 -37.47 6.68
CA GLU B 305 9.33 -38.52 5.69
C GLU B 305 8.13 -38.60 4.76
N HIS B 306 7.30 -37.56 4.72
CA HIS B 306 6.18 -37.57 3.78
C HIS B 306 6.66 -37.72 2.35
N THR B 307 7.94 -37.46 2.10
CA THR B 307 8.48 -37.49 0.75
C THR B 307 8.29 -38.84 0.10
N VAL B 308 8.62 -39.92 0.83
CA VAL B 308 8.52 -41.26 0.24
C VAL B 308 7.07 -41.59 -0.12
N THR B 309 6.13 -41.27 0.76
CA THR B 309 4.73 -41.49 0.41
C THR B 309 4.34 -40.69 -0.83
N GLU B 310 4.87 -39.46 -0.94
CA GLU B 310 4.60 -38.64 -2.12
C GLU B 310 5.10 -39.31 -3.39
N MET B 311 6.24 -40.00 -3.32
CA MET B 311 6.81 -40.58 -4.53
C MET B 311 6.04 -41.83 -4.95
N VAL B 312 5.56 -42.61 -3.98
CA VAL B 312 4.90 -43.87 -4.34
C VAL B 312 3.44 -43.64 -4.73
N TYR B 313 2.76 -42.72 -4.05
CA TYR B 313 1.35 -42.48 -4.33
C TYR B 313 1.11 -41.25 -5.18
N GLY B 314 2.16 -40.55 -5.60
CA GLY B 314 1.99 -39.47 -6.57
C GLY B 314 1.07 -38.37 -6.10
N ILE B 315 1.17 -37.97 -4.83
CA ILE B 315 0.32 -36.94 -4.27
C ILE B 315 1.20 -35.88 -3.62
N ASP B 316 0.85 -34.62 -3.83
CA ASP B 316 1.50 -33.50 -3.14
C ASP B 316 0.76 -33.25 -1.84
N LEU B 317 1.33 -33.70 -0.73
CA LEU B 317 0.67 -33.58 0.57
C LEU B 317 0.63 -32.12 1.04
N VAL B 318 1.70 -31.36 0.79
CA VAL B 318 1.70 -29.96 1.21
C VAL B 318 0.63 -29.18 0.44
N ALA B 319 0.53 -29.40 -0.86
CA ALA B 319 -0.56 -28.80 -1.63
C ALA B 319 -1.90 -29.30 -1.10
N ALA B 320 -1.97 -30.59 -0.76
CA ALA B 320 -3.21 -31.14 -0.20
C ALA B 320 -3.60 -30.41 1.08
N GLN B 321 -2.63 -30.17 1.97
CA GLN B 321 -2.93 -29.42 3.19
C GLN B 321 -3.50 -28.05 2.86
N ILE B 322 -2.90 -27.37 1.88
CA ILE B 322 -3.34 -26.02 1.52
C ILE B 322 -4.77 -26.06 0.97
N ARG B 323 -5.07 -27.03 0.12
CA ARG B 323 -6.43 -27.13 -0.41
C ARG B 323 -7.42 -27.38 0.71
N ILE B 324 -7.13 -28.35 1.59
CA ILE B 324 -8.02 -28.64 2.70
C ILE B 324 -8.17 -27.43 3.61
N ALA B 325 -7.11 -26.61 3.73
CA ALA B 325 -7.20 -25.41 4.54
C ALA B 325 -8.12 -24.38 3.91
N GLN B 326 -8.12 -24.30 2.57
CA GLN B 326 -9.00 -23.41 1.84
C GLN B 326 -10.43 -23.92 1.76
N GLY B 327 -10.71 -25.12 2.29
CA GLY B 327 -12.06 -25.62 2.40
C GLY B 327 -12.50 -26.61 1.35
N GLU B 328 -11.61 -27.06 0.46
CA GLU B 328 -11.99 -28.04 -0.54
C GLU B 328 -12.32 -29.38 0.10
N LYS B 329 -13.32 -30.05 -0.45
CA LYS B 329 -13.57 -31.43 -0.11
C LYS B 329 -12.56 -32.30 -0.85
N LEU B 330 -12.22 -33.45 -0.27
CA LEU B 330 -11.23 -34.31 -0.91
C LEU B 330 -11.61 -34.58 -2.36
N TRP B 331 -10.64 -34.38 -3.25
CA TRP B 331 -10.84 -34.50 -4.68
C TRP B 331 -10.61 -35.93 -5.16
N PHE B 332 -10.42 -36.87 -4.24
CA PHE B 332 -10.19 -38.27 -4.59
C PHE B 332 -10.75 -39.15 -3.49
N LYS B 333 -10.82 -40.45 -3.78
CA LYS B 333 -11.36 -41.43 -2.86
C LYS B 333 -10.33 -42.55 -2.67
N GLN B 334 -10.59 -43.41 -1.68
CA GLN B 334 -9.62 -44.46 -1.38
C GLN B 334 -9.30 -45.31 -2.59
N GLU B 335 -10.26 -45.49 -3.49
CA GLU B 335 -10.02 -46.29 -4.69
C GLU B 335 -8.93 -45.66 -5.55
N ASP B 336 -8.79 -44.34 -5.48
CA ASP B 336 -7.78 -43.65 -6.26
C ASP B 336 -6.39 -43.77 -5.65
N VAL B 337 -6.27 -44.21 -4.40
CA VAL B 337 -4.98 -44.28 -3.73
C VAL B 337 -4.30 -45.58 -4.18
N VAL B 338 -3.31 -45.46 -5.06
CA VAL B 338 -2.63 -46.62 -5.62
C VAL B 338 -1.11 -46.44 -5.52
N PRO B 339 -0.40 -47.40 -4.94
CA PRO B 339 1.07 -47.31 -4.90
C PRO B 339 1.68 -47.76 -6.21
N ARG B 340 2.67 -47.02 -6.66
CA ARG B 340 3.49 -47.38 -7.80
C ARG B 340 4.95 -47.21 -7.40
N GLY B 341 5.73 -48.28 -7.54
CA GLY B 341 7.15 -48.19 -7.25
C GLY B 341 7.46 -48.24 -5.78
N HIS B 342 8.73 -47.96 -5.47
CA HIS B 342 9.27 -47.97 -4.12
C HIS B 342 10.13 -46.74 -3.92
N ALA B 343 9.99 -46.09 -2.76
CA ALA B 343 10.76 -44.89 -2.45
C ALA B 343 11.47 -45.09 -1.13
N ILE B 344 12.71 -44.61 -1.07
CA ILE B 344 13.53 -44.67 0.14
C ILE B 344 14.12 -43.28 0.38
N GLU B 345 14.20 -42.86 1.64
CA GLU B 345 14.76 -41.58 2.01
C GLU B 345 15.83 -41.72 3.05
N CYS B 346 16.99 -41.16 2.79
CA CYS B 346 18.08 -41.20 3.72
C CYS B 346 18.24 -39.77 4.17
N ARG B 347 18.17 -39.54 5.48
CA ARG B 347 18.26 -38.21 6.01
C ARG B 347 19.69 -37.79 6.14
N ILE B 348 20.07 -36.70 5.51
CA ILE B 348 21.43 -36.25 5.55
C ILE B 348 21.60 -35.35 6.74
N ASN B 349 21.96 -35.93 7.88
CA ASN B 349 22.16 -35.16 9.08
C ASN B 349 23.62 -34.88 9.27
N ALA B 350 23.94 -33.72 9.83
CA ALA B 350 25.31 -33.37 10.10
C ALA B 350 25.76 -33.92 11.40
N GLU B 351 26.24 -35.15 11.38
CA GLU B 351 26.70 -35.79 12.58
C GLU B 351 27.81 -36.72 12.16
N ASP B 352 28.70 -37.07 13.08
CA ASP B 352 29.80 -37.95 12.77
C ASP B 352 29.39 -39.34 13.09
N PRO B 353 29.18 -40.14 12.08
CA PRO B 353 28.68 -41.46 12.40
C PRO B 353 29.66 -42.27 13.19
N LEU B 354 30.96 -42.03 13.02
CA LEU B 354 31.98 -42.83 13.68
C LEU B 354 32.25 -42.42 15.12
N HIS B 355 31.77 -41.26 15.57
CA HIS B 355 31.90 -40.85 16.97
C HIS B 355 30.50 -40.57 17.50
N ASN B 356 29.94 -41.54 18.23
CA ASN B 356 28.58 -41.50 18.76
C ASN B 356 27.68 -40.42 18.15
N PHE B 357 27.60 -40.36 16.82
CA PHE B 357 26.75 -39.39 16.13
C PHE B 357 26.84 -38.02 16.79
N ARG B 358 28.04 -37.61 17.16
CA ARG B 358 28.23 -36.31 17.78
C ARG B 358 27.84 -35.20 16.81
N PRO B 359 27.23 -34.12 17.29
CA PRO B 359 26.88 -33.01 16.40
C PRO B 359 28.11 -32.50 15.66
N ALA B 360 27.95 -32.20 14.37
CA ALA B 360 28.99 -31.64 13.54
C ALA B 360 28.60 -30.22 13.13
N LEU B 361 29.54 -29.30 13.28
CA LEU B 361 29.31 -27.91 12.94
C LEU B 361 30.37 -27.45 11.96
N GLY B 362 30.09 -26.34 11.30
CA GLY B 362 31.03 -25.75 10.37
C GLY B 362 30.30 -24.97 9.31
N THR B 363 31.03 -24.64 8.26
CA THR B 363 30.50 -23.94 7.11
C THR B 363 30.63 -24.83 5.89
N ILE B 364 29.55 -24.95 5.13
CA ILE B 364 29.56 -25.77 3.93
C ILE B 364 30.29 -25.00 2.84
N GLY B 365 31.36 -25.60 2.30
CA GLY B 365 32.09 -24.95 1.25
C GLY B 365 31.49 -25.20 -0.11
N GLU B 366 31.74 -26.37 -0.68
CA GLU B 366 31.26 -26.70 -2.02
C GLU B 366 30.08 -27.65 -1.89
N TYR B 367 29.00 -27.31 -2.59
CA TYR B 367 27.74 -28.06 -2.50
C TYR B 367 27.29 -28.40 -3.91
N HIS B 368 27.25 -29.70 -4.21
CA HIS B 368 26.67 -30.17 -5.48
C HIS B 368 25.75 -31.35 -5.15
N GLU B 369 24.40 -31.13 -5.33
CA GLU B 369 23.41 -32.16 -4.99
C GLU B 369 23.21 -33.10 -6.18
N PRO B 370 22.93 -34.37 -5.89
CA PRO B 370 22.78 -35.36 -6.95
C PRO B 370 21.58 -35.08 -7.82
N VAL B 371 21.66 -35.54 -9.06
CA VAL B 371 20.61 -35.30 -10.04
C VAL B 371 20.27 -36.60 -10.75
N GLY B 372 19.05 -36.69 -11.25
CA GLY B 372 18.66 -37.77 -12.12
C GLY B 372 17.18 -38.09 -11.96
N PHE B 373 16.74 -39.04 -12.77
CA PHE B 373 15.36 -39.51 -12.69
C PHE B 373 15.19 -40.35 -11.43
N GLY B 374 14.15 -40.04 -10.65
CA GLY B 374 13.94 -40.74 -9.40
C GLY B 374 14.83 -40.28 -8.27
N VAL B 375 15.48 -39.13 -8.42
CA VAL B 375 16.29 -38.51 -7.37
C VAL B 375 15.63 -37.19 -6.98
N ARG B 376 15.38 -37.03 -5.68
CA ARG B 376 14.84 -35.80 -5.10
C ARG B 376 15.70 -35.36 -3.92
N VAL B 377 15.99 -34.07 -3.84
CA VAL B 377 16.73 -33.51 -2.70
C VAL B 377 15.95 -32.36 -2.10
N ASP B 378 15.46 -32.53 -0.88
CA ASP B 378 14.84 -31.46 -0.11
C ASP B 378 15.88 -30.99 0.90
N SER B 379 16.43 -29.80 0.67
CA SER B 379 17.59 -29.35 1.43
C SER B 379 17.31 -27.98 2.05
N GLY B 380 18.05 -27.67 3.10
CA GLY B 380 17.94 -26.40 3.76
C GLY B 380 19.27 -25.69 3.82
N VAL B 381 20.23 -26.19 3.04
CA VAL B 381 21.58 -25.66 2.99
C VAL B 381 21.95 -25.41 1.54
N ARG B 382 23.02 -24.65 1.36
CA ARG B 382 23.57 -24.32 0.05
C ARG B 382 25.09 -24.28 0.17
N ALA B 383 25.77 -24.00 -0.94
CA ALA B 383 27.22 -23.87 -0.92
C ALA B 383 27.63 -22.56 -0.25
N TYR B 384 28.74 -22.60 0.49
CA TYR B 384 29.25 -21.44 1.21
C TYR B 384 28.19 -20.89 2.16
N TYR B 385 27.64 -21.80 2.96
CA TYR B 385 26.61 -21.50 3.94
C TYR B 385 27.09 -21.99 5.29
N THR B 386 27.04 -21.11 6.29
CA THR B 386 27.39 -21.50 7.65
C THR B 386 26.15 -22.06 8.33
N VAL B 387 26.20 -23.35 8.67
CA VAL B 387 25.06 -24.03 9.25
C VAL B 387 24.83 -23.60 10.66
N PRO B 388 23.63 -23.13 10.94
CA PRO B 388 23.30 -22.72 12.29
C PRO B 388 23.38 -23.86 13.27
N SER B 389 23.87 -23.58 14.45
CA SER B 389 24.05 -24.64 15.43
C SER B 389 22.92 -24.75 16.38
N HIS B 390 22.16 -23.68 16.54
CA HIS B 390 21.12 -23.66 17.53
C HIS B 390 19.95 -24.57 17.31
N TYR B 391 19.90 -25.24 16.17
CA TYR B 391 18.73 -26.02 15.85
C TYR B 391 18.99 -27.49 15.65
N ASP B 392 18.68 -28.02 14.48
CA ASP B 392 18.80 -29.44 14.25
C ASP B 392 20.03 -29.83 13.48
N SER B 393 20.10 -31.08 13.05
CA SER B 393 21.23 -31.53 12.28
C SER B 393 20.84 -31.77 10.85
N LEU B 394 19.56 -31.72 10.54
CA LEU B 394 19.12 -32.04 9.20
C LEU B 394 19.51 -30.98 8.23
N LEU B 395 20.46 -31.30 7.39
CA LEU B 395 20.87 -30.36 6.40
C LEU B 395 19.90 -30.54 5.27
N ALA B 396 19.69 -31.78 4.85
CA ALA B 396 18.83 -32.05 3.71
C ALA B 396 18.34 -33.49 3.79
N LYS B 397 17.40 -33.82 2.90
CA LYS B 397 16.88 -35.18 2.78
C LYS B 397 17.09 -35.65 1.35
N LEU B 398 17.72 -36.80 1.19
CA LEU B 398 17.97 -37.41 -0.11
C LEU B 398 16.94 -38.51 -0.30
N ILE B 399 16.08 -38.37 -1.31
CA ILE B 399 15.00 -39.31 -1.56
C ILE B 399 15.11 -39.83 -2.98
N THR B 400 14.97 -41.15 -3.15
CA THR B 400 14.99 -41.79 -4.45
C THR B 400 13.75 -42.65 -4.61
N TRP B 401 13.28 -42.75 -5.84
CA TRP B 401 12.16 -43.60 -6.23
C TRP B 401 12.59 -44.54 -7.33
N GLY B 402 12.01 -45.75 -7.33
CA GLY B 402 12.33 -46.74 -8.33
C GLY B 402 11.12 -47.55 -8.74
N SER B 403 11.30 -48.31 -9.82
CA SER B 403 10.24 -49.24 -10.23
C SER B 403 10.00 -50.31 -9.18
N ASP B 404 11.09 -50.87 -8.65
CA ASP B 404 11.04 -51.82 -7.54
C ASP B 404 12.05 -51.38 -6.49
N ARG B 405 12.00 -52.05 -5.34
CA ARG B 405 12.90 -51.68 -4.24
C ARG B 405 14.37 -51.67 -4.67
N GLN B 406 14.77 -52.65 -5.50
CA GLN B 406 16.17 -52.70 -5.92
C GLN B 406 16.56 -51.43 -6.65
N GLU B 407 15.72 -50.97 -7.57
CA GLU B 407 15.98 -49.73 -8.29
C GLU B 407 16.14 -48.56 -7.32
N ALA B 408 15.20 -48.43 -6.38
CA ALA B 408 15.28 -47.32 -5.43
C ALA B 408 16.58 -47.37 -4.62
N ILE B 409 17.02 -48.58 -4.24
CA ILE B 409 18.25 -48.71 -3.48
C ILE B 409 19.45 -48.30 -4.32
N ALA B 410 19.47 -48.72 -5.60
CA ALA B 410 20.59 -48.36 -6.47
C ALA B 410 20.69 -46.85 -6.65
N ARG B 411 19.55 -46.20 -6.91
CA ARG B 411 19.57 -44.75 -7.07
C ARG B 411 20.01 -44.06 -5.78
N MET B 412 19.53 -44.57 -4.63
CA MET B 412 19.97 -44.00 -3.37
C MET B 412 21.48 -44.15 -3.18
N ARG B 413 22.03 -45.29 -3.61
CA ARG B 413 23.47 -45.49 -3.49
C ARG B 413 24.24 -44.55 -4.40
N ARG B 414 23.79 -44.37 -5.64
CA ARG B 414 24.46 -43.45 -6.54
C ARG B 414 24.35 -42.02 -6.03
N ALA B 415 23.14 -41.60 -5.67
CA ALA B 415 22.96 -40.24 -5.19
C ALA B 415 23.79 -39.99 -3.93
N LEU B 416 23.86 -40.98 -3.04
CA LEU B 416 24.65 -40.82 -1.84
C LEU B 416 26.12 -40.60 -2.17
N ALA B 417 26.67 -41.39 -3.10
CA ALA B 417 28.07 -41.24 -3.46
C ALA B 417 28.33 -39.89 -4.10
N GLU B 418 27.42 -39.44 -4.96
CA GLU B 418 27.61 -38.24 -5.76
C GLU B 418 27.09 -36.98 -5.09
N TYR B 419 26.74 -37.06 -3.81
CA TYR B 419 26.38 -35.88 -3.03
C TYR B 419 27.66 -35.31 -2.44
N ARG B 420 27.98 -34.06 -2.79
CA ARG B 420 29.21 -33.41 -2.32
C ARG B 420 28.82 -32.34 -1.31
N ILE B 421 29.18 -32.57 -0.05
CA ILE B 421 28.95 -31.60 1.02
C ILE B 421 30.27 -31.46 1.76
N GLU B 422 31.01 -30.40 1.46
CA GLU B 422 32.37 -30.22 1.94
C GLU B 422 32.39 -29.23 3.10
N GLY B 423 33.25 -29.49 4.08
CA GLY B 423 33.39 -28.65 5.26
C GLY B 423 32.73 -29.22 6.51
N VAL B 424 31.66 -30.01 6.34
CA VAL B 424 30.94 -30.56 7.48
C VAL B 424 30.82 -32.06 7.29
N THR B 425 30.89 -32.79 8.41
CA THR B 425 30.71 -34.22 8.39
C THR B 425 29.23 -34.59 8.36
N THR B 426 28.90 -35.58 7.55
CA THR B 426 27.54 -36.08 7.44
C THR B 426 27.55 -37.59 7.66
N ILE B 427 26.38 -38.15 7.84
CA ILE B 427 26.26 -39.59 8.05
C ILE B 427 26.13 -40.28 6.70
N ILE B 428 26.49 -39.58 5.62
CA ILE B 428 26.37 -40.16 4.28
C ILE B 428 27.17 -41.45 4.17
N PRO B 429 28.36 -41.58 4.74
CA PRO B 429 29.02 -42.88 4.72
C PRO B 429 28.19 -43.97 5.40
N PHE B 430 27.60 -43.69 6.53
CA PHE B 430 26.83 -44.68 7.25
C PHE B 430 25.71 -45.17 6.36
N HIS B 431 25.08 -44.24 5.67
CA HIS B 431 23.96 -44.60 4.87
C HIS B 431 24.36 -45.57 3.82
N GLN B 432 25.48 -45.32 3.16
CA GLN B 432 25.90 -46.19 2.09
C GLN B 432 26.17 -47.57 2.62
N ALA B 433 26.71 -47.65 3.82
CA ALA B 433 26.99 -48.92 4.43
C ALA B 433 25.74 -49.69 4.70
N ALA B 434 24.72 -48.98 5.15
CA ALA B 434 23.47 -49.63 5.45
C ALA B 434 22.89 -50.19 4.20
N LEU B 435 23.00 -49.45 3.12
CA LEU B 435 22.38 -49.89 1.90
C LEU B 435 23.17 -50.98 1.24
N GLU B 436 24.19 -51.48 1.91
CA GLU B 436 24.95 -52.60 1.40
C GLU B 436 24.67 -53.76 2.31
N HIS B 437 24.27 -53.47 3.54
CA HIS B 437 24.06 -54.53 4.51
C HIS B 437 23.03 -55.52 4.07
N PRO B 438 23.34 -56.80 4.21
CA PRO B 438 22.41 -57.83 3.75
C PRO B 438 21.05 -57.80 4.41
N VAL B 439 20.98 -57.37 5.65
CA VAL B 439 19.73 -57.34 6.37
C VAL B 439 18.85 -56.31 5.71
N PHE B 440 19.41 -55.18 5.39
CA PHE B 440 18.65 -54.13 4.76
C PHE B 440 18.20 -54.57 3.41
N THR B 441 19.10 -55.21 2.66
CA THR B 441 18.77 -55.61 1.32
C THR B 441 17.57 -56.53 1.32
N ALA B 442 17.44 -57.34 2.35
CA ALA B 442 16.27 -58.21 2.46
C ALA B 442 15.05 -57.47 2.97
N GLY B 443 15.24 -56.57 3.91
CA GLY B 443 14.14 -55.82 4.44
C GLY B 443 13.85 -56.41 5.77
N ALA B 444 14.89 -56.61 6.54
CA ALA B 444 14.71 -57.18 7.86
C ALA B 444 15.14 -56.18 8.85
N ALA B 445 15.29 -54.96 8.39
CA ALA B 445 15.68 -53.90 9.26
C ALA B 445 14.65 -53.72 10.32
N THR B 446 15.08 -53.84 11.56
CA THR B 446 14.19 -53.69 12.67
C THR B 446 14.70 -52.50 13.39
N VAL B 447 14.05 -52.14 14.48
CA VAL B 447 14.44 -50.96 15.20
C VAL B 447 15.86 -51.15 15.66
N ASN B 448 16.21 -52.37 16.04
CA ASN B 448 17.54 -52.67 16.49
C ASN B 448 18.46 -53.08 15.35
N PHE B 449 18.57 -52.28 14.30
CA PHE B 449 19.41 -52.61 13.17
C PHE B 449 20.79 -52.17 13.56
N ILE B 450 20.93 -50.87 13.80
CA ILE B 450 22.20 -50.34 14.22
C ILE B 450 22.70 -50.97 15.49
N PRO B 451 21.85 -51.07 16.53
CA PRO B 451 22.43 -51.72 17.70
C PRO B 451 22.94 -53.12 17.49
N ARG B 452 22.37 -53.90 16.59
CA ARG B 452 22.77 -55.29 16.47
C ARG B 452 23.74 -55.57 15.37
N HIS B 453 24.08 -54.57 14.60
CA HIS B 453 25.04 -54.75 13.55
C HIS B 453 26.06 -53.67 13.62
N PRO B 454 27.10 -53.87 14.42
CA PRO B 454 28.09 -52.82 14.59
C PRO B 454 29.17 -52.90 13.53
N GLU B 455 28.88 -53.58 12.45
CA GLU B 455 29.84 -53.74 11.38
C GLU B 455 29.54 -52.66 10.38
N LEU B 456 28.49 -51.92 10.66
CA LEU B 456 28.08 -50.90 9.75
C LEU B 456 29.05 -49.78 9.89
N PHE B 457 29.51 -49.59 11.10
CA PHE B 457 30.41 -48.49 11.36
C PHE B 457 31.79 -48.75 10.81
N SER B 458 32.14 -50.01 10.63
CA SER B 458 33.42 -50.33 10.06
C SER B 458 33.36 -49.92 8.62
N ARG B 459 32.32 -50.34 7.94
CA ARG B 459 32.18 -50.02 6.54
C ARG B 459 32.08 -48.53 6.38
N ALA B 460 31.43 -47.87 7.32
CA ALA B 460 31.25 -46.45 7.22
C ALA B 460 32.58 -45.80 7.15
N ALA B 461 33.49 -46.20 8.03
CA ALA B 461 34.79 -45.58 8.08
C ALA B 461 35.55 -45.75 6.79
N GLU B 462 35.40 -46.89 6.16
CA GLU B 462 36.09 -47.11 4.92
C GLU B 462 35.59 -46.18 3.85
N LEU B 463 34.33 -45.82 3.90
CA LEU B 463 33.76 -44.94 2.90
C LEU B 463 33.83 -43.51 3.33
N THR B 464 34.31 -43.27 4.53
CA THR B 464 34.44 -41.91 5.03
C THR B 464 35.70 -41.33 4.45
N PRO B 465 35.56 -40.23 3.72
CA PRO B 465 36.77 -39.73 3.11
C PRO B 465 37.47 -38.73 4.02
N PRO B 466 38.77 -38.51 3.79
CA PRO B 466 39.43 -37.49 4.58
C PRO B 466 38.86 -36.14 4.23
N THR B 467 38.57 -35.32 5.23
CA THR B 467 37.92 -34.05 4.96
C THR B 467 38.60 -32.87 5.61
N ALA B 468 38.43 -31.69 5.03
CA ALA B 468 39.04 -30.48 5.56
C ALA B 468 38.13 -29.30 5.27
N ALA B 469 38.25 -28.26 6.09
CA ALA B 469 37.45 -27.05 5.92
C ALA B 469 38.29 -25.92 5.35
N MET C 11 -13.08 65.91 19.76
CA MET C 11 -12.35 65.11 18.79
C MET C 11 -10.85 65.30 18.87
N PHE C 12 -10.15 64.21 19.17
CA PHE C 12 -8.71 64.17 19.27
C PHE C 12 -8.11 63.47 18.06
N ARG C 13 -6.86 63.80 17.75
CA ARG C 13 -6.15 63.23 16.61
C ARG C 13 -5.03 62.27 17.03
N THR C 14 -4.50 62.42 18.23
CA THR C 14 -3.39 61.60 18.72
C THR C 14 -3.83 60.91 20.00
N ILE C 15 -3.63 59.60 20.05
CA ILE C 15 -4.05 58.76 21.15
C ILE C 15 -2.84 58.00 21.68
N LEU C 16 -2.71 57.94 23.00
CA LEU C 16 -1.62 57.23 23.64
C LEU C 16 -2.15 55.94 24.25
N VAL C 17 -1.47 54.84 23.97
CA VAL C 17 -1.84 53.53 24.50
C VAL C 17 -0.92 53.26 25.68
N ALA C 18 -1.48 53.31 26.89
CA ALA C 18 -0.71 53.10 28.10
C ALA C 18 -0.69 51.61 28.45
N ASN C 19 -0.09 50.84 27.55
CA ASN C 19 -0.01 49.39 27.74
C ASN C 19 1.06 48.84 26.80
N ARG C 20 1.17 47.52 26.76
CA ARG C 20 2.21 46.82 26.01
C ARG C 20 1.61 45.59 25.33
N GLY C 21 2.42 44.95 24.50
CA GLY C 21 2.14 43.59 24.04
C GLY C 21 0.89 43.49 23.18
N GLU C 22 0.16 42.39 23.38
CA GLU C 22 -1.02 42.08 22.57
C GLU C 22 -1.98 43.26 22.52
N ILE C 23 -2.47 43.68 23.69
CA ILE C 23 -3.52 44.69 23.74
C ILE C 23 -3.05 45.98 23.09
N ALA C 24 -1.78 46.35 23.32
CA ALA C 24 -1.27 47.60 22.77
C ALA C 24 -1.33 47.61 21.25
N LEU C 25 -0.94 46.50 20.61
CA LEU C 25 -1.07 46.41 19.16
C LEU C 25 -2.53 46.47 18.74
N ARG C 26 -3.41 45.76 19.45
CA ARG C 26 -4.82 45.74 19.08
C ARG C 26 -5.41 47.14 19.06
N VAL C 27 -5.13 47.94 20.10
CA VAL C 27 -5.69 49.29 20.15
C VAL C 27 -5.11 50.14 19.02
N MET C 28 -3.82 49.99 18.74
CA MET C 28 -3.21 50.79 17.68
C MET C 28 -3.86 50.50 16.33
N ARG C 29 -4.10 49.22 16.03
CA ARG C 29 -4.76 48.86 14.78
C ARG C 29 -6.06 49.63 14.64
N ALA C 30 -6.83 49.71 15.72
CA ALA C 30 -8.04 50.51 15.73
C ALA C 30 -7.73 51.98 15.46
N CYS C 31 -6.65 52.48 16.05
CA CYS C 31 -6.25 53.88 15.82
C CYS C 31 -5.98 54.14 14.35
N ARG C 32 -5.18 53.27 13.72
CA ARG C 32 -4.85 53.47 12.31
C ARG C 32 -6.09 53.44 11.44
N GLU C 33 -6.98 52.49 11.69
CA GLU C 33 -8.18 52.37 10.86
C GLU C 33 -9.07 53.61 10.98
N LEU C 34 -9.11 54.22 12.16
CA LEU C 34 -9.89 55.43 12.36
C LEU C 34 -9.17 56.69 11.91
N GLY C 35 -7.98 56.57 11.33
CA GLY C 35 -7.24 57.73 10.88
C GLY C 35 -6.54 58.52 11.98
N LEU C 36 -6.26 57.91 13.12
CA LEU C 36 -5.69 58.56 14.28
C LEU C 36 -4.22 58.17 14.46
N ARG C 37 -3.49 59.03 15.18
CA ARG C 37 -2.07 58.81 15.46
C ARG C 37 -1.89 57.95 16.70
N CYS C 38 -0.94 57.02 16.63
CA CYS C 38 -0.63 56.12 17.73
C CYS C 38 0.71 56.50 18.33
N VAL C 39 0.73 56.66 19.65
CA VAL C 39 1.97 56.85 20.38
C VAL C 39 2.09 55.69 21.37
N ALA C 40 3.25 55.06 21.40
CA ALA C 40 3.50 53.92 22.26
C ALA C 40 4.27 54.35 23.50
N VAL C 41 4.11 53.59 24.58
CA VAL C 41 4.90 53.76 25.79
C VAL C 41 5.63 52.45 26.02
N TYR C 42 6.87 52.54 26.49
CA TYR C 42 7.65 51.33 26.65
C TYR C 42 8.60 51.47 27.82
N SER C 43 8.76 50.37 28.56
CA SER C 43 9.80 50.27 29.56
C SER C 43 11.11 49.85 28.89
N GLU C 44 12.19 49.90 29.67
CA GLU C 44 13.48 49.52 29.11
C GLU C 44 13.47 48.10 28.57
N ALA C 45 12.58 47.25 29.11
CA ALA C 45 12.46 45.89 28.59
C ALA C 45 11.82 45.85 27.22
N ASP C 46 10.87 46.75 26.94
CA ASP C 46 10.10 46.74 25.71
C ASP C 46 10.61 47.73 24.66
N ARG C 47 11.90 48.06 24.64
CA ARG C 47 12.37 48.95 23.59
C ARG C 47 12.25 48.29 22.22
N ASP C 48 12.58 47.00 22.14
CA ASP C 48 12.47 46.23 20.90
C ASP C 48 11.15 45.49 20.77
N ALA C 49 10.01 46.08 21.33
CA ALA C 49 8.74 45.38 21.34
C ALA C 49 7.91 45.71 20.11
N PRO C 50 7.04 44.79 19.69
CA PRO C 50 6.24 45.02 18.48
C PRO C 50 5.41 46.29 18.52
N HIS C 51 4.83 46.65 19.66
CA HIS C 51 3.95 47.81 19.69
C HIS C 51 4.73 49.13 19.54
N VAL C 52 5.98 49.18 19.99
CA VAL C 52 6.76 50.41 19.81
C VAL C 52 7.14 50.57 18.35
N ALA C 53 7.46 49.47 17.66
CA ALA C 53 7.76 49.56 16.24
C ALA C 53 6.54 49.98 15.45
N TYR C 54 5.37 49.44 15.81
CA TYR C 54 4.14 49.73 15.07
C TYR C 54 3.71 51.19 15.22
N ALA C 55 3.84 51.75 16.43
CA ALA C 55 3.28 53.05 16.72
C ALA C 55 3.92 54.14 15.86
N ASP C 56 3.17 55.24 15.69
CA ASP C 56 3.67 56.42 15.00
C ASP C 56 4.72 57.15 15.81
N ASP C 57 4.64 57.04 17.13
CA ASP C 57 5.53 57.70 18.06
C ASP C 57 5.70 56.81 19.27
N ALA C 58 6.78 57.02 20.03
CA ALA C 58 7.00 56.21 21.21
C ALA C 58 7.68 57.06 22.29
N PHE C 59 7.54 56.61 23.52
CA PHE C 59 8.13 57.29 24.66
C PHE C 59 8.62 56.25 25.66
N LEU C 60 9.79 56.51 26.25
CA LEU C 60 10.36 55.63 27.26
C LEU C 60 9.84 56.07 28.62
N ILE C 61 9.05 55.19 29.26
CA ILE C 61 8.40 55.54 30.53
C ILE C 61 9.16 55.11 31.78
N GLY C 62 10.09 54.16 31.70
CA GLY C 62 10.87 53.78 32.85
C GLY C 62 11.63 52.47 32.74
N PRO C 63 12.13 51.99 33.87
CA PRO C 63 12.85 50.70 33.90
C PRO C 63 11.88 49.53 33.82
N PRO C 64 12.40 48.31 33.70
CA PRO C 64 11.51 47.16 33.46
C PRO C 64 10.50 46.87 34.57
N SER C 65 10.75 47.30 35.79
CA SER C 65 9.83 47.00 36.87
C SER C 65 8.45 47.60 36.58
N PRO C 66 7.38 46.81 36.63
CA PRO C 66 6.05 47.37 36.33
C PRO C 66 5.68 48.54 37.23
N ALA C 67 6.07 48.50 38.51
CA ALA C 67 5.71 49.59 39.40
C ALA C 67 6.35 50.91 38.96
N GLU C 68 7.55 50.85 38.39
CA GLU C 68 8.29 52.03 37.98
C GLU C 68 8.06 52.43 36.54
N SER C 69 7.29 51.64 35.78
CA SER C 69 7.07 51.93 34.37
C SER C 69 5.57 52.05 34.07
N TYR C 70 4.96 50.94 33.64
CA TYR C 70 3.61 50.97 33.12
C TYR C 70 2.58 51.30 34.20
N LEU C 71 2.95 51.28 35.48
CA LEU C 71 2.05 51.64 36.56
C LEU C 71 2.32 53.05 37.10
N ASN C 72 3.26 53.77 36.53
CA ASN C 72 3.62 55.10 37.01
C ASN C 72 2.74 56.15 36.36
N ILE C 73 1.79 56.69 37.12
CA ILE C 73 0.85 57.66 36.57
C ILE C 73 1.60 58.87 36.03
N ASP C 74 2.51 59.43 36.81
CA ASP C 74 3.20 60.64 36.38
C ASP C 74 3.98 60.40 35.09
N ALA C 75 4.54 59.21 34.93
CA ALA C 75 5.30 58.91 33.73
C ALA C 75 4.41 58.94 32.49
N ILE C 76 3.23 58.34 32.59
CA ILE C 76 2.32 58.28 31.45
C ILE C 76 1.83 59.68 31.08
N ILE C 77 1.47 60.49 32.07
CA ILE C 77 1.08 61.86 31.78
C ILE C 77 2.25 62.60 31.13
N ARG C 78 3.47 62.36 31.62
CA ARG C 78 4.65 62.98 31.02
C ARG C 78 4.80 62.57 29.56
N ALA C 79 4.59 61.28 29.27
CA ALA C 79 4.68 60.82 27.88
C ALA C 79 3.64 61.49 27.00
N ALA C 80 2.41 61.63 27.50
CA ALA C 80 1.35 62.26 26.70
C ALA C 80 1.72 63.70 26.34
N LYS C 81 2.31 64.44 27.28
CA LYS C 81 2.70 65.81 26.99
C LYS C 81 3.84 65.87 25.98
N ALA C 82 4.84 65.02 26.14
CA ALA C 82 6.00 65.05 25.25
C ALA C 82 5.63 64.63 23.84
N THR C 83 4.74 63.66 23.69
CA THR C 83 4.36 63.12 22.40
C THR C 83 3.20 63.86 21.74
N GLY C 84 2.56 64.79 22.45
CA GLY C 84 1.44 65.49 21.87
C GLY C 84 0.13 64.75 21.91
N ALA C 85 0.04 63.67 22.68
CA ALA C 85 -1.20 62.91 22.77
C ALA C 85 -2.30 63.77 23.39
N GLU C 86 -3.53 63.57 22.91
CA GLU C 86 -4.69 64.28 23.45
C GLU C 86 -5.63 63.39 24.24
N ALA C 87 -5.52 62.08 24.08
CA ALA C 87 -6.29 61.13 24.87
C ALA C 87 -5.43 59.90 25.10
N ILE C 88 -5.79 59.12 26.12
CA ILE C 88 -5.04 57.93 26.50
C ILE C 88 -6.02 56.76 26.57
N HIS C 89 -5.64 55.64 25.95
CA HIS C 89 -6.40 54.41 26.05
C HIS C 89 -5.71 53.47 27.03
N PRO C 90 -6.36 53.08 28.13
CA PRO C 90 -5.65 52.27 29.13
C PRO C 90 -5.38 50.84 28.73
N GLY C 91 -6.20 50.25 27.87
CA GLY C 91 -6.06 48.82 27.62
C GLY C 91 -6.60 48.03 28.79
N TYR C 92 -6.02 46.85 29.02
CA TYR C 92 -6.35 46.03 30.19
C TYR C 92 -5.13 45.70 31.04
N GLY C 93 -5.28 45.83 32.36
CA GLY C 93 -4.28 45.35 33.31
C GLY C 93 -3.20 46.31 33.79
N PHE C 94 -3.17 47.54 33.31
CA PHE C 94 -2.16 48.49 33.76
C PHE C 94 -2.83 49.84 33.97
N LEU C 95 -2.96 50.24 35.23
CA LEU C 95 -3.63 51.49 35.56
C LEU C 95 -5.05 51.54 35.00
N ALA C 96 -5.50 50.47 34.36
CA ALA C 96 -6.89 50.38 33.97
C ALA C 96 -7.69 50.08 35.23
N GLU C 97 -8.88 50.66 35.32
CA GLU C 97 -9.67 50.52 36.53
C GLU C 97 -9.04 51.27 37.71
N ASN C 98 -8.11 52.18 37.41
CA ASN C 98 -7.47 53.04 38.39
C ASN C 98 -8.08 54.43 38.29
N ALA C 99 -8.99 54.75 39.21
CA ALA C 99 -9.62 56.06 39.16
C ALA C 99 -8.58 57.17 39.26
N SER C 100 -7.52 56.93 40.04
CA SER C 100 -6.45 57.92 40.19
C SER C 100 -5.83 58.28 38.85
N PHE C 101 -5.55 57.28 38.01
CA PHE C 101 -5.01 57.56 36.69
C PHE C 101 -5.99 58.37 35.86
N VAL C 102 -7.29 58.06 35.96
CA VAL C 102 -8.31 58.83 35.24
C VAL C 102 -8.33 60.27 35.71
N ARG C 103 -8.25 60.49 37.02
CA ARG C 103 -8.29 61.85 37.53
C ARG C 103 -7.07 62.63 37.07
N ALA C 104 -5.89 61.99 37.08
CA ALA C 104 -4.70 62.64 36.55
C ALA C 104 -4.85 62.95 35.06
N VAL C 105 -5.41 62.01 34.30
CA VAL C 105 -5.52 62.22 32.85
C VAL C 105 -6.50 63.34 32.56
N THR C 106 -7.63 63.36 33.26
CA THR C 106 -8.60 64.43 33.04
C THR C 106 -8.05 65.78 33.51
N ALA C 107 -7.31 65.77 34.63
CA ALA C 107 -6.73 67.01 35.14
C ALA C 107 -5.61 67.52 34.24
N ALA C 108 -4.94 66.63 33.52
CA ALA C 108 -3.88 67.01 32.60
C ALA C 108 -4.40 67.59 31.29
N GLY C 109 -5.72 67.65 31.10
CA GLY C 109 -6.31 68.15 29.88
C GLY C 109 -6.55 67.10 28.81
N LEU C 110 -6.39 65.83 29.15
CA LEU C 110 -6.51 64.72 28.21
C LEU C 110 -7.84 63.99 28.41
N ILE C 111 -8.26 63.30 27.35
CA ILE C 111 -9.47 62.49 27.40
C ILE C 111 -9.08 61.08 27.80
N PHE C 112 -9.77 60.53 28.80
CA PHE C 112 -9.59 59.14 29.19
C PHE C 112 -10.55 58.28 28.36
N ILE C 113 -10.00 57.39 27.57
CA ILE C 113 -10.81 56.51 26.73
C ILE C 113 -11.32 55.34 27.57
N GLY C 114 -12.31 55.61 28.41
CA GLY C 114 -12.89 54.61 29.26
C GLY C 114 -14.02 55.21 30.08
N PRO C 115 -14.51 54.47 31.07
CA PRO C 115 -15.56 55.00 31.92
C PRO C 115 -15.06 56.21 32.68
N PRO C 116 -15.95 57.06 33.17
CA PRO C 116 -15.51 58.18 34.02
C PRO C 116 -15.09 57.70 35.39
N ALA C 117 -14.31 58.54 36.08
CA ALA C 117 -13.70 58.13 37.34
C ALA C 117 -14.74 57.71 38.36
N GLU C 118 -15.80 58.50 38.52
CA GLU C 118 -16.79 58.23 39.55
C GLU C 118 -17.46 56.87 39.33
N ALA C 119 -17.82 56.57 38.08
CA ALA C 119 -18.40 55.27 37.79
C ALA C 119 -17.39 54.15 38.03
N MET C 120 -16.15 54.33 37.57
CA MET C 120 -15.11 53.33 37.76
C MET C 120 -14.94 52.99 39.24
N GLU C 121 -14.98 54.00 40.11
CA GLU C 121 -14.81 53.77 41.54
C GLU C 121 -15.97 52.97 42.12
N ARG C 122 -17.21 53.33 41.76
CA ARG C 122 -18.38 52.68 42.35
C ARG C 122 -18.38 51.18 42.09
N MET C 123 -17.75 50.72 41.01
CA MET C 123 -17.71 49.31 40.64
C MET C 123 -16.37 48.65 40.94
N GLY C 124 -15.49 49.31 41.68
CA GLY C 124 -14.18 48.74 41.92
C GLY C 124 -14.15 47.51 42.83
N GLY C 125 -14.55 47.69 44.09
CA GLY C 125 -14.46 46.61 45.05
C GLY C 125 -15.63 45.64 44.96
N LYS C 126 -15.35 44.38 45.26
CA LYS C 126 -16.39 43.35 45.20
C LYS C 126 -17.56 43.69 46.12
N THR C 127 -17.27 44.17 47.33
CA THR C 127 -18.35 44.56 48.24
C THR C 127 -19.09 45.78 47.72
N ALA C 128 -18.35 46.80 47.26
CA ALA C 128 -18.99 48.01 46.75
C ALA C 128 -19.83 47.72 45.52
N ALA C 129 -19.32 46.89 44.60
CA ALA C 129 -20.10 46.53 43.43
C ALA C 129 -21.36 45.77 43.80
N ARG C 130 -21.26 44.85 44.76
CA ARG C 130 -22.44 44.08 45.16
C ARG C 130 -23.55 45.02 45.66
N ARG C 131 -23.18 46.05 46.41
CA ARG C 131 -24.19 47.00 46.87
C ARG C 131 -24.84 47.70 45.69
N GLU C 132 -24.03 48.18 44.75
CA GLU C 132 -24.59 48.82 43.56
C GLU C 132 -25.41 47.82 42.75
N ALA C 133 -25.06 46.53 42.83
CA ALA C 133 -25.76 45.49 42.08
C ALA C 133 -27.09 45.10 42.73
N THR C 134 -27.17 45.09 44.07
CA THR C 134 -28.45 44.79 44.71
C THR C 134 -29.48 45.87 44.36
N ALA C 135 -29.07 47.13 44.45
CA ALA C 135 -29.85 48.16 43.79
C ALA C 135 -29.81 47.87 42.30
N ALA C 136 -30.88 48.21 41.59
CA ALA C 136 -31.03 47.94 40.17
C ALA C 136 -31.34 46.46 39.92
N GLY C 137 -31.58 45.68 40.96
CA GLY C 137 -32.15 44.35 40.80
C GLY C 137 -31.33 43.29 40.09
N VAL C 138 -30.03 43.27 40.30
CA VAL C 138 -29.17 42.22 39.74
C VAL C 138 -28.87 41.19 40.83
N PRO C 139 -29.10 39.91 40.59
CA PRO C 139 -28.86 38.91 41.64
C PRO C 139 -27.39 38.84 42.03
N VAL C 140 -27.15 38.58 43.31
CA VAL C 140 -25.80 38.38 43.84
C VAL C 140 -25.75 37.06 44.59
N VAL C 141 -24.54 36.61 44.89
CA VAL C 141 -24.37 35.37 45.65
C VAL C 141 -24.90 35.58 47.06
N PRO C 142 -25.82 34.74 47.54
CA PRO C 142 -26.34 34.92 48.90
C PRO C 142 -25.21 34.81 49.91
N GLY C 143 -24.97 35.91 50.62
CA GLY C 143 -23.87 35.92 51.58
C GLY C 143 -24.03 37.02 52.59
N VAL C 144 -23.26 36.90 53.67
CA VAL C 144 -23.25 37.88 54.75
C VAL C 144 -21.91 38.60 54.72
N LEU C 145 -21.95 39.93 54.72
CA LEU C 145 -20.73 40.72 54.62
C LEU C 145 -19.96 40.81 55.93
N GLU C 146 -20.63 40.64 57.06
CA GLU C 146 -20.05 40.73 58.40
C GLU C 146 -19.66 39.35 58.94
N PRO C 147 -18.77 39.33 59.93
CA PRO C 147 -18.37 38.04 60.53
C PRO C 147 -19.53 37.31 61.19
N VAL C 148 -19.44 35.98 61.19
CA VAL C 148 -20.47 35.11 61.74
C VAL C 148 -20.08 34.76 63.16
N THR C 149 -20.95 35.08 64.12
CA THR C 149 -20.56 35.04 65.54
C THR C 149 -20.42 33.61 66.04
N ASP C 150 -21.41 32.76 65.82
CA ASP C 150 -21.43 31.43 66.42
C ASP C 150 -21.90 30.40 65.40
N ALA C 151 -21.84 29.13 65.79
CA ALA C 151 -22.25 28.06 64.88
C ALA C 151 -23.74 28.13 64.57
N ALA C 152 -24.55 28.58 65.53
CA ALA C 152 -25.99 28.66 65.31
C ALA C 152 -26.31 29.61 64.15
N GLU C 153 -25.59 30.73 64.05
CA GLU C 153 -25.84 31.65 62.95
C GLU C 153 -25.53 31.00 61.60
N VAL C 154 -24.50 30.16 61.54
CA VAL C 154 -24.20 29.44 60.30
C VAL C 154 -25.39 28.58 59.88
N ARG C 155 -25.95 27.83 60.82
CA ARG C 155 -27.11 27.01 60.49
C ARG C 155 -28.27 27.88 60.07
N ARG C 156 -28.54 28.95 60.82
CA ARG C 156 -29.61 29.86 60.46
C ARG C 156 -29.35 30.46 59.08
N LEU C 157 -28.10 30.88 58.84
CA LEU C 157 -27.72 31.30 57.50
C LEU C 157 -27.85 30.14 56.52
N GLY C 158 -27.76 28.91 57.02
CA GLY C 158 -27.98 27.76 56.16
C GLY C 158 -29.42 27.65 55.70
N LYS C 159 -30.37 27.93 56.60
CA LYS C 159 -31.78 27.95 56.19
C LYS C 159 -32.06 29.07 55.19
N GLU C 160 -31.56 30.28 55.45
CA GLU C 160 -31.85 31.40 54.56
C GLU C 160 -31.32 31.12 53.16
N PHE C 161 -30.08 30.65 53.07
CA PHE C 161 -29.45 30.51 51.77
C PHE C 161 -29.78 29.18 51.11
N GLY C 162 -29.84 28.11 51.89
CA GLY C 162 -30.07 26.81 51.30
C GLY C 162 -28.77 26.07 51.10
N TYR C 163 -28.67 24.86 51.62
CA TYR C 163 -27.42 24.11 51.52
C TYR C 163 -27.17 23.69 50.07
N PRO C 164 -25.91 23.68 49.62
CA PRO C 164 -24.66 23.88 50.37
C PRO C 164 -24.33 25.35 50.64
N ILE C 165 -23.56 25.57 51.73
CA ILE C 165 -23.05 26.88 52.09
C ILE C 165 -21.53 26.75 52.27
N ALA C 166 -20.87 27.90 52.41
CA ALA C 166 -19.41 27.91 52.51
C ALA C 166 -18.99 28.86 53.63
N ILE C 167 -18.08 28.39 54.47
CA ILE C 167 -17.52 29.16 55.57
C ILE C 167 -16.18 29.73 55.13
N LYS C 168 -15.98 31.03 55.37
CA LYS C 168 -14.75 31.71 54.97
C LYS C 168 -14.15 32.52 56.12
N ARG C 179 -14.33 26.13 53.94
CA ARG C 179 -14.90 24.80 53.97
C ARG C 179 -16.32 24.80 53.41
N VAL C 180 -16.73 23.67 52.84
CA VAL C 180 -18.04 23.51 52.22
C VAL C 180 -18.88 22.61 53.12
N VAL C 181 -20.04 23.11 53.53
CA VAL C 181 -20.95 22.42 54.44
C VAL C 181 -22.17 21.98 53.65
N ARG C 182 -22.48 20.69 53.70
CA ARG C 182 -23.59 20.15 52.93
C ARG C 182 -24.85 19.97 53.76
N SER C 183 -24.72 19.88 55.07
CA SER C 183 -25.83 19.64 55.99
C SER C 183 -25.60 20.48 57.25
N PRO C 184 -26.66 20.69 58.05
CA PRO C 184 -26.45 21.39 59.32
C PRO C 184 -25.50 20.66 60.25
N GLU C 185 -25.46 19.32 60.20
CA GLU C 185 -24.57 18.60 61.09
C GLU C 185 -23.11 18.85 60.72
N GLU C 186 -22.81 18.97 59.43
CA GLU C 186 -21.42 19.22 59.07
C GLU C 186 -20.99 20.64 59.41
N VAL C 187 -21.95 21.54 59.70
CA VAL C 187 -21.58 22.92 59.97
C VAL C 187 -21.07 23.02 61.39
N ASP C 188 -21.54 22.13 62.25
CA ASP C 188 -21.11 22.16 63.64
C ASP C 188 -19.63 21.79 63.75
N GLU C 189 -19.22 20.72 63.07
CA GLU C 189 -17.82 20.32 63.06
C GLU C 189 -16.97 21.26 62.20
N ALA C 190 -17.46 21.61 61.01
CA ALA C 190 -16.65 22.41 60.09
C ALA C 190 -16.34 23.79 60.66
N PHE C 191 -17.32 24.41 61.32
CA PHE C 191 -17.06 25.70 61.95
C PHE C 191 -15.93 25.60 62.96
N ALA C 192 -15.90 24.51 63.72
CA ALA C 192 -14.81 24.29 64.67
C ALA C 192 -13.48 24.19 63.97
N ALA C 193 -13.41 23.46 62.85
CA ALA C 193 -12.15 23.26 62.16
C ALA C 193 -11.57 24.57 61.64
N ALA C 194 -12.42 25.45 61.09
CA ALA C 194 -11.88 26.68 60.52
C ALA C 194 -11.30 27.59 61.61
N ARG C 195 -11.99 27.72 62.74
CA ARG C 195 -11.47 28.54 63.83
C ARG C 195 -10.31 27.84 64.53
N LEU C 207 -16.09 34.87 60.88
CA LEU C 207 -15.81 34.44 59.52
C LEU C 207 -16.85 35.03 58.58
N TYR C 208 -17.11 34.34 57.47
CA TYR C 208 -18.20 34.76 56.61
C TYR C 208 -18.82 33.52 55.98
N VAL C 209 -20.08 33.65 55.58
CA VAL C 209 -20.83 32.55 54.99
C VAL C 209 -21.43 33.02 53.68
N GLU C 210 -21.36 32.17 52.65
CA GLU C 210 -21.98 32.45 51.36
C GLU C 210 -22.43 31.13 50.74
N LYS C 211 -23.40 31.21 49.84
CA LYS C 211 -23.87 30.02 49.16
C LYS C 211 -22.78 29.48 48.24
N TYR C 212 -22.67 28.16 48.17
CA TYR C 212 -21.64 27.49 47.37
C TYR C 212 -22.29 26.82 46.16
N LEU C 213 -21.66 26.97 45.01
CA LEU C 213 -22.13 26.38 43.76
C LEU C 213 -21.22 25.22 43.39
N ASP C 214 -21.80 24.02 43.28
CA ASP C 214 -20.99 22.82 43.06
C ASP C 214 -20.25 22.90 41.73
N ASP C 215 -20.99 23.06 40.64
CA ASP C 215 -20.43 23.06 39.30
C ASP C 215 -20.98 24.27 38.54
N PRO C 216 -20.50 25.47 38.86
CA PRO C 216 -21.00 26.67 38.17
C PRO C 216 -20.32 26.85 36.82
N ARG C 217 -20.82 27.84 36.09
CA ARG C 217 -20.28 28.23 34.80
C ARG C 217 -20.01 29.72 34.83
N HIS C 218 -18.91 30.14 34.23
CA HIS C 218 -18.51 31.55 34.22
C HIS C 218 -19.14 32.22 33.01
N ILE C 219 -20.17 33.02 33.24
CA ILE C 219 -20.87 33.74 32.17
C ILE C 219 -20.72 35.23 32.43
N GLU C 220 -20.29 35.97 31.41
CA GLU C 220 -20.08 37.40 31.51
C GLU C 220 -20.81 38.09 30.38
N ILE C 221 -21.25 39.32 30.63
CA ILE C 221 -22.07 40.09 29.70
C ILE C 221 -21.32 41.35 29.30
N GLN C 222 -21.27 41.61 27.99
CA GLN C 222 -20.59 42.77 27.45
C GLN C 222 -21.52 43.97 27.40
N VAL C 223 -21.01 45.12 27.84
CA VAL C 223 -21.77 46.36 27.85
C VAL C 223 -20.97 47.43 27.12
N LEU C 224 -21.66 48.19 26.29
CA LEU C 224 -21.13 49.37 25.62
C LEU C 224 -22.04 50.51 26.00
N ALA C 225 -21.47 51.65 26.38
CA ALA C 225 -22.26 52.75 26.88
C ALA C 225 -21.85 54.04 26.18
N ASP C 226 -22.72 55.02 26.29
CA ASP C 226 -22.56 56.28 25.59
C ASP C 226 -22.43 57.39 26.61
N ARG C 227 -21.88 58.53 26.18
CA ARG C 227 -21.76 59.68 27.07
C ARG C 227 -23.13 60.25 27.43
N TYR C 228 -24.16 59.92 26.65
CA TYR C 228 -25.48 60.52 26.76
C TYR C 228 -26.50 59.57 27.39
N GLY C 229 -26.04 58.51 28.06
CA GLY C 229 -26.94 57.64 28.79
C GLY C 229 -27.47 56.46 27.99
N ASN C 230 -27.00 56.27 26.77
CA ASN C 230 -27.41 55.14 25.95
C ASN C 230 -26.54 53.93 26.27
N ALA C 231 -27.19 52.79 26.52
CA ALA C 231 -26.48 51.58 26.90
C ALA C 231 -27.01 50.40 26.10
N VAL C 232 -26.12 49.47 25.78
CA VAL C 232 -26.45 48.29 24.99
C VAL C 232 -25.72 47.09 25.57
N ALA C 233 -26.31 45.92 25.44
CA ALA C 233 -25.71 44.67 25.88
C ALA C 233 -25.32 43.87 24.64
N LEU C 234 -24.03 43.54 24.51
CA LEU C 234 -23.52 42.87 23.32
C LEU C 234 -23.28 41.39 23.56
N GLY C 235 -24.09 40.77 24.40
CA GLY C 235 -24.09 39.32 24.49
C GLY C 235 -23.28 38.82 25.67
N GLU C 236 -23.14 37.50 25.71
CA GLU C 236 -22.46 36.80 26.78
C GLU C 236 -21.18 36.14 26.27
N ARG C 237 -20.40 35.59 27.20
CA ARG C 237 -19.21 34.85 26.86
C ARG C 237 -19.04 33.79 27.95
N ASP C 238 -18.64 32.58 27.59
CA ASP C 238 -18.40 31.54 28.57
C ASP C 238 -16.93 31.38 28.70
N CYS C 239 -16.39 31.83 29.81
CA CYS C 239 -14.98 31.75 30.03
C CYS C 239 -14.78 30.87 31.23
N SER C 240 -15.22 29.63 31.14
CA SER C 240 -15.17 28.75 32.29
C SER C 240 -14.02 27.81 32.34
N VAL C 241 -13.41 27.52 31.21
CA VAL C 241 -12.23 26.69 31.24
C VAL C 241 -11.17 27.53 31.88
N GLN C 242 -10.96 27.34 33.17
CA GLN C 242 -10.02 28.17 33.87
C GLN C 242 -9.26 27.42 34.94
N ARG C 243 -7.99 27.75 35.12
CA ARG C 243 -7.20 27.13 36.17
C ARG C 243 -6.99 28.15 37.24
N ARG C 244 -7.11 27.76 38.50
CA ARG C 244 -6.89 28.67 39.60
C ARG C 244 -7.38 30.06 39.28
N HIS C 245 -8.65 30.17 38.92
CA HIS C 245 -9.24 31.46 38.63
C HIS C 245 -8.54 32.27 37.56
N GLN C 246 -8.02 31.60 36.54
CA GLN C 246 -7.38 32.29 35.42
C GLN C 246 -7.87 31.68 34.15
N LYS C 247 -8.45 32.48 33.28
CA LYS C 247 -9.06 31.95 32.07
C LYS C 247 -8.11 31.46 31.03
N LEU C 248 -8.47 30.40 30.35
CA LEU C 248 -7.61 29.83 29.35
C LEU C 248 -8.34 29.76 28.01
N ILE C 249 -9.58 29.27 27.98
CA ILE C 249 -10.36 29.23 26.76
C ILE C 249 -11.63 30.04 26.99
N GLU C 250 -12.05 30.78 25.97
CA GLU C 250 -13.27 31.58 26.04
C GLU C 250 -14.05 31.38 24.76
N GLU C 251 -15.38 31.32 24.88
CA GLU C 251 -16.22 31.16 23.71
C GLU C 251 -17.47 32.03 23.81
N CYS C 252 -18.02 32.34 22.63
CA CYS C 252 -19.25 33.09 22.44
C CYS C 252 -20.03 32.45 21.30
N PRO C 253 -21.35 32.23 21.45
CA PRO C 253 -22.15 32.41 22.68
C PRO C 253 -21.90 31.27 23.65
N SER C 254 -22.46 31.35 24.84
CA SER C 254 -22.30 30.25 25.77
C SER C 254 -23.31 29.16 25.46
N PRO C 255 -22.87 27.90 25.32
CA PRO C 255 -23.84 26.82 25.09
C PRO C 255 -24.82 26.63 26.23
N ALA C 256 -24.48 27.12 27.43
CA ALA C 256 -25.33 26.92 28.59
C ALA C 256 -26.47 27.92 28.67
N LEU C 257 -26.36 29.08 28.02
CA LEU C 257 -27.41 30.07 28.07
C LEU C 257 -28.48 29.79 27.03
N THR C 258 -29.72 30.07 27.40
CA THR C 258 -30.91 30.05 26.58
C THR C 258 -31.29 31.46 26.18
N PRO C 259 -32.04 31.62 25.09
CA PRO C 259 -32.45 32.97 24.68
C PRO C 259 -33.11 33.75 25.80
N GLU C 260 -33.87 33.07 26.66
CA GLU C 260 -34.56 33.76 27.73
C GLU C 260 -33.56 34.33 28.73
N LEU C 261 -32.60 33.52 29.15
CA LEU C 261 -31.58 33.98 30.08
C LEU C 261 -30.75 35.10 29.46
N ARG C 262 -30.46 34.98 28.17
CA ARG C 262 -29.65 35.98 27.48
C ARG C 262 -30.29 37.36 27.55
N ALA C 263 -31.61 37.45 27.32
CA ALA C 263 -32.26 38.74 27.40
C ALA C 263 -32.26 39.28 28.82
N GLU C 264 -32.62 38.45 29.79
CA GLU C 264 -32.67 38.88 31.18
C GLU C 264 -31.30 39.36 31.65
N MET C 265 -30.25 38.59 31.36
CA MET C 265 -28.92 38.96 31.83
C MET C 265 -28.44 40.24 31.15
N GLY C 266 -28.64 40.35 29.83
CA GLY C 266 -28.24 41.57 29.15
C GLY C 266 -28.96 42.79 29.68
N ALA C 267 -30.27 42.68 29.90
CA ALA C 267 -31.02 43.79 30.46
C ALA C 267 -30.46 44.17 31.82
N ALA C 268 -30.20 43.17 32.67
CA ALA C 268 -29.62 43.46 33.97
C ALA C 268 -28.30 44.21 33.82
N ALA C 269 -27.48 43.78 32.87
CA ALA C 269 -26.21 44.45 32.64
C ALA C 269 -26.42 45.91 32.28
N VAL C 270 -27.35 46.18 31.37
CA VAL C 270 -27.61 47.57 30.98
C VAL C 270 -28.18 48.36 32.15
N ARG C 271 -29.06 47.72 32.92
CA ARG C 271 -29.65 48.38 34.08
C ARG C 271 -28.59 48.81 35.08
N LEU C 272 -27.68 47.89 35.42
CA LEU C 272 -26.61 48.21 36.36
C LEU C 272 -25.73 49.33 35.82
N ALA C 273 -25.40 49.26 34.53
CA ALA C 273 -24.52 50.26 33.94
C ALA C 273 -25.15 51.65 34.02
N LYS C 274 -26.44 51.75 33.69
CA LYS C 274 -27.09 53.05 33.68
C LYS C 274 -27.14 53.66 35.08
N ALA C 275 -27.37 52.83 36.10
CA ALA C 275 -27.41 53.35 37.46
C ALA C 275 -26.06 53.93 37.88
N VAL C 276 -24.97 53.28 37.46
CA VAL C 276 -23.63 53.70 37.84
C VAL C 276 -23.06 54.78 36.93
N GLY C 277 -23.74 55.12 35.84
CA GLY C 277 -23.25 56.15 34.94
C GLY C 277 -22.17 55.69 33.98
N TYR C 278 -22.21 54.44 33.55
CA TYR C 278 -21.11 53.87 32.77
C TYR C 278 -20.96 54.56 31.42
N VAL C 279 -19.71 54.58 30.94
CA VAL C 279 -19.37 55.07 29.61
C VAL C 279 -18.28 54.16 29.06
N SER C 280 -18.38 53.81 27.78
CA SER C 280 -17.45 52.95 27.06
C SER C 280 -17.76 51.47 27.26
N ALA C 281 -16.74 50.63 27.11
CA ALA C 281 -16.91 49.19 27.17
C ALA C 281 -16.74 48.67 28.60
N GLY C 282 -17.52 47.66 28.93
CA GLY C 282 -17.44 47.05 30.24
C GLY C 282 -17.94 45.62 30.16
N THR C 283 -17.56 44.84 31.16
CA THR C 283 -17.94 43.43 31.21
C THR C 283 -18.45 43.13 32.60
N LEU C 284 -19.66 42.57 32.68
CA LEU C 284 -20.25 42.14 33.93
C LEU C 284 -20.12 40.63 34.02
N GLU C 285 -19.45 40.14 35.04
CA GLU C 285 -19.20 38.72 35.19
C GLU C 285 -20.21 38.13 36.16
N PHE C 286 -20.82 37.01 35.76
CA PHE C 286 -21.82 36.33 36.55
C PHE C 286 -21.39 34.89 36.77
N LEU C 287 -22.08 34.24 37.68
CA LEU C 287 -21.97 32.81 37.88
C LEU C 287 -23.32 32.19 37.55
N PHE C 288 -23.28 31.08 36.83
CA PHE C 288 -24.50 30.45 36.33
C PHE C 288 -24.53 29.03 36.87
N GLN C 289 -25.58 28.72 37.64
CA GLN C 289 -25.75 27.39 38.19
C GLN C 289 -27.23 27.06 38.23
N ASP C 290 -27.58 25.88 37.71
CA ASP C 290 -28.94 25.36 37.82
C ASP C 290 -29.98 26.38 37.39
N GLY C 291 -29.72 27.02 36.24
CA GLY C 291 -30.66 27.96 35.69
C GLY C 291 -30.72 29.31 36.37
N ARG C 292 -29.86 29.58 37.34
CA ARG C 292 -29.85 30.83 38.08
C ARG C 292 -28.49 31.50 37.93
N TYR C 293 -28.49 32.83 37.78
CA TYR C 293 -27.26 33.59 37.59
C TYR C 293 -27.04 34.56 38.76
N TYR C 294 -25.77 34.71 39.15
CA TYR C 294 -25.37 35.53 40.29
C TYR C 294 -24.19 36.42 39.91
N PHE C 295 -24.29 37.71 40.24
CA PHE C 295 -23.26 38.68 39.93
C PHE C 295 -22.04 38.54 40.82
N LEU C 296 -20.85 38.66 40.22
CA LEU C 296 -19.58 38.65 40.96
C LEU C 296 -18.87 39.99 40.87
N GLU C 297 -18.36 40.38 39.70
CA GLU C 297 -17.59 41.60 39.56
C GLU C 297 -17.83 42.21 38.19
N MET C 298 -17.51 43.50 38.09
CA MET C 298 -17.54 44.22 36.83
C MET C 298 -16.15 44.75 36.52
N ASN C 299 -15.65 44.43 35.34
CA ASN C 299 -14.34 44.86 34.92
C ASN C 299 -14.61 46.13 34.21
N THR C 300 -13.88 47.16 34.57
CA THR C 300 -14.18 48.45 34.01
C THR C 300 -13.69 48.87 32.63
N ARG C 301 -13.05 47.95 31.96
CA ARG C 301 -12.41 48.30 30.75
C ARG C 301 -12.62 47.32 29.69
N ILE C 302 -11.67 47.30 28.79
CA ILE C 302 -11.77 46.34 27.70
C ILE C 302 -11.46 44.94 28.22
N GLN C 303 -12.00 43.93 27.56
CA GLN C 303 -11.79 42.55 27.95
C GLN C 303 -10.73 41.88 27.08
N VAL C 304 -9.91 41.04 27.71
CA VAL C 304 -8.94 40.25 26.95
C VAL C 304 -9.66 39.38 25.93
N GLU C 305 -10.79 38.81 26.33
CA GLU C 305 -11.58 37.94 25.48
C GLU C 305 -12.67 38.70 24.73
N HIS C 306 -12.58 40.03 24.66
CA HIS C 306 -13.53 40.78 23.87
C HIS C 306 -13.52 40.31 22.42
N THR C 307 -12.46 39.61 22.02
CA THR C 307 -12.32 39.19 20.63
C THR C 307 -13.46 38.30 20.17
N VAL C 308 -13.86 37.31 20.98
CA VAL C 308 -14.95 36.42 20.55
C VAL C 308 -16.23 37.21 20.32
N THR C 309 -16.54 38.15 21.22
CA THR C 309 -17.70 39.01 21.03
C THR C 309 -17.61 39.81 19.73
N GLU C 310 -16.41 40.32 19.42
CA GLU C 310 -16.25 41.09 18.19
C GLU C 310 -16.54 40.25 16.96
N MET C 311 -16.13 38.98 16.99
CA MET C 311 -16.27 38.14 15.81
C MET C 311 -17.70 37.65 15.63
N VAL C 312 -18.42 37.42 16.73
CA VAL C 312 -19.79 36.92 16.63
C VAL C 312 -20.77 38.05 16.36
N TYR C 313 -20.58 39.22 16.98
CA TYR C 313 -21.51 40.32 16.82
C TYR C 313 -21.02 41.38 15.83
N GLY C 314 -19.86 41.19 15.21
CA GLY C 314 -19.44 42.09 14.15
C GLY C 314 -19.26 43.53 14.58
N ILE C 315 -18.66 43.75 15.75
CA ILE C 315 -18.45 45.10 16.27
C ILE C 315 -16.98 45.25 16.65
N ASP C 316 -16.40 46.41 16.30
CA ASP C 316 -15.08 46.79 16.76
C ASP C 316 -15.25 47.52 18.08
N LEU C 317 -14.97 46.83 19.19
CA LEU C 317 -15.18 47.46 20.49
C LEU C 317 -14.15 48.56 20.76
N VAL C 318 -12.89 48.35 20.35
CA VAL C 318 -11.89 49.38 20.56
C VAL C 318 -12.22 50.62 19.75
N ALA C 319 -12.65 50.43 18.50
CA ALA C 319 -13.11 51.57 17.72
C ALA C 319 -14.32 52.21 18.36
N ALA C 320 -15.24 51.40 18.89
CA ALA C 320 -16.40 51.96 19.57
C ALA C 320 -15.96 52.80 20.76
N GLN C 321 -14.99 52.30 21.55
CA GLN C 321 -14.47 53.08 22.66
C GLN C 321 -13.93 54.42 22.18
N ILE C 322 -13.16 54.43 21.09
CA ILE C 322 -12.58 55.68 20.63
C ILE C 322 -13.68 56.66 20.21
N ARG C 323 -14.68 56.16 19.48
CA ARG C 323 -15.77 57.02 19.03
C ARG C 323 -16.55 57.59 20.22
N ILE C 324 -16.89 56.73 21.18
CA ILE C 324 -17.59 57.21 22.36
C ILE C 324 -16.75 58.26 23.08
N ALA C 325 -15.43 58.14 22.99
CA ALA C 325 -14.54 59.07 23.68
C ALA C 325 -14.59 60.47 23.06
N GLN C 326 -14.67 60.56 21.73
CA GLN C 326 -14.79 61.87 21.11
C GLN C 326 -16.20 62.44 21.14
N GLY C 327 -17.16 61.72 21.70
CA GLY C 327 -18.50 62.25 21.90
C GLY C 327 -19.58 61.77 20.96
N GLU C 328 -19.32 60.79 20.10
CA GLU C 328 -20.37 60.25 19.25
C GLU C 328 -21.41 59.53 20.11
N LYS C 329 -22.69 59.72 19.79
CA LYS C 329 -23.75 58.94 20.41
C LYS C 329 -23.81 57.56 19.80
N LEU C 330 -24.29 56.59 20.58
CA LEU C 330 -24.34 55.22 20.09
C LEU C 330 -25.03 55.17 18.73
N TRP C 331 -24.37 54.53 17.78
CA TRP C 331 -24.84 54.47 16.40
C TRP C 331 -25.75 53.29 16.12
N PHE C 332 -26.13 52.55 17.16
CA PHE C 332 -27.00 51.39 16.99
C PHE C 332 -27.79 51.19 18.28
N LYS C 333 -28.80 50.32 18.19
CA LYS C 333 -29.69 50.03 19.30
C LYS C 333 -29.70 48.54 19.55
N GLN C 334 -30.26 48.15 20.70
CA GLN C 334 -30.21 46.75 21.09
C GLN C 334 -30.82 45.86 20.02
N GLU C 335 -31.79 46.36 19.27
CA GLU C 335 -32.40 45.57 18.19
C GLU C 335 -31.41 45.24 17.09
N ASP C 336 -30.42 46.10 16.86
CA ASP C 336 -29.39 45.86 15.85
C ASP C 336 -28.31 44.88 16.33
N VAL C 337 -28.27 44.56 17.62
CA VAL C 337 -27.25 43.66 18.15
C VAL C 337 -27.70 42.24 17.82
N VAL C 338 -27.06 41.62 16.85
CA VAL C 338 -27.46 40.28 16.40
C VAL C 338 -26.26 39.34 16.36
N PRO C 339 -26.33 38.19 17.02
CA PRO C 339 -25.22 37.23 16.97
C PRO C 339 -25.25 36.42 15.70
N ARG C 340 -24.08 36.21 15.10
CA ARG C 340 -23.91 35.35 13.94
C ARG C 340 -22.73 34.43 14.18
N GLY C 341 -22.94 33.12 14.08
CA GLY C 341 -21.84 32.19 14.18
C GLY C 341 -21.41 31.92 15.61
N HIS C 342 -20.29 31.20 15.74
CA HIS C 342 -19.73 30.86 17.04
C HIS C 342 -18.22 31.09 17.00
N ALA C 343 -17.69 31.69 18.06
CA ALA C 343 -16.28 32.02 18.17
C ALA C 343 -15.70 31.45 19.46
N ILE C 344 -14.46 30.98 19.37
CA ILE C 344 -13.72 30.45 20.52
C ILE C 344 -12.33 31.08 20.52
N GLU C 345 -11.82 31.40 21.70
CA GLU C 345 -10.48 31.96 21.86
C GLU C 345 -9.62 31.13 22.79
N CYS C 346 -8.42 30.79 22.34
CA CYS C 346 -7.42 30.13 23.17
C CYS C 346 -6.30 31.11 23.46
N ARG C 347 -5.93 31.22 24.73
CA ARG C 347 -4.87 32.11 25.13
C ARG C 347 -3.54 31.38 25.00
N ILE C 348 -2.63 31.93 24.20
CA ILE C 348 -1.30 31.34 24.03
C ILE C 348 -0.43 31.92 25.15
N ASN C 349 -0.38 31.20 26.25
CA ASN C 349 0.30 31.63 27.47
C ASN C 349 1.66 30.96 27.53
N ALA C 350 2.70 31.74 27.84
CA ALA C 350 4.05 31.20 28.01
C ALA C 350 4.11 30.46 29.33
N GLU C 351 3.54 29.26 29.34
CA GLU C 351 3.48 28.44 30.54
C GLU C 351 3.65 26.97 30.16
N ASP C 352 4.15 26.17 31.11
CA ASP C 352 4.30 24.74 30.89
C ASP C 352 3.05 24.04 31.37
N PRO C 353 2.19 23.53 30.48
CA PRO C 353 1.01 22.80 30.96
C PRO C 353 1.34 21.53 31.73
N LEU C 354 2.40 20.85 31.35
CA LEU C 354 2.71 19.60 32.00
C LEU C 354 3.21 19.79 33.43
N HIS C 355 3.52 21.03 33.82
CA HIS C 355 4.05 21.29 35.15
C HIS C 355 3.37 22.45 35.85
N ASN C 356 2.11 22.29 36.19
CA ASN C 356 1.36 23.32 36.90
C ASN C 356 1.49 24.72 36.36
N PHE C 357 1.31 24.89 35.05
CA PHE C 357 1.34 26.20 34.42
C PHE C 357 2.41 27.08 34.98
N ARG C 358 3.64 26.60 34.94
CA ARG C 358 4.74 27.33 35.49
C ARG C 358 5.24 28.25 34.44
N PRO C 359 5.39 29.51 34.79
CA PRO C 359 5.91 30.48 33.85
C PRO C 359 7.13 29.99 33.11
N ALA C 360 7.06 30.00 31.79
CA ALA C 360 8.19 29.63 30.98
C ALA C 360 8.65 30.87 30.28
N LEU C 361 9.94 30.98 30.08
CA LEU C 361 10.46 32.16 29.47
C LEU C 361 11.52 31.77 28.50
N GLY C 362 12.04 32.76 27.79
CA GLY C 362 13.08 32.48 26.83
C GLY C 362 12.91 33.37 25.62
N THR C 363 13.59 32.98 24.54
CA THR C 363 13.54 33.71 23.28
C THR C 363 12.89 32.84 22.22
N ILE C 364 11.90 33.40 21.54
CA ILE C 364 11.22 32.73 20.44
C ILE C 364 12.10 32.82 19.20
N GLY C 365 12.41 31.68 18.60
CA GLY C 365 13.20 31.72 17.38
C GLY C 365 12.33 31.98 16.17
N GLU C 366 11.64 30.95 15.68
CA GLU C 366 10.81 31.09 14.49
C GLU C 366 9.34 31.19 14.88
N TYR C 367 8.65 32.13 14.25
CA TYR C 367 7.26 32.47 14.57
C TYR C 367 6.47 32.35 13.28
N HIS C 368 5.54 31.42 13.24
CA HIS C 368 4.63 31.26 12.10
C HIS C 368 3.22 31.14 12.64
N GLU C 369 2.40 32.14 12.37
CA GLU C 369 1.05 32.24 12.88
C GLU C 369 0.09 31.46 11.99
N PRO C 370 -0.93 30.83 12.56
CA PRO C 370 -1.90 30.14 11.70
C PRO C 370 -2.71 31.16 10.93
N VAL C 371 -3.13 30.78 9.73
CA VAL C 371 -3.82 31.69 8.83
C VAL C 371 -5.01 30.98 8.22
N GLY C 372 -6.01 31.75 7.83
CA GLY C 372 -7.12 31.23 7.07
C GLY C 372 -8.40 31.99 7.35
N PHE C 373 -9.45 31.56 6.66
CA PHE C 373 -10.77 32.16 6.87
C PHE C 373 -11.26 31.79 8.26
N GLY C 374 -11.68 32.80 9.02
CA GLY C 374 -12.14 32.58 10.37
C GLY C 374 -11.05 32.38 11.40
N VAL C 375 -9.80 32.72 11.09
CA VAL C 375 -8.69 32.67 12.04
C VAL C 375 -8.21 34.09 12.27
N ARG C 376 -8.14 34.49 13.53
CA ARG C 376 -7.62 35.78 13.95
C ARG C 376 -6.59 35.55 15.05
N VAL C 377 -5.45 36.23 14.94
CA VAL C 377 -4.40 36.13 15.94
C VAL C 377 -4.04 37.52 16.44
N ASP C 378 -4.30 37.76 17.72
CA ASP C 378 -3.89 38.99 18.39
C ASP C 378 -2.64 38.68 19.18
N SER C 379 -1.49 39.18 18.73
CA SER C 379 -0.20 38.75 19.25
C SER C 379 0.60 39.94 19.74
N GLY C 380 1.54 39.66 20.64
CA GLY C 380 2.46 40.66 21.14
C GLY C 380 3.91 40.25 20.99
N VAL C 381 4.15 39.22 20.19
CA VAL C 381 5.48 38.66 19.99
C VAL C 381 5.75 38.59 18.49
N ARG C 382 7.01 38.31 18.15
CA ARG C 382 7.43 38.17 16.76
C ARG C 382 8.48 37.06 16.71
N ALA C 383 8.97 36.79 15.50
CA ALA C 383 10.06 35.81 15.38
C ALA C 383 11.36 36.43 15.88
N TYR C 384 12.18 35.61 16.54
CA TYR C 384 13.46 36.06 17.10
C TYR C 384 13.25 37.21 18.08
N TYR C 385 12.37 36.98 19.04
CA TYR C 385 12.02 37.93 20.08
C TYR C 385 12.26 37.29 21.44
N THR C 386 13.02 37.97 22.30
CA THR C 386 13.22 37.51 23.66
C THR C 386 12.09 38.07 24.53
N VAL C 387 11.32 37.17 25.15
CA VAL C 387 10.10 37.54 25.87
C VAL C 387 10.44 38.14 27.24
N PRO C 388 10.06 39.39 27.50
CA PRO C 388 10.29 39.97 28.83
C PRO C 388 9.65 39.10 29.91
N SER C 389 10.39 38.88 30.99
CA SER C 389 9.93 38.07 32.11
C SER C 389 9.22 38.88 33.18
N HIS C 390 9.36 40.18 33.14
CA HIS C 390 8.81 41.02 34.19
C HIS C 390 7.33 41.21 34.14
N TYR C 391 6.66 40.60 33.18
CA TYR C 391 5.25 40.87 33.02
C TYR C 391 4.35 39.67 32.95
N ASP C 392 3.41 39.66 32.02
CA ASP C 392 2.42 38.59 31.92
C ASP C 392 3.04 37.44 31.13
N SER C 393 2.26 36.37 30.96
CA SER C 393 2.68 35.25 30.14
C SER C 393 2.01 35.24 28.77
N LEU C 394 1.09 36.17 28.50
CA LEU C 394 0.33 36.17 27.26
C LEU C 394 1.25 36.50 26.09
N LEU C 395 1.55 35.49 25.26
CA LEU C 395 2.27 35.74 24.02
C LEU C 395 1.31 36.27 22.96
N ALA C 396 0.19 35.58 22.78
CA ALA C 396 -0.81 35.97 21.79
C ALA C 396 -2.13 35.32 22.19
N LYS C 397 -3.19 35.72 21.49
CA LYS C 397 -4.51 35.14 21.65
C LYS C 397 -4.95 34.58 20.30
N LEU C 398 -5.34 33.31 20.29
CA LEU C 398 -5.79 32.65 19.08
C LEU C 398 -7.31 32.55 19.08
N ILE C 399 -7.95 33.19 18.11
CA ILE C 399 -9.40 33.25 18.02
C ILE C 399 -9.83 32.68 16.68
N THR C 400 -10.82 31.80 16.70
CA THR C 400 -11.39 31.25 15.48
C THR C 400 -12.90 31.43 15.51
N TRP C 401 -13.47 31.63 14.32
CA TRP C 401 -14.89 31.78 14.12
C TRP C 401 -15.38 30.74 13.11
N GLY C 402 -16.60 30.27 13.32
CA GLY C 402 -17.21 29.31 12.42
C GLY C 402 -18.68 29.58 12.24
N SER C 403 -19.27 28.89 11.25
CA SER C 403 -20.71 28.98 11.05
C SER C 403 -21.45 28.42 12.26
N ASP C 404 -20.98 27.29 12.78
CA ASP C 404 -21.49 26.67 14.00
C ASP C 404 -20.30 26.38 14.91
N ARG C 405 -20.60 26.04 16.17
CA ARG C 405 -19.55 25.77 17.13
C ARG C 405 -18.60 24.68 16.60
N GLN C 406 -19.13 23.69 15.90
CA GLN C 406 -18.28 22.61 15.39
C GLN C 406 -17.20 23.16 14.48
N GLU C 407 -17.55 24.05 13.55
CA GLU C 407 -16.53 24.65 12.71
C GLU C 407 -15.47 25.33 13.54
N ALA C 408 -15.90 26.13 14.52
CA ALA C 408 -14.94 26.84 15.35
C ALA C 408 -14.00 25.86 16.04
N ILE C 409 -14.51 24.72 16.48
CA ILE C 409 -13.65 23.72 17.13
C ILE C 409 -12.65 23.14 16.13
N ALA C 410 -13.14 22.75 14.94
CA ALA C 410 -12.25 22.21 13.93
C ALA C 410 -11.24 23.25 13.46
N ARG C 411 -11.70 24.48 13.25
CA ARG C 411 -10.81 25.56 12.82
C ARG C 411 -9.76 25.85 13.88
N MET C 412 -10.17 25.91 15.15
CA MET C 412 -9.21 26.13 16.23
C MET C 412 -8.21 24.99 16.33
N ARG C 413 -8.66 23.76 16.12
CA ARG C 413 -7.74 22.63 16.22
C ARG C 413 -6.67 22.71 15.13
N ARG C 414 -7.06 23.07 13.91
CA ARG C 414 -6.08 23.25 12.85
C ARG C 414 -5.14 24.39 13.18
N ALA C 415 -5.68 25.53 13.59
CA ALA C 415 -4.82 26.68 13.87
C ALA C 415 -3.81 26.35 14.96
N LEU C 416 -4.25 25.67 16.01
CA LEU C 416 -3.33 25.32 17.09
C LEU C 416 -2.20 24.45 16.56
N ALA C 417 -2.52 23.50 15.69
CA ALA C 417 -1.48 22.63 15.14
C ALA C 417 -0.48 23.42 14.32
N GLU C 418 -0.95 24.41 13.56
CA GLU C 418 -0.11 25.13 12.62
C GLU C 418 0.50 26.40 13.21
N TYR C 419 0.38 26.60 14.51
CA TYR C 419 1.03 27.70 15.21
C TYR C 419 2.44 27.25 15.60
N ARG C 420 3.45 27.95 15.10
CA ARG C 420 4.85 27.60 15.34
C ARG C 420 5.46 28.63 16.27
N ILE C 421 5.77 28.20 17.50
CA ILE C 421 6.50 28.99 18.49
C ILE C 421 7.57 28.06 19.02
N GLU C 422 8.82 28.27 18.57
CA GLU C 422 9.85 27.26 18.75
C GLU C 422 10.79 27.50 19.94
N GLY C 423 10.90 28.73 20.42
CA GLY C 423 11.84 28.98 21.49
C GLY C 423 11.34 28.76 22.91
N VAL C 424 10.04 28.90 23.13
CA VAL C 424 9.46 28.88 24.46
C VAL C 424 8.31 27.89 24.55
N THR C 425 8.11 27.35 25.75
CA THR C 425 7.01 26.44 26.00
C THR C 425 5.70 27.22 26.13
N THR C 426 4.66 26.69 25.50
CA THR C 426 3.34 27.29 25.51
C THR C 426 2.32 26.25 25.96
N ILE C 427 1.12 26.72 26.29
CA ILE C 427 0.05 25.85 26.74
C ILE C 427 -0.77 25.36 25.56
N ILE C 428 -0.23 25.52 24.35
CA ILE C 428 -0.96 25.09 23.15
C ILE C 428 -1.29 23.60 23.20
N PRO C 429 -0.41 22.73 23.71
CA PRO C 429 -0.83 21.32 23.87
C PRO C 429 -2.07 21.15 24.73
N PHE C 430 -2.17 21.89 25.84
CA PHE C 430 -3.37 21.82 26.67
C PHE C 430 -4.60 22.17 25.85
N HIS C 431 -4.52 23.25 25.07
CA HIS C 431 -5.65 23.65 24.23
C HIS C 431 -6.07 22.53 23.29
N GLN C 432 -5.09 21.87 22.66
CA GLN C 432 -5.42 20.81 21.71
C GLN C 432 -6.14 19.66 22.38
N ALA C 433 -5.68 19.27 23.58
CA ALA C 433 -6.34 18.20 24.31
C ALA C 433 -7.75 18.58 24.73
N ALA C 434 -7.93 19.80 25.24
CA ALA C 434 -9.25 20.25 25.67
C ALA C 434 -10.24 20.20 24.51
N LEU C 435 -9.84 20.72 23.35
CA LEU C 435 -10.73 20.75 22.20
C LEU C 435 -11.04 19.37 21.64
N GLU C 436 -10.27 18.34 22.01
CA GLU C 436 -10.62 16.98 21.65
C GLU C 436 -11.47 16.29 22.73
N HIS C 437 -11.52 16.86 23.94
CA HIS C 437 -12.17 16.19 25.05
C HIS C 437 -13.69 16.11 24.84
N PRO C 438 -14.31 14.99 25.23
CA PRO C 438 -15.77 14.88 25.04
C PRO C 438 -16.57 15.93 25.78
N VAL C 439 -16.17 16.30 26.99
CA VAL C 439 -16.95 17.28 27.76
C VAL C 439 -16.94 18.63 27.06
N PHE C 440 -15.78 19.05 26.55
CA PHE C 440 -15.75 20.31 25.82
C PHE C 440 -16.56 20.24 24.54
N THR C 441 -16.45 19.12 23.81
CA THR C 441 -17.21 18.97 22.57
C THR C 441 -18.70 19.15 22.83
N ALA C 442 -19.20 18.67 23.97
CA ALA C 442 -20.62 18.75 24.28
C ALA C 442 -21.03 20.10 24.84
N GLY C 443 -20.07 20.92 25.28
CA GLY C 443 -20.39 22.20 25.88
C GLY C 443 -20.72 22.14 27.35
N ALA C 444 -20.16 21.17 28.07
CA ALA C 444 -20.40 21.02 29.50
C ALA C 444 -19.21 21.47 30.34
N ALA C 445 -18.24 22.15 29.72
CA ALA C 445 -17.11 22.64 30.47
C ALA C 445 -17.58 23.59 31.55
N THR C 446 -17.22 23.29 32.80
CA THR C 446 -17.56 24.11 33.95
C THR C 446 -16.30 24.74 34.50
N VAL C 447 -16.43 25.53 35.56
CA VAL C 447 -15.25 26.10 36.18
C VAL C 447 -14.39 25.00 36.77
N ASN C 448 -14.98 23.84 37.05
CA ASN C 448 -14.24 22.69 37.58
C ASN C 448 -13.81 21.74 36.46
N PHE C 449 -13.76 22.21 35.22
CA PHE C 449 -13.45 21.35 34.09
C PHE C 449 -12.09 20.71 34.22
N ILE C 450 -11.06 21.51 34.48
CA ILE C 450 -9.69 21.01 34.54
C ILE C 450 -9.50 20.13 35.78
N PRO C 451 -9.95 20.56 36.97
CA PRO C 451 -9.81 19.68 38.14
C PRO C 451 -10.45 18.32 37.95
N ARG C 452 -11.65 18.26 37.37
CA ARG C 452 -12.39 17.01 37.29
C ARG C 452 -11.88 16.05 36.23
N HIS C 453 -11.19 16.54 35.20
CA HIS C 453 -10.66 15.70 34.14
C HIS C 453 -9.16 15.89 34.01
N PRO C 454 -8.36 15.12 34.77
CA PRO C 454 -6.91 15.18 34.59
C PRO C 454 -6.42 14.42 33.37
N GLU C 455 -7.32 13.71 32.67
CA GLU C 455 -6.92 13.04 31.45
C GLU C 455 -6.44 14.04 30.42
N LEU C 456 -6.81 15.32 30.58
CA LEU C 456 -6.35 16.37 29.69
C LEU C 456 -4.83 16.40 29.65
N PHE C 457 -4.19 16.32 30.80
CA PHE C 457 -2.75 16.44 30.87
C PHE C 457 -2.06 15.19 30.32
N SER C 458 -2.69 14.03 30.41
CA SER C 458 -2.15 12.86 29.73
C SER C 458 -2.11 13.09 28.22
N ARG C 459 -3.23 13.54 27.66
CA ARG C 459 -3.27 13.87 26.24
C ARG C 459 -2.30 15.00 25.91
N ALA C 460 -2.18 15.98 26.81
CA ALA C 460 -1.27 17.09 26.57
C ALA C 460 0.16 16.61 26.42
N ALA C 461 0.57 15.66 27.26
CA ALA C 461 1.93 15.11 27.15
C ALA C 461 2.18 14.50 25.79
N GLU C 462 1.18 13.81 25.23
CA GLU C 462 1.37 13.13 23.94
C GLU C 462 1.62 14.13 22.80
N LEU C 463 1.04 15.32 22.85
CA LEU C 463 1.18 16.30 21.78
C LEU C 463 2.30 17.31 22.02
N THR C 464 3.06 17.18 23.11
CA THR C 464 4.05 18.18 23.51
C THR C 464 5.42 18.10 22.83
N PRO C 465 5.99 16.89 22.62
CA PRO C 465 7.33 16.84 22.02
C PRO C 465 7.43 17.57 20.69
N MET D 11 26.64 -61.43 -20.85
CA MET D 11 26.69 -60.30 -19.93
C MET D 11 27.94 -59.46 -20.08
N PHE D 12 27.76 -58.19 -20.40
CA PHE D 12 28.88 -57.26 -20.51
C PHE D 12 28.92 -56.39 -19.26
N ARG D 13 30.13 -55.94 -18.91
CA ARG D 13 30.36 -55.20 -17.69
C ARG D 13 30.64 -53.72 -17.89
N THR D 14 31.27 -53.34 -19.00
CA THR D 14 31.59 -51.95 -19.28
C THR D 14 31.02 -51.60 -20.65
N ILE D 15 30.30 -50.48 -20.72
CA ILE D 15 29.68 -50.05 -21.96
C ILE D 15 30.17 -48.65 -22.28
N LEU D 16 30.41 -48.40 -23.56
CA LEU D 16 30.92 -47.13 -24.04
C LEU D 16 29.79 -46.29 -24.63
N VAL D 17 29.71 -45.04 -24.22
CA VAL D 17 28.65 -44.13 -24.66
C VAL D 17 29.20 -43.29 -25.80
N ALA D 18 28.72 -43.57 -27.01
CA ALA D 18 29.17 -42.85 -28.20
C ALA D 18 28.31 -41.62 -28.44
N ASN D 19 28.39 -40.69 -27.50
CA ASN D 19 27.63 -39.44 -27.57
C ASN D 19 28.20 -38.45 -26.57
N ARG D 20 27.53 -37.31 -26.44
CA ARG D 20 27.93 -36.19 -25.59
C ARG D 20 26.70 -35.59 -24.93
N GLY D 21 26.94 -34.64 -24.03
CA GLY D 21 25.88 -33.76 -23.57
C GLY D 21 24.81 -34.47 -22.76
N GLU D 22 23.56 -34.05 -22.96
CA GLU D 22 22.45 -34.56 -22.18
C GLU D 22 22.42 -36.08 -22.18
N ILE D 23 22.30 -36.68 -23.37
CA ILE D 23 22.09 -38.11 -23.46
C ILE D 23 23.26 -38.87 -22.85
N ALA D 24 24.48 -38.39 -23.07
CA ALA D 24 25.65 -39.08 -22.55
C ALA D 24 25.61 -39.18 -21.04
N LEU D 25 25.28 -38.07 -20.36
CA LEU D 25 25.15 -38.10 -18.92
C LEU D 25 23.97 -38.99 -18.50
N ARG D 26 22.85 -38.87 -19.20
CA ARG D 26 21.66 -39.67 -18.86
C ARG D 26 21.98 -41.16 -18.92
N VAL D 27 22.62 -41.61 -20.00
CA VAL D 27 22.91 -43.03 -20.14
C VAL D 27 23.89 -43.48 -19.06
N MET D 28 24.88 -42.64 -18.74
CA MET D 28 25.85 -43.02 -17.72
C MET D 28 25.18 -43.24 -16.38
N ARG D 29 24.23 -42.38 -16.01
CA ARG D 29 23.49 -42.60 -14.77
C ARG D 29 22.85 -43.98 -14.78
N ALA D 30 22.26 -44.37 -15.91
CA ALA D 30 21.69 -45.71 -16.02
C ALA D 30 22.76 -46.78 -15.83
N CYS D 31 23.93 -46.56 -16.41
CA CYS D 31 25.03 -47.51 -16.24
C CYS D 31 25.41 -47.65 -14.78
N ARG D 32 25.55 -46.53 -14.08
CA ARG D 32 25.93 -46.58 -12.67
C ARG D 32 24.92 -47.36 -11.87
N GLU D 33 23.64 -47.12 -12.11
CA GLU D 33 22.59 -47.76 -11.33
C GLU D 33 22.60 -49.27 -11.54
N LEU D 34 22.86 -49.71 -12.77
CA LEU D 34 22.89 -51.13 -13.09
C LEU D 34 24.20 -51.82 -12.70
N GLY D 35 25.11 -51.11 -12.03
CA GLY D 35 26.38 -51.69 -11.66
C GLY D 35 27.36 -51.82 -12.80
N LEU D 36 27.17 -51.05 -13.86
CA LEU D 36 27.99 -51.16 -15.05
C LEU D 36 28.98 -49.99 -15.15
N ARG D 37 30.08 -50.25 -15.83
CA ARG D 37 31.11 -49.24 -16.06
C ARG D 37 30.79 -48.50 -17.35
N CYS D 38 30.90 -47.16 -17.31
CA CYS D 38 30.63 -46.32 -18.47
C CYS D 38 31.92 -45.66 -18.93
N VAL D 39 32.14 -45.68 -20.25
CA VAL D 39 33.29 -45.04 -20.87
C VAL D 39 32.79 -43.91 -21.76
N ALA D 40 33.44 -42.75 -21.66
CA ALA D 40 33.04 -41.58 -22.42
C ALA D 40 33.94 -41.42 -23.63
N VAL D 41 33.40 -40.81 -24.68
CA VAL D 41 34.17 -40.42 -25.85
C VAL D 41 33.99 -38.93 -26.04
N TYR D 42 35.07 -38.25 -26.44
CA TYR D 42 35.03 -36.80 -26.55
C TYR D 42 35.92 -36.32 -27.69
N SER D 43 35.46 -35.28 -28.37
CA SER D 43 36.27 -34.52 -29.29
C SER D 43 37.08 -33.47 -28.54
N GLU D 44 38.00 -32.82 -29.27
CA GLU D 44 38.83 -31.81 -28.62
C GLU D 44 37.99 -30.69 -28.01
N ALA D 45 36.80 -30.44 -28.55
CA ALA D 45 35.92 -29.42 -27.98
C ALA D 45 35.33 -29.85 -26.65
N ASP D 46 35.06 -31.16 -26.48
CA ASP D 46 34.40 -31.68 -25.30
C ASP D 46 35.36 -32.31 -24.29
N ARG D 47 36.62 -31.87 -24.25
CA ARG D 47 37.55 -32.46 -23.27
C ARG D 47 37.14 -32.14 -21.84
N ASP D 48 36.76 -30.89 -21.56
CA ASP D 48 36.31 -30.49 -20.24
C ASP D 48 34.80 -30.57 -20.05
N ALA D 49 34.13 -31.54 -20.70
CA ALA D 49 32.67 -31.62 -20.72
C ALA D 49 32.14 -32.44 -19.56
N PRO D 50 30.89 -32.17 -19.15
CA PRO D 50 30.33 -32.88 -17.99
C PRO D 50 30.33 -34.40 -18.12
N HIS D 51 30.02 -34.93 -19.30
CA HIS D 51 29.92 -36.38 -19.42
C HIS D 51 31.28 -37.05 -19.31
N VAL D 52 32.34 -36.33 -19.68
CA VAL D 52 33.69 -36.90 -19.61
C VAL D 52 34.13 -37.07 -18.15
N ALA D 53 33.83 -36.09 -17.30
CA ALA D 53 34.20 -36.19 -15.89
C ALA D 53 33.40 -37.29 -15.20
N TYR D 54 32.11 -37.41 -15.53
CA TYR D 54 31.26 -38.36 -14.84
C TYR D 54 31.66 -39.80 -15.13
N ALA D 55 32.03 -40.10 -16.37
CA ALA D 55 32.30 -41.48 -16.76
C ALA D 55 33.49 -42.04 -15.99
N ASP D 56 33.55 -43.36 -15.92
CA ASP D 56 34.66 -44.05 -15.28
C ASP D 56 35.94 -43.92 -16.08
N ASP D 57 35.83 -43.82 -17.40
CA ASP D 57 36.98 -43.75 -18.28
C ASP D 57 36.62 -42.86 -19.46
N ALA D 58 37.64 -42.35 -20.14
CA ALA D 58 37.40 -41.47 -21.27
C ALA D 58 38.46 -41.70 -22.35
N PHE D 59 38.09 -41.35 -23.58
CA PHE D 59 38.94 -41.51 -24.74
C PHE D 59 38.72 -40.35 -25.69
N LEU D 60 39.81 -39.85 -26.27
CA LEU D 60 39.76 -38.75 -27.24
C LEU D 60 39.61 -39.35 -28.63
N ILE D 61 38.46 -39.12 -29.28
CA ILE D 61 38.20 -39.74 -30.57
C ILE D 61 38.60 -38.88 -31.78
N GLY D 62 38.73 -37.56 -31.61
CA GLY D 62 39.17 -36.74 -32.71
C GLY D 62 38.96 -35.24 -32.55
N PRO D 63 39.17 -34.50 -33.65
CA PRO D 63 39.02 -33.04 -33.61
C PRO D 63 37.55 -32.63 -33.54
N PRO D 64 37.29 -31.34 -33.34
CA PRO D 64 35.91 -30.89 -33.07
C PRO D 64 34.91 -31.16 -34.20
N SER D 65 35.35 -31.30 -35.44
CA SER D 65 34.40 -31.49 -36.52
C SER D 65 33.58 -32.76 -36.26
N PRO D 66 32.25 -32.70 -36.34
CA PRO D 66 31.46 -33.91 -36.10
C PRO D 66 31.85 -35.06 -37.00
N ALA D 67 32.32 -34.77 -38.19
CA ALA D 67 32.64 -35.82 -39.12
C ALA D 67 33.80 -36.67 -38.69
N GLU D 68 34.80 -36.06 -38.07
CA GLU D 68 35.99 -36.80 -37.70
C GLU D 68 35.95 -37.22 -36.25
N SER D 69 34.83 -36.96 -35.59
CA SER D 69 34.68 -37.33 -34.20
C SER D 69 33.24 -37.40 -33.90
N TYR D 70 32.71 -38.55 -33.51
CA TYR D 70 31.29 -38.78 -33.15
C TYR D 70 30.59 -39.38 -34.32
N LEU D 71 31.10 -39.15 -35.52
CA LEU D 71 30.53 -39.80 -36.69
C LEU D 71 31.62 -40.66 -37.29
N ASN D 72 32.70 -40.85 -36.55
CA ASN D 72 33.79 -41.66 -37.02
C ASN D 72 33.67 -43.02 -36.46
N ILE D 73 33.20 -43.94 -37.26
CA ILE D 73 33.02 -45.28 -36.81
C ILE D 73 34.31 -45.85 -36.31
N ASP D 74 35.37 -45.72 -37.08
CA ASP D 74 36.64 -46.33 -36.70
C ASP D 74 37.15 -45.80 -35.37
N ALA D 75 36.96 -44.49 -35.11
CA ALA D 75 37.42 -43.91 -33.85
C ALA D 75 36.66 -44.50 -32.66
N ILE D 76 35.34 -44.63 -32.80
CA ILE D 76 34.53 -45.16 -31.70
C ILE D 76 34.90 -46.61 -31.41
N ILE D 77 35.07 -47.42 -32.46
CA ILE D 77 35.49 -48.80 -32.24
C ILE D 77 36.85 -48.83 -31.56
N ARG D 78 37.76 -47.94 -31.97
CA ARG D 78 39.08 -47.87 -31.33
C ARG D 78 38.96 -47.52 -29.85
N ALA D 79 38.09 -46.56 -29.51
CA ALA D 79 37.92 -46.20 -28.12
C ALA D 79 37.43 -47.39 -27.30
N ALA D 80 36.47 -48.15 -27.84
CA ALA D 80 35.98 -49.33 -27.12
C ALA D 80 37.10 -50.32 -26.87
N LYS D 81 37.98 -50.51 -27.87
CA LYS D 81 39.09 -51.44 -27.69
C LYS D 81 40.07 -50.95 -26.63
N ALA D 82 40.40 -49.67 -26.65
CA ALA D 82 41.38 -49.14 -25.71
C ALA D 82 40.87 -49.19 -24.27
N THR D 83 39.58 -48.92 -24.06
CA THR D 83 38.99 -48.87 -22.74
C THR D 83 38.42 -50.20 -22.27
N GLY D 84 38.38 -51.22 -23.13
CA GLY D 84 37.85 -52.52 -22.73
C GLY D 84 36.34 -52.64 -22.75
N ALA D 85 35.64 -51.70 -23.38
CA ALA D 85 34.18 -51.78 -23.42
C ALA D 85 33.73 -53.01 -24.21
N GLU D 86 32.61 -53.58 -23.78
CA GLU D 86 32.05 -54.75 -24.45
C GLU D 86 30.77 -54.44 -25.23
N ALA D 87 30.13 -53.32 -24.96
CA ALA D 87 28.95 -52.88 -25.72
C ALA D 87 28.98 -51.36 -25.83
N ILE D 88 28.23 -50.84 -26.79
CA ILE D 88 28.17 -49.41 -27.06
C ILE D 88 26.73 -48.97 -27.06
N HIS D 89 26.44 -47.90 -26.32
CA HIS D 89 25.12 -47.28 -26.37
C HIS D 89 25.18 -46.05 -27.26
N PRO D 90 24.46 -46.03 -28.38
CA PRO D 90 24.60 -44.90 -29.31
C PRO D 90 23.98 -43.61 -28.80
N GLY D 91 22.98 -43.69 -27.94
CA GLY D 91 22.26 -42.49 -27.59
C GLY D 91 21.33 -42.11 -28.73
N TYR D 92 21.09 -40.80 -28.87
CA TYR D 92 20.34 -40.27 -30.00
C TYR D 92 21.22 -39.34 -30.82
N GLY D 93 21.10 -39.48 -32.15
CA GLY D 93 21.88 -38.70 -33.08
C GLY D 93 23.15 -39.40 -33.52
N PHE D 94 23.94 -38.69 -34.33
CA PHE D 94 25.22 -39.20 -34.81
C PHE D 94 25.09 -40.59 -35.43
N LEU D 95 25.69 -41.60 -34.79
CA LEU D 95 25.72 -42.96 -35.30
C LEU D 95 24.61 -43.83 -34.73
N ALA D 96 23.61 -43.23 -34.09
CA ALA D 96 22.58 -44.04 -33.43
C ALA D 96 21.71 -44.78 -34.44
N GLU D 97 21.41 -44.16 -35.58
CA GLU D 97 20.54 -44.76 -36.59
C GLU D 97 21.31 -45.18 -37.84
N ASN D 98 22.61 -45.37 -37.72
CA ASN D 98 23.47 -45.73 -38.85
C ASN D 98 23.74 -47.23 -38.81
N ALA D 99 23.07 -47.97 -39.72
CA ALA D 99 23.25 -49.42 -39.74
C ALA D 99 24.70 -49.81 -39.93
N SER D 100 25.45 -49.04 -40.72
CA SER D 100 26.86 -49.34 -40.94
C SER D 100 27.62 -49.40 -39.62
N PHE D 101 27.37 -48.45 -38.72
CA PHE D 101 28.01 -48.46 -37.41
C PHE D 101 27.68 -49.74 -36.65
N VAL D 102 26.43 -50.20 -36.76
CA VAL D 102 26.03 -51.44 -36.08
C VAL D 102 26.86 -52.60 -36.60
N ARG D 103 27.03 -52.68 -37.93
CA ARG D 103 27.76 -53.80 -38.51
C ARG D 103 29.23 -53.76 -38.11
N ALA D 104 29.84 -52.58 -38.10
CA ALA D 104 31.20 -52.47 -37.61
C ALA D 104 31.27 -52.88 -36.14
N VAL D 105 30.29 -52.48 -35.34
CA VAL D 105 30.32 -52.77 -33.92
C VAL D 105 30.18 -54.27 -33.68
N THR D 106 29.31 -54.95 -34.43
CA THR D 106 29.14 -56.38 -34.26
C THR D 106 30.38 -57.14 -34.69
N ALA D 107 31.03 -56.70 -35.77
CA ALA D 107 32.20 -57.43 -36.26
C ALA D 107 33.37 -57.34 -35.29
N ALA D 108 33.46 -56.26 -34.51
CA ALA D 108 34.52 -56.12 -33.53
C ALA D 108 34.32 -56.98 -32.29
N GLY D 109 33.20 -57.68 -32.19
CA GLY D 109 32.90 -58.48 -31.03
C GLY D 109 32.17 -57.76 -29.93
N LEU D 110 31.69 -56.55 -30.20
CA LEU D 110 31.00 -55.74 -29.21
C LEU D 110 29.51 -55.82 -29.43
N ILE D 111 28.75 -55.61 -28.36
CA ILE D 111 27.29 -55.64 -28.43
C ILE D 111 26.76 -54.23 -28.65
N PHE D 112 25.86 -54.11 -29.62
CA PHE D 112 25.19 -52.84 -29.88
C PHE D 112 23.93 -52.76 -29.03
N ILE D 113 23.88 -51.77 -28.14
CA ILE D 113 22.73 -51.57 -27.26
C ILE D 113 21.67 -50.83 -28.07
N GLY D 114 21.01 -51.55 -28.98
CA GLY D 114 20.01 -50.96 -29.82
C GLY D 114 19.39 -51.98 -30.75
N PRO D 115 18.62 -51.51 -31.73
CA PRO D 115 17.99 -52.41 -32.70
C PRO D 115 19.04 -53.17 -33.49
N PRO D 116 18.67 -54.28 -34.12
CA PRO D 116 19.61 -54.96 -35.00
C PRO D 116 19.79 -54.18 -36.29
N ALA D 117 20.88 -54.48 -37.00
CA ALA D 117 21.21 -53.72 -38.20
C ALA D 117 20.10 -53.84 -39.24
N GLU D 118 19.63 -55.08 -39.48
CA GLU D 118 18.64 -55.30 -40.53
C GLU D 118 17.35 -54.56 -40.26
N ALA D 119 16.88 -54.57 -39.02
CA ALA D 119 15.67 -53.81 -38.68
C ALA D 119 15.89 -52.32 -38.90
N MET D 120 17.04 -51.81 -38.46
CA MET D 120 17.35 -50.39 -38.66
C MET D 120 17.22 -50.02 -40.12
N GLU D 121 17.72 -50.86 -41.02
CA GLU D 121 17.67 -50.57 -42.45
C GLU D 121 16.24 -50.59 -42.98
N ARG D 122 15.46 -51.60 -42.60
CA ARG D 122 14.10 -51.69 -43.14
C ARG D 122 13.28 -50.46 -42.79
N MET D 123 13.58 -49.80 -41.67
CA MET D 123 12.86 -48.61 -41.24
C MET D 123 13.65 -47.33 -41.47
N GLY D 124 14.76 -47.40 -42.21
CA GLY D 124 15.60 -46.24 -42.40
C GLY D 124 14.96 -45.15 -43.25
N GLY D 125 14.66 -45.47 -44.50
CA GLY D 125 14.12 -44.47 -45.40
C GLY D 125 12.62 -44.28 -45.22
N LYS D 126 12.16 -43.05 -45.47
CA LYS D 126 10.74 -42.76 -45.35
C LYS D 126 9.93 -43.64 -46.29
N THR D 127 10.40 -43.83 -47.52
CA THR D 127 9.70 -44.68 -48.47
C THR D 127 9.73 -46.13 -48.01
N ALA D 128 10.90 -46.61 -47.59
CA ALA D 128 11.00 -47.99 -47.11
C ALA D 128 10.12 -48.19 -45.88
N ALA D 129 10.10 -47.22 -44.98
CA ALA D 129 9.25 -47.32 -43.80
C ALA D 129 7.78 -47.38 -44.19
N ARG D 130 7.36 -46.56 -45.16
CA ARG D 130 5.97 -46.58 -45.58
C ARG D 130 5.56 -47.97 -46.06
N ARG D 131 6.44 -48.62 -46.83
CA ARG D 131 6.13 -49.97 -47.31
C ARG D 131 5.99 -50.94 -46.15
N GLU D 132 6.93 -50.89 -45.19
CA GLU D 132 6.86 -51.80 -44.06
C GLU D 132 5.62 -51.55 -43.21
N ALA D 133 5.12 -50.32 -43.16
CA ALA D 133 3.94 -50.02 -42.37
C ALA D 133 2.66 -50.49 -43.05
N THR D 134 2.60 -50.39 -44.39
CA THR D 134 1.45 -50.92 -45.12
C THR D 134 1.41 -52.44 -45.08
N ALA D 135 2.57 -53.09 -45.23
CA ALA D 135 2.66 -54.53 -45.03
C ALA D 135 2.23 -54.96 -43.64
N ALA D 136 2.28 -54.06 -42.66
CA ALA D 136 1.91 -54.36 -41.28
C ALA D 136 0.58 -53.72 -40.90
N GLY D 137 -0.14 -53.17 -41.87
CA GLY D 137 -1.47 -52.65 -41.61
C GLY D 137 -1.50 -51.43 -40.73
N VAL D 138 -0.49 -50.57 -40.83
CA VAL D 138 -0.48 -49.28 -40.15
C VAL D 138 -0.79 -48.22 -41.19
N PRO D 139 -1.75 -47.33 -40.94
CA PRO D 139 -2.11 -46.33 -41.95
C PRO D 139 -0.95 -45.41 -42.27
N VAL D 140 -0.88 -44.97 -43.53
CA VAL D 140 0.12 -44.01 -43.97
C VAL D 140 -0.61 -42.84 -44.63
N VAL D 141 0.11 -41.76 -44.83
CA VAL D 141 -0.49 -40.59 -45.49
C VAL D 141 -0.80 -40.96 -46.94
N PRO D 142 -2.04 -40.77 -47.40
CA PRO D 142 -2.38 -41.08 -48.79
C PRO D 142 -1.54 -40.26 -49.76
N GLY D 143 -0.78 -40.97 -50.60
CA GLY D 143 0.11 -40.30 -51.53
C GLY D 143 0.52 -41.21 -52.66
N VAL D 144 1.10 -40.60 -53.69
CA VAL D 144 1.64 -41.31 -54.85
C VAL D 144 3.15 -41.23 -54.78
N LEU D 145 3.81 -42.38 -54.96
CA LEU D 145 5.27 -42.42 -54.87
C LEU D 145 5.97 -41.98 -56.14
N GLU D 146 5.33 -42.09 -57.29
CA GLU D 146 5.88 -41.71 -58.58
C GLU D 146 5.42 -40.32 -59.01
N PRO D 147 6.15 -39.69 -59.91
CA PRO D 147 5.77 -38.35 -60.39
C PRO D 147 4.40 -38.35 -61.06
N VAL D 148 3.73 -37.21 -60.97
CA VAL D 148 2.37 -37.03 -61.48
C VAL D 148 2.47 -36.42 -62.88
N THR D 149 1.88 -37.11 -63.87
CA THR D 149 2.13 -36.77 -65.27
C THR D 149 1.45 -35.47 -65.67
N ASP D 150 0.17 -35.31 -65.38
CA ASP D 150 -0.58 -34.17 -65.89
C ASP D 150 -1.48 -33.61 -64.81
N ALA D 151 -2.11 -32.46 -65.12
CA ALA D 151 -3.00 -31.83 -64.16
C ALA D 151 -4.24 -32.68 -63.91
N ALA D 152 -4.68 -33.45 -64.92
CA ALA D 152 -5.85 -34.30 -64.76
C ALA D 152 -5.61 -35.36 -63.68
N GLU D 153 -4.42 -35.95 -63.64
CA GLU D 153 -4.14 -36.94 -62.60
C GLU D 153 -4.26 -36.34 -61.21
N VAL D 154 -3.85 -35.08 -61.06
CA VAL D 154 -4.01 -34.42 -59.77
C VAL D 154 -5.48 -34.39 -59.37
N ARG D 155 -6.36 -34.05 -60.31
CA ARG D 155 -7.80 -34.01 -60.02
C ARG D 155 -8.31 -35.39 -59.63
N ARG D 156 -7.99 -36.40 -60.44
CA ARG D 156 -8.43 -37.75 -60.13
C ARG D 156 -7.87 -38.23 -58.80
N LEU D 157 -6.58 -37.97 -58.55
CA LEU D 157 -6.02 -38.25 -57.23
C LEU D 157 -6.70 -37.43 -56.15
N GLY D 158 -7.20 -36.23 -56.50
CA GLY D 158 -7.90 -35.42 -55.52
C GLY D 158 -9.23 -36.02 -55.08
N LYS D 159 -10.00 -36.56 -56.04
CA LYS D 159 -11.22 -37.25 -55.69
C LYS D 159 -10.93 -38.49 -54.85
N GLU D 160 -9.89 -39.24 -55.21
CA GLU D 160 -9.57 -40.46 -54.48
C GLU D 160 -9.20 -40.16 -53.03
N PHE D 161 -8.37 -39.15 -52.79
CA PHE D 161 -7.90 -38.86 -51.44
C PHE D 161 -8.82 -37.91 -50.67
N GLY D 162 -9.40 -36.92 -51.34
CA GLY D 162 -10.19 -35.95 -50.63
C GLY D 162 -9.43 -34.67 -50.35
N TYR D 163 -9.99 -33.55 -50.78
CA TYR D 163 -9.34 -32.26 -50.64
C TYR D 163 -9.34 -31.82 -49.18
N PRO D 164 -8.30 -31.10 -48.73
CA PRO D 164 -7.19 -30.58 -49.54
C PRO D 164 -6.09 -31.59 -49.87
N ILE D 165 -5.39 -31.34 -50.97
CA ILE D 165 -4.21 -32.11 -51.38
C ILE D 165 -3.06 -31.15 -51.58
N ALA D 166 -1.86 -31.70 -51.71
CA ALA D 166 -0.65 -30.89 -51.83
C ALA D 166 0.29 -31.47 -52.88
N ILE D 167 0.86 -30.60 -53.71
CA ILE D 167 1.84 -30.98 -54.72
C ILE D 167 3.23 -30.70 -54.16
N LYS D 168 4.13 -31.68 -54.27
CA LYS D 168 5.48 -31.57 -53.74
C LYS D 168 6.49 -31.96 -54.81
N ALA D 169 7.75 -31.60 -54.58
CA ALA D 169 8.82 -31.89 -55.52
C ALA D 169 9.35 -33.32 -55.35
N LEU D 178 4.83 -28.50 -51.52
CA LEU D 178 4.94 -27.12 -51.99
C LEU D 178 3.57 -26.44 -52.02
N ARG D 179 2.81 -26.61 -53.11
CA ARG D 179 1.51 -25.96 -53.23
C ARG D 179 0.42 -26.78 -52.56
N VAL D 180 -0.54 -26.07 -51.97
CA VAL D 180 -1.70 -26.68 -51.32
C VAL D 180 -2.94 -26.27 -52.11
N VAL D 181 -3.66 -27.26 -52.65
CA VAL D 181 -4.84 -27.02 -53.48
C VAL D 181 -6.06 -27.48 -52.70
N ARG D 182 -7.05 -26.58 -52.57
CA ARG D 182 -8.24 -26.87 -51.78
C ARG D 182 -9.43 -27.32 -52.62
N SER D 183 -9.42 -27.09 -53.92
CA SER D 183 -10.55 -27.42 -54.79
C SER D 183 -10.04 -28.04 -56.07
N PRO D 184 -10.89 -28.78 -56.78
CA PRO D 184 -10.46 -29.30 -58.09
C PRO D 184 -10.15 -28.18 -59.07
N GLU D 185 -10.84 -27.05 -58.97
CA GLU D 185 -10.59 -25.94 -59.88
C GLU D 185 -9.20 -25.36 -59.68
N GLU D 186 -8.72 -25.32 -58.44
CA GLU D 186 -7.42 -24.73 -58.18
C GLU D 186 -6.27 -25.60 -58.67
N VAL D 187 -6.55 -26.81 -59.13
CA VAL D 187 -5.45 -27.72 -59.49
C VAL D 187 -4.84 -27.27 -60.80
N ASP D 188 -5.61 -26.56 -61.63
CA ASP D 188 -5.11 -26.15 -62.93
C ASP D 188 -3.98 -25.14 -62.78
N GLU D 189 -4.19 -24.13 -61.93
CA GLU D 189 -3.16 -23.12 -61.70
C GLU D 189 -1.99 -23.69 -60.90
N ALA D 190 -2.28 -24.48 -59.86
CA ALA D 190 -1.22 -24.98 -59.00
C ALA D 190 -0.22 -25.84 -59.76
N PHE D 191 -0.72 -26.67 -60.68
CA PHE D 191 0.20 -27.46 -61.51
C PHE D 191 1.11 -26.54 -62.30
N ALA D 192 0.57 -25.41 -62.79
CA ALA D 192 1.38 -24.46 -63.53
C ALA D 192 2.51 -23.91 -62.66
N ALA D 193 2.19 -23.51 -61.42
CA ALA D 193 3.20 -22.96 -60.53
C ALA D 193 4.25 -24.01 -60.17
N ALA D 194 3.81 -25.24 -59.92
CA ALA D 194 4.75 -26.29 -59.49
C ALA D 194 5.75 -26.62 -60.58
N ARG D 195 5.33 -26.56 -61.85
CA ARG D 195 6.27 -26.81 -62.94
C ARG D 195 7.30 -25.69 -63.03
N ARG D 196 6.88 -24.46 -62.80
CA ARG D 196 7.82 -23.34 -62.77
C ARG D 196 8.98 -23.63 -61.83
N GLU D 197 8.67 -23.95 -60.58
CA GLU D 197 9.67 -24.34 -59.59
C GLU D 197 10.26 -25.72 -59.91
N GLU D 206 7.96 -33.97 -62.58
CA GLU D 206 8.87 -33.46 -61.57
C GLU D 206 8.15 -33.19 -60.25
N LEU D 207 6.92 -33.69 -60.10
CA LEU D 207 6.18 -33.48 -58.87
C LEU D 207 5.51 -34.79 -58.44
N TYR D 208 4.89 -34.74 -57.26
CA TYR D 208 4.09 -35.84 -56.73
C TYR D 208 3.02 -35.24 -55.81
N VAL D 209 1.99 -36.05 -55.51
CA VAL D 209 0.85 -35.59 -54.73
C VAL D 209 0.66 -36.44 -53.48
N GLU D 210 0.28 -35.78 -52.39
CA GLU D 210 -0.03 -36.40 -51.10
C GLU D 210 -1.17 -35.63 -50.46
N LYS D 211 -1.89 -36.29 -49.56
CA LYS D 211 -2.95 -35.63 -48.81
C LYS D 211 -2.34 -34.61 -47.84
N TYR D 212 -3.02 -33.48 -47.69
CA TYR D 212 -2.56 -32.41 -46.83
C TYR D 212 -3.47 -32.32 -45.60
N LEU D 213 -2.88 -32.17 -44.44
CA LEU D 213 -3.60 -32.04 -43.18
C LEU D 213 -3.49 -30.60 -42.69
N ASP D 214 -4.63 -29.94 -42.54
CA ASP D 214 -4.63 -28.50 -42.23
C ASP D 214 -3.99 -28.21 -40.89
N ASP D 215 -4.51 -28.82 -39.83
CA ASP D 215 -4.07 -28.58 -38.45
C ASP D 215 -3.84 -29.92 -37.75
N PRO D 216 -2.75 -30.61 -38.10
CA PRO D 216 -2.48 -31.92 -37.49
C PRO D 216 -1.83 -31.79 -36.11
N ARG D 217 -1.71 -32.93 -35.46
CA ARG D 217 -1.01 -33.04 -34.19
C ARG D 217 0.02 -34.14 -34.32
N HIS D 218 1.19 -33.93 -33.72
CA HIS D 218 2.28 -34.91 -33.79
C HIS D 218 2.13 -35.85 -32.61
N ILE D 219 1.68 -37.08 -32.87
CA ILE D 219 1.50 -38.08 -31.84
C ILE D 219 2.43 -39.25 -32.16
N GLU D 220 3.24 -39.64 -31.18
CA GLU D 220 4.21 -40.72 -31.36
C GLU D 220 4.04 -41.74 -30.25
N ILE D 221 4.35 -43.00 -30.57
CA ILE D 221 4.15 -44.13 -29.67
C ILE D 221 5.49 -44.76 -29.35
N GLN D 222 5.76 -44.96 -28.06
CA GLN D 222 7.00 -45.56 -27.62
C GLN D 222 6.86 -47.08 -27.57
N VAL D 223 7.87 -47.79 -28.07
CA VAL D 223 7.84 -49.24 -28.12
C VAL D 223 9.12 -49.78 -27.47
N LEU D 224 8.97 -50.84 -26.69
CA LEU D 224 10.09 -51.57 -26.11
C LEU D 224 9.96 -53.03 -26.50
N ALA D 225 11.05 -53.63 -27.00
CA ALA D 225 11.02 -55.00 -27.45
C ALA D 225 12.28 -55.72 -26.98
N ASP D 226 12.23 -57.04 -27.02
CA ASP D 226 13.32 -57.90 -26.58
C ASP D 226 13.80 -58.76 -27.75
N ARG D 227 14.95 -59.40 -27.55
CA ARG D 227 15.52 -60.23 -28.60
C ARG D 227 14.63 -61.40 -28.98
N TYR D 228 13.65 -61.76 -28.15
CA TYR D 228 12.87 -62.97 -28.34
C TYR D 228 11.49 -62.72 -28.91
N GLY D 229 11.24 -61.54 -29.48
CA GLY D 229 10.01 -61.27 -30.19
C GLY D 229 8.88 -60.74 -29.36
N ASN D 230 9.10 -60.47 -28.07
CA ASN D 230 8.09 -59.89 -27.21
C ASN D 230 8.16 -58.38 -27.27
N ALA D 231 7.01 -57.73 -27.50
CA ALA D 231 6.98 -56.28 -27.67
C ALA D 231 5.84 -55.68 -26.88
N VAL D 232 6.06 -54.46 -26.39
CA VAL D 232 5.09 -53.72 -25.59
C VAL D 232 5.08 -52.27 -26.05
N ALA D 233 3.92 -51.63 -25.93
CA ALA D 233 3.74 -50.23 -26.30
C ALA D 233 3.61 -49.40 -25.03
N LEU D 234 4.50 -48.42 -24.85
CA LEU D 234 4.59 -47.67 -23.62
C LEU D 234 3.95 -46.29 -23.72
N GLY D 235 2.91 -46.15 -24.54
CA GLY D 235 2.11 -44.94 -24.50
C GLY D 235 2.47 -43.98 -25.61
N GLU D 236 1.85 -42.81 -25.53
CA GLU D 236 1.97 -41.77 -26.53
C GLU D 236 2.73 -40.57 -25.98
N ARG D 237 3.02 -39.62 -26.88
CA ARG D 237 3.66 -38.39 -26.50
C ARG D 237 3.21 -37.37 -27.53
N ASP D 238 2.83 -36.18 -27.12
CA ASP D 238 2.42 -35.12 -28.03
C ASP D 238 3.54 -34.14 -28.19
N CYS D 239 4.35 -34.34 -29.20
CA CYS D 239 5.45 -33.44 -29.47
C CYS D 239 5.01 -32.54 -30.58
N SER D 240 3.97 -31.76 -30.33
CA SER D 240 3.39 -30.95 -31.38
C SER D 240 3.83 -29.51 -31.48
N VAL D 241 4.24 -28.91 -30.38
CA VAL D 241 4.75 -27.56 -30.44
C VAL D 241 6.08 -27.63 -31.10
N GLN D 242 6.11 -27.28 -32.38
CA GLN D 242 7.34 -27.39 -33.12
C GLN D 242 7.60 -26.15 -33.91
N ARG D 243 8.86 -25.80 -34.09
CA ARG D 243 9.23 -24.65 -34.90
C ARG D 243 10.06 -25.16 -36.03
N ARG D 244 9.55 -25.06 -37.25
CA ARG D 244 10.26 -25.53 -38.41
C ARG D 244 10.61 -26.97 -38.27
N HIS D 245 9.65 -27.77 -37.86
CA HIS D 245 9.85 -29.21 -37.72
C HIS D 245 10.85 -29.57 -36.65
N GLN D 246 11.06 -28.67 -35.70
CA GLN D 246 11.98 -28.92 -34.63
C GLN D 246 11.24 -28.77 -33.34
N LYS D 247 11.18 -29.82 -32.55
CA LYS D 247 10.38 -29.78 -31.34
C LYS D 247 10.87 -28.87 -30.25
N LEU D 248 9.94 -28.37 -29.45
CA LEU D 248 10.30 -27.49 -28.38
C LEU D 248 9.64 -27.94 -27.10
N ILE D 249 8.37 -28.34 -27.15
CA ILE D 249 7.70 -28.84 -25.96
C ILE D 249 7.09 -30.20 -26.25
N GLU D 250 7.16 -31.10 -25.27
CA GLU D 250 6.61 -32.44 -25.39
C GLU D 250 5.86 -32.77 -24.12
N GLU D 251 4.74 -33.48 -24.26
CA GLU D 251 3.95 -33.89 -23.10
C GLU D 251 3.42 -35.30 -23.28
N CYS D 252 3.18 -35.95 -22.15
CA CYS D 252 2.60 -37.27 -22.06
C CYS D 252 1.66 -37.20 -20.86
N PRO D 253 0.43 -37.74 -20.96
CA PRO D 253 -0.18 -38.32 -22.16
C PRO D 253 -0.61 -37.22 -23.13
N SER D 254 -1.05 -37.57 -24.33
CA SER D 254 -1.52 -36.53 -25.23
C SER D 254 -2.98 -36.19 -24.91
N PRO D 255 -3.31 -34.91 -24.71
CA PRO D 255 -4.71 -34.56 -24.42
C PRO D 255 -5.67 -34.87 -25.56
N ALA D 256 -5.19 -35.02 -26.79
CA ALA D 256 -6.07 -35.24 -27.92
C ALA D 256 -6.50 -36.69 -28.11
N LEU D 257 -5.75 -37.65 -27.57
CA LEU D 257 -6.10 -39.06 -27.76
C LEU D 257 -7.13 -39.53 -26.73
N THR D 258 -7.99 -40.43 -27.19
CA THR D 258 -8.98 -41.16 -26.44
C THR D 258 -8.46 -42.53 -26.08
N PRO D 259 -9.00 -43.16 -25.04
CA PRO D 259 -8.52 -44.51 -24.67
C PRO D 259 -8.54 -45.50 -25.82
N GLU D 260 -9.54 -45.42 -26.70
CA GLU D 260 -9.61 -46.35 -27.82
C GLU D 260 -8.50 -46.08 -28.83
N LEU D 261 -8.29 -44.81 -29.17
CA LEU D 261 -7.23 -44.46 -30.11
C LEU D 261 -5.87 -44.88 -29.58
N ARG D 262 -5.66 -44.69 -28.27
CA ARG D 262 -4.38 -45.05 -27.66
C ARG D 262 -4.08 -46.53 -27.84
N ALA D 263 -5.09 -47.38 -27.64
CA ALA D 263 -4.89 -48.82 -27.81
C ALA D 263 -4.63 -49.19 -29.26
N GLU D 264 -5.44 -48.66 -30.19
CA GLU D 264 -5.27 -48.99 -31.60
C GLU D 264 -3.87 -48.59 -32.07
N MET D 265 -3.43 -47.38 -31.73
CA MET D 265 -2.11 -46.94 -32.16
C MET D 265 -1.01 -47.75 -31.49
N GLY D 266 -1.15 -48.02 -30.19
CA GLY D 266 -0.17 -48.85 -29.51
C GLY D 266 -0.11 -50.25 -30.09
N ALA D 267 -1.27 -50.86 -30.35
CA ALA D 267 -1.29 -52.17 -30.95
C ALA D 267 -0.64 -52.14 -32.33
N ALA D 268 -1.00 -51.14 -33.14
CA ALA D 268 -0.37 -51.00 -34.45
C ALA D 268 1.14 -50.87 -34.31
N ALA D 269 1.61 -50.07 -33.36
CA ALA D 269 3.03 -49.88 -33.17
C ALA D 269 3.72 -51.21 -32.88
N VAL D 270 3.13 -52.04 -32.02
CA VAL D 270 3.73 -53.33 -31.71
C VAL D 270 3.73 -54.23 -32.94
N ARG D 271 2.67 -54.16 -33.75
CA ARG D 271 2.59 -54.95 -34.96
C ARG D 271 3.72 -54.62 -35.92
N LEU D 272 3.91 -53.33 -36.21
CA LEU D 272 4.99 -52.92 -37.11
C LEU D 272 6.35 -53.32 -36.52
N ALA D 273 6.52 -53.15 -35.21
CA ALA D 273 7.77 -53.50 -34.57
C ALA D 273 8.08 -54.98 -34.75
N LYS D 274 7.09 -55.83 -34.52
CA LYS D 274 7.33 -57.26 -34.65
C LYS D 274 7.64 -57.64 -36.09
N ALA D 275 6.99 -56.98 -37.06
CA ALA D 275 7.20 -57.31 -38.46
C ALA D 275 8.65 -57.04 -38.89
N VAL D 276 9.25 -55.96 -38.38
CA VAL D 276 10.62 -55.63 -38.77
C VAL D 276 11.65 -56.35 -37.93
N GLY D 277 11.23 -57.06 -36.88
CA GLY D 277 12.19 -57.74 -36.02
C GLY D 277 12.85 -56.83 -35.01
N TYR D 278 12.17 -55.81 -34.52
CA TYR D 278 12.79 -54.84 -33.64
C TYR D 278 13.23 -55.53 -32.35
N VAL D 279 14.29 -55.01 -31.73
CA VAL D 279 14.78 -55.64 -30.50
C VAL D 279 15.18 -54.63 -29.43
N SER D 280 14.96 -53.33 -29.67
CA SER D 280 15.33 -52.37 -28.63
C SER D 280 14.23 -51.33 -28.45
N ALA D 281 14.59 -50.15 -27.98
CA ALA D 281 13.60 -49.09 -27.76
C ALA D 281 13.41 -48.34 -29.06
N GLY D 282 12.17 -47.93 -29.32
CA GLY D 282 11.87 -47.25 -30.56
C GLY D 282 10.66 -46.36 -30.44
N THR D 283 10.53 -45.45 -31.41
CA THR D 283 9.45 -44.48 -31.44
C THR D 283 8.83 -44.46 -32.83
N LEU D 284 7.51 -44.63 -32.88
CA LEU D 284 6.76 -44.51 -34.12
C LEU D 284 6.03 -43.16 -34.12
N GLU D 285 6.31 -42.35 -35.12
CA GLU D 285 5.76 -41.00 -35.20
C GLU D 285 4.58 -41.00 -36.17
N PHE D 286 3.47 -40.43 -35.73
CA PHE D 286 2.24 -40.35 -36.52
C PHE D 286 1.82 -38.89 -36.62
N LEU D 287 0.89 -38.64 -37.53
CA LEU D 287 0.20 -37.37 -37.64
C LEU D 287 -1.26 -37.63 -37.36
N PHE D 288 -1.87 -36.79 -36.52
CA PHE D 288 -3.23 -37.04 -36.05
C PHE D 288 -4.09 -35.83 -36.39
N GLN D 289 -5.10 -36.06 -37.22
CA GLN D 289 -6.05 -35.02 -37.59
C GLN D 289 -7.42 -35.66 -37.80
N ASP D 290 -8.45 -35.00 -37.27
CA ASP D 290 -9.84 -35.39 -37.49
C ASP D 290 -10.08 -36.86 -37.11
N GLY D 291 -9.57 -37.24 -35.93
CA GLY D 291 -9.82 -38.55 -35.38
C GLY D 291 -9.13 -39.70 -36.08
N ARG D 292 -8.30 -39.42 -37.08
CA ARG D 292 -7.60 -40.44 -37.85
C ARG D 292 -6.10 -40.19 -37.77
N TYR D 293 -5.33 -41.26 -37.66
CA TYR D 293 -3.88 -41.19 -37.50
C TYR D 293 -3.17 -41.78 -38.70
N TYR D 294 -2.02 -41.19 -39.05
CA TYR D 294 -1.23 -41.57 -40.21
C TYR D 294 0.25 -41.68 -39.81
N PHE D 295 0.88 -42.79 -40.19
CA PHE D 295 2.28 -43.01 -39.89
C PHE D 295 3.18 -42.15 -40.77
N LEU D 296 4.24 -41.59 -40.17
CA LEU D 296 5.23 -40.80 -40.90
C LEU D 296 6.60 -41.47 -40.88
N GLU D 297 7.24 -41.58 -39.72
CA GLU D 297 8.59 -42.09 -39.64
C GLU D 297 8.77 -42.89 -38.35
N MET D 298 9.78 -43.74 -38.34
CA MET D 298 10.17 -44.47 -37.15
C MET D 298 11.60 -44.13 -36.81
N ASN D 299 11.84 -43.76 -35.55
CA ASN D 299 13.17 -43.46 -35.04
C ASN D 299 13.67 -44.72 -34.35
N THR D 300 14.70 -45.35 -34.93
CA THR D 300 15.20 -46.63 -34.43
C THR D 300 16.27 -46.42 -33.36
N ARG D 301 15.91 -45.66 -32.33
CA ARG D 301 16.84 -45.20 -31.31
C ARG D 301 16.03 -44.84 -30.07
N ILE D 302 16.75 -44.38 -29.05
CA ILE D 302 16.10 -43.74 -27.91
C ILE D 302 15.57 -42.38 -28.36
N GLN D 303 14.51 -41.92 -27.72
CA GLN D 303 13.90 -40.65 -28.06
C GLN D 303 14.38 -39.56 -27.11
N VAL D 304 14.60 -38.35 -27.65
CA VAL D 304 15.01 -37.24 -26.81
C VAL D 304 13.97 -37.00 -25.70
N GLU D 305 12.70 -37.11 -26.04
CA GLU D 305 11.61 -36.87 -25.11
C GLU D 305 11.14 -38.14 -24.41
N HIS D 306 11.96 -39.19 -24.42
CA HIS D 306 11.60 -40.39 -23.67
C HIS D 306 11.37 -40.07 -22.20
N THR D 307 11.85 -38.92 -21.74
CA THR D 307 11.72 -38.57 -20.34
C THR D 307 10.27 -38.48 -19.89
N VAL D 308 9.42 -37.83 -20.70
CA VAL D 308 8.02 -37.69 -20.31
C VAL D 308 7.37 -39.06 -20.21
N THR D 309 7.65 -39.93 -21.17
CA THR D 309 7.13 -41.29 -21.10
C THR D 309 7.65 -42.02 -19.85
N GLU D 310 8.93 -41.82 -19.52
CA GLU D 310 9.51 -42.49 -18.35
C GLU D 310 8.81 -42.06 -17.07
N MET D 311 8.48 -40.79 -16.93
CA MET D 311 7.90 -40.34 -15.66
C MET D 311 6.45 -40.75 -15.54
N VAL D 312 5.73 -40.84 -16.65
CA VAL D 312 4.30 -41.17 -16.58
C VAL D 312 4.11 -42.66 -16.38
N TYR D 313 4.94 -43.49 -17.03
CA TYR D 313 4.81 -44.94 -16.89
C TYR D 313 5.82 -45.53 -15.92
N GLY D 314 6.66 -44.71 -15.30
CA GLY D 314 7.56 -45.17 -14.25
C GLY D 314 8.55 -46.23 -14.68
N ILE D 315 9.14 -46.07 -15.86
CA ILE D 315 10.07 -47.04 -16.41
C ILE D 315 11.36 -46.34 -16.80
N ASP D 316 12.49 -46.99 -16.51
CA ASP D 316 13.81 -46.53 -16.97
C ASP D 316 14.05 -47.15 -18.34
N LEU D 317 13.89 -46.35 -19.39
CA LEU D 317 14.02 -46.89 -20.73
C LEU D 317 15.47 -47.23 -21.07
N VAL D 318 16.42 -46.39 -20.65
CA VAL D 318 17.83 -46.67 -20.92
C VAL D 318 18.28 -47.93 -20.19
N ALA D 319 17.86 -48.08 -18.94
CA ALA D 319 18.13 -49.34 -18.24
C ALA D 319 17.48 -50.50 -18.96
N ALA D 320 16.25 -50.31 -19.45
CA ALA D 320 15.57 -51.37 -20.20
C ALA D 320 16.36 -51.74 -21.44
N GLN D 321 16.88 -50.74 -22.17
CA GLN D 321 17.69 -51.02 -23.34
C GLN D 321 18.87 -51.92 -22.99
N ILE D 322 19.54 -51.61 -21.89
CA ILE D 322 20.73 -52.37 -21.50
C ILE D 322 20.37 -53.81 -21.21
N ARG D 323 19.28 -54.03 -20.46
CA ARG D 323 18.88 -55.39 -20.14
C ARG D 323 18.49 -56.17 -21.38
N ILE D 324 17.64 -55.58 -22.24
CA ILE D 324 17.24 -56.31 -23.44
C ILE D 324 18.44 -56.59 -24.31
N ALA D 325 19.43 -55.69 -24.29
CA ALA D 325 20.66 -55.94 -25.04
C ALA D 325 21.47 -57.06 -24.41
N GLN D 326 21.41 -57.19 -23.09
CA GLN D 326 22.09 -58.28 -22.38
C GLN D 326 21.41 -59.62 -22.61
N GLY D 327 20.26 -59.63 -23.27
CA GLY D 327 19.55 -60.86 -23.58
C GLY D 327 18.41 -61.17 -22.64
N GLU D 328 18.09 -60.28 -21.71
CA GLU D 328 16.99 -60.53 -20.79
C GLU D 328 15.67 -60.56 -21.54
N LYS D 329 14.80 -61.49 -21.15
CA LYS D 329 13.45 -61.49 -21.66
C LYS D 329 12.65 -60.41 -20.95
N LEU D 330 11.69 -59.83 -21.67
CA LEU D 330 10.93 -58.71 -21.11
C LEU D 330 10.34 -59.08 -19.76
N TRP D 331 10.57 -58.22 -18.77
CA TRP D 331 10.17 -58.48 -17.39
C TRP D 331 8.77 -57.98 -17.07
N PHE D 332 8.02 -57.52 -18.08
CA PHE D 332 6.66 -57.05 -17.86
C PHE D 332 5.86 -57.27 -19.13
N LYS D 333 4.54 -57.11 -19.02
CA LYS D 333 3.62 -57.30 -20.13
C LYS D 333 2.75 -56.06 -20.29
N GLN D 334 2.06 -55.99 -21.44
CA GLN D 334 1.27 -54.80 -21.75
C GLN D 334 0.26 -54.50 -20.66
N GLU D 335 -0.25 -55.54 -19.97
CA GLU D 335 -1.19 -55.32 -18.90
C GLU D 335 -0.58 -54.52 -17.75
N ASP D 336 0.75 -54.65 -17.55
CA ASP D 336 1.47 -53.95 -16.51
C ASP D 336 1.78 -52.49 -16.84
N VAL D 337 1.64 -52.08 -18.09
CA VAL D 337 1.98 -50.72 -18.52
C VAL D 337 0.82 -49.80 -18.18
N VAL D 338 0.99 -48.97 -17.15
CA VAL D 338 -0.09 -48.11 -16.65
C VAL D 338 0.37 -46.66 -16.54
N PRO D 339 -0.36 -45.72 -17.14
CA PRO D 339 -0.01 -44.31 -16.98
C PRO D 339 -0.52 -43.74 -15.67
N ARG D 340 0.33 -42.97 -15.02
CA ARG D 340 -0.02 -42.21 -13.81
C ARG D 340 0.48 -40.79 -13.99
N GLY D 341 -0.42 -39.82 -13.85
CA GLY D 341 -0.02 -38.42 -13.92
C GLY D 341 0.17 -37.89 -15.33
N HIS D 342 0.73 -36.67 -15.41
CA HIS D 342 1.01 -35.98 -16.66
C HIS D 342 2.39 -35.34 -16.58
N ALA D 343 3.15 -35.44 -17.68
CA ALA D 343 4.51 -34.89 -17.74
C ALA D 343 4.69 -33.98 -18.95
N ILE D 344 5.45 -32.91 -18.76
CA ILE D 344 5.76 -31.96 -19.82
C ILE D 344 7.27 -31.75 -19.83
N GLU D 345 7.84 -31.63 -21.02
CA GLU D 345 9.26 -31.34 -21.18
C GLU D 345 9.48 -30.11 -22.04
N CYS D 346 10.27 -29.18 -21.54
CA CYS D 346 10.71 -28.02 -22.29
C CYS D 346 12.19 -28.19 -22.60
N ARG D 347 12.58 -28.02 -23.85
CA ARG D 347 13.98 -28.17 -24.25
C ARG D 347 14.69 -26.83 -24.07
N ILE D 348 15.73 -26.82 -23.28
CA ILE D 348 16.44 -25.59 -23.04
C ILE D 348 17.43 -25.49 -24.17
N ASN D 349 16.98 -24.96 -25.29
CA ASN D 349 17.84 -24.82 -26.44
C ASN D 349 18.48 -23.48 -26.37
N ALA D 350 19.71 -23.40 -26.81
CA ALA D 350 20.43 -22.15 -26.80
C ALA D 350 20.16 -21.42 -28.07
N GLU D 351 19.04 -20.73 -28.14
CA GLU D 351 18.68 -20.05 -29.34
C GLU D 351 18.02 -18.76 -28.92
N ASP D 352 17.81 -17.85 -29.87
CA ASP D 352 17.15 -16.60 -29.55
C ASP D 352 15.65 -16.69 -29.86
N PRO D 353 14.78 -16.85 -28.82
CA PRO D 353 13.39 -16.99 -29.24
C PRO D 353 12.87 -15.77 -29.93
N LEU D 354 13.52 -14.64 -29.78
CA LEU D 354 12.98 -13.42 -30.33
C LEU D 354 13.55 -13.09 -31.69
N HIS D 355 14.51 -13.87 -32.13
CA HIS D 355 15.13 -13.63 -33.42
C HIS D 355 15.17 -14.90 -34.19
N ASN D 356 14.01 -15.39 -34.61
CA ASN D 356 13.91 -16.62 -35.40
C ASN D 356 14.81 -17.73 -34.92
N PHE D 357 14.82 -17.97 -33.62
CA PHE D 357 15.59 -19.06 -33.03
C PHE D 357 16.96 -19.21 -33.63
N ARG D 358 17.70 -18.12 -33.69
CA ARG D 358 19.02 -18.16 -34.25
C ARG D 358 19.95 -18.68 -33.18
N PRO D 359 20.89 -19.48 -33.59
CA PRO D 359 21.77 -20.07 -32.61
C PRO D 359 22.48 -19.09 -31.73
N ALA D 360 22.47 -19.31 -30.42
CA ALA D 360 23.19 -18.47 -29.48
C ALA D 360 24.29 -19.30 -28.84
N LEU D 361 25.51 -18.77 -28.84
CA LEU D 361 26.65 -19.44 -28.24
C LEU D 361 27.31 -18.47 -27.26
N GLY D 362 28.18 -19.01 -26.41
CA GLY D 362 28.83 -18.20 -25.41
C GLY D 362 29.28 -19.06 -24.24
N THR D 363 29.55 -18.39 -23.13
CA THR D 363 30.00 -19.04 -21.91
C THR D 363 28.96 -18.90 -20.81
N ILE D 364 28.61 -20.02 -20.18
CA ILE D 364 27.67 -20.01 -19.07
C ILE D 364 28.41 -19.57 -17.82
N GLY D 365 27.93 -18.51 -17.18
CA GLY D 365 28.52 -18.06 -15.94
C GLY D 365 27.95 -18.81 -14.76
N GLU D 366 26.76 -18.42 -14.32
CA GLU D 366 26.14 -19.01 -13.14
C GLU D 366 25.07 -20.00 -13.57
N TYR D 367 25.10 -21.20 -13.01
CA TYR D 367 24.20 -22.27 -13.40
C TYR D 367 23.54 -22.82 -12.15
N HIS D 368 22.23 -22.66 -12.03
CA HIS D 368 21.47 -23.24 -10.92
C HIS D 368 20.20 -23.89 -11.46
N GLU D 369 20.11 -25.21 -11.32
CA GLU D 369 18.98 -25.97 -11.84
C GLU D 369 17.81 -25.91 -10.87
N PRO D 370 16.58 -25.90 -11.37
CA PRO D 370 15.42 -25.88 -10.48
C PRO D 370 15.30 -27.21 -9.75
N VAL D 371 14.72 -27.16 -8.55
CA VAL D 371 14.64 -28.33 -7.70
C VAL D 371 13.22 -28.46 -7.15
N GLY D 372 12.83 -29.68 -6.83
CA GLY D 372 11.56 -29.92 -6.17
C GLY D 372 11.00 -31.28 -6.54
N PHE D 373 9.84 -31.56 -5.97
CA PHE D 373 9.13 -32.80 -6.28
C PHE D 373 8.59 -32.75 -7.71
N GLY D 374 8.87 -33.80 -8.48
CA GLY D 374 8.37 -33.84 -9.83
C GLY D 374 9.11 -32.98 -10.82
N VAL D 375 10.31 -32.52 -10.48
CA VAL D 375 11.15 -31.75 -11.39
C VAL D 375 12.36 -32.60 -11.76
N ARG D 376 12.59 -32.76 -13.06
CA ARG D 376 13.75 -33.48 -13.54
C ARG D 376 14.49 -32.60 -14.53
N VAL D 377 15.81 -32.57 -14.41
CA VAL D 377 16.68 -31.86 -15.34
C VAL D 377 17.69 -32.85 -15.87
N ASP D 378 17.60 -33.14 -17.17
CA ASP D 378 18.59 -33.95 -17.86
C ASP D 378 19.46 -32.97 -18.64
N SER D 379 20.69 -32.76 -18.18
CA SER D 379 21.50 -31.65 -18.66
C SER D 379 22.85 -32.12 -19.15
N GLY D 380 23.46 -31.29 -20.01
CA GLY D 380 24.80 -31.53 -20.49
C GLY D 380 25.71 -30.34 -20.24
N VAL D 381 25.25 -29.39 -19.43
CA VAL D 381 26.02 -28.17 -19.18
C VAL D 381 26.18 -28.00 -17.67
N ARG D 382 27.09 -27.11 -17.29
CA ARG D 382 27.38 -26.80 -15.90
C ARG D 382 27.69 -25.31 -15.79
N ALA D 383 27.95 -24.85 -14.56
CA ALA D 383 28.35 -23.48 -14.34
C ALA D 383 29.79 -23.26 -14.80
N TYR D 384 30.05 -22.06 -15.33
CA TYR D 384 31.37 -21.70 -15.84
C TYR D 384 31.83 -22.71 -16.89
N TYR D 385 30.95 -22.92 -17.87
CA TYR D 385 31.18 -23.82 -18.98
C TYR D 385 30.98 -23.04 -20.26
N THR D 386 31.96 -23.09 -21.15
CA THR D 386 31.83 -22.50 -22.48
C THR D 386 31.20 -23.54 -23.40
N VAL D 387 30.05 -23.20 -23.98
CA VAL D 387 29.27 -24.14 -24.76
C VAL D 387 29.91 -24.34 -26.12
N PRO D 388 30.31 -25.56 -26.48
CA PRO D 388 30.89 -25.78 -27.80
C PRO D 388 29.94 -25.25 -28.87
N SER D 389 30.52 -24.59 -29.87
CA SER D 389 29.70 -23.98 -30.91
C SER D 389 29.32 -24.99 -31.99
N HIS D 390 30.00 -26.13 -31.99
CA HIS D 390 29.65 -27.22 -32.89
C HIS D 390 28.48 -28.00 -32.28
N TYR D 391 28.11 -29.09 -32.94
CA TYR D 391 27.04 -29.99 -32.50
C TYR D 391 25.71 -29.25 -32.29
N ASP D 392 25.01 -29.55 -31.20
CA ASP D 392 23.62 -29.18 -30.99
C ASP D 392 23.49 -27.83 -30.28
N SER D 393 22.24 -27.40 -30.12
CA SER D 393 21.91 -26.24 -29.30
C SER D 393 21.30 -26.63 -27.95
N LEU D 394 21.04 -27.92 -27.74
CA LEU D 394 20.41 -28.39 -26.52
C LEU D 394 21.37 -28.29 -25.34
N LEU D 395 21.09 -27.34 -24.43
CA LEU D 395 21.86 -27.26 -23.20
C LEU D 395 21.39 -28.31 -22.20
N ALA D 396 20.08 -28.38 -21.99
CA ALA D 396 19.51 -29.33 -21.04
C ALA D 396 18.04 -29.53 -21.40
N LYS D 397 17.43 -30.50 -20.74
CA LYS D 397 16.00 -30.77 -20.89
C LYS D 397 15.36 -30.68 -19.51
N LEU D 398 14.31 -29.85 -19.42
CA LEU D 398 13.56 -29.64 -18.19
C LEU D 398 12.27 -30.44 -18.26
N ILE D 399 12.09 -31.37 -17.33
CA ILE D 399 10.92 -32.26 -17.32
C ILE D 399 10.20 -32.09 -15.99
N THR D 400 8.88 -31.97 -16.03
CA THR D 400 8.08 -31.88 -14.82
C THR D 400 6.99 -32.94 -14.86
N TRP D 401 6.68 -33.47 -13.68
CA TRP D 401 5.60 -34.42 -13.51
C TRP D 401 4.62 -33.90 -12.47
N GLY D 402 3.34 -34.19 -12.69
CA GLY D 402 2.31 -33.83 -11.74
C GLY D 402 1.26 -34.92 -11.68
N SER D 403 0.39 -34.83 -10.67
CA SER D 403 -0.74 -35.74 -10.62
C SER D 403 -1.70 -35.50 -11.78
N ASP D 404 -1.96 -34.24 -12.11
CA ASP D 404 -2.76 -33.88 -13.28
C ASP D 404 -1.99 -32.85 -14.11
N ARG D 405 -2.45 -32.66 -15.35
CA ARG D 405 -1.75 -31.76 -16.27
C ARG D 405 -1.59 -30.37 -15.69
N GLN D 406 -2.62 -29.86 -15.01
CA GLN D 406 -2.52 -28.52 -14.46
C GLN D 406 -1.35 -28.40 -13.50
N GLU D 407 -1.16 -29.40 -12.63
CA GLU D 407 0.00 -29.39 -11.75
C GLU D 407 1.29 -29.36 -12.56
N ALA D 408 1.40 -30.25 -13.56
CA ALA D 408 2.61 -30.29 -14.36
C ALA D 408 2.90 -28.96 -15.02
N ILE D 409 1.85 -28.27 -15.48
CA ILE D 409 2.05 -26.95 -16.07
C ILE D 409 2.51 -25.96 -15.02
N ALA D 410 1.92 -26.02 -13.82
CA ALA D 410 2.33 -25.11 -12.75
C ALA D 410 3.78 -25.36 -12.35
N ARG D 411 4.18 -26.62 -12.20
CA ARG D 411 5.56 -26.91 -11.84
C ARG D 411 6.53 -26.46 -12.93
N MET D 412 6.19 -26.70 -14.19
CA MET D 412 7.05 -26.25 -15.28
C MET D 412 7.23 -24.74 -15.25
N ARG D 413 6.17 -24.01 -14.92
CA ARG D 413 6.27 -22.56 -14.88
C ARG D 413 7.22 -22.12 -13.78
N ARG D 414 7.15 -22.75 -12.60
CA ARG D 414 8.09 -22.43 -11.52
C ARG D 414 9.51 -22.82 -11.91
N ALA D 415 9.70 -24.03 -12.43
CA ALA D 415 11.05 -24.48 -12.77
C ALA D 415 11.67 -23.58 -13.83
N LEU D 416 10.90 -23.19 -14.85
CA LEU D 416 11.45 -22.33 -15.88
C LEU D 416 11.91 -21.00 -15.28
N ALA D 417 11.11 -20.42 -14.40
CA ALA D 417 11.49 -19.15 -13.79
C ALA D 417 12.74 -19.30 -12.94
N GLU D 418 12.84 -20.41 -12.19
CA GLU D 418 13.92 -20.62 -11.24
C GLU D 418 15.10 -21.38 -11.84
N TYR D 419 15.12 -21.58 -13.15
CA TYR D 419 16.29 -22.11 -13.83
C TYR D 419 17.17 -20.94 -14.21
N ARG D 420 18.41 -20.91 -13.70
CA ARG D 420 19.33 -19.80 -13.91
C ARG D 420 20.42 -20.25 -14.88
N ILE D 421 20.43 -19.65 -16.08
CA ILE D 421 21.47 -19.91 -17.06
C ILE D 421 21.98 -18.55 -17.54
N GLU D 422 23.10 -18.12 -17.00
CA GLU D 422 23.63 -16.77 -17.23
C GLU D 422 24.75 -16.85 -18.25
N GLY D 423 24.84 -15.83 -19.10
CA GLY D 423 25.85 -15.79 -20.13
C GLY D 423 25.39 -16.22 -21.51
N VAL D 424 24.36 -17.06 -21.60
CA VAL D 424 23.92 -17.58 -22.88
C VAL D 424 22.42 -17.33 -23.01
N THR D 425 21.99 -17.06 -24.24
CA THR D 425 20.58 -16.88 -24.52
C THR D 425 19.89 -18.23 -24.63
N THR D 426 18.72 -18.35 -24.00
CA THR D 426 17.93 -19.56 -24.04
C THR D 426 16.51 -19.21 -24.48
N ILE D 427 15.76 -20.24 -24.86
CA ILE D 427 14.39 -20.04 -25.29
C ILE D 427 13.45 -20.15 -24.10
N ILE D 428 14.01 -20.08 -22.89
CA ILE D 428 13.18 -20.21 -21.68
C ILE D 428 12.08 -19.18 -21.65
N PRO D 429 12.28 -17.94 -22.10
CA PRO D 429 11.14 -17.01 -22.17
C PRO D 429 10.01 -17.54 -23.04
N PHE D 430 10.34 -18.12 -24.20
CA PHE D 430 9.31 -18.68 -25.07
C PHE D 430 8.52 -19.75 -24.32
N HIS D 431 9.22 -20.67 -23.63
CA HIS D 431 8.56 -21.70 -22.86
C HIS D 431 7.59 -21.09 -21.85
N GLN D 432 8.01 -20.03 -21.16
CA GLN D 432 7.16 -19.42 -20.15
C GLN D 432 5.92 -18.80 -20.77
N ALA D 433 6.08 -18.11 -21.90
CA ALA D 433 4.93 -17.51 -22.57
C ALA D 433 3.97 -18.59 -23.09
N ALA D 434 4.52 -19.64 -23.71
CA ALA D 434 3.67 -20.72 -24.22
C ALA D 434 2.85 -21.34 -23.10
N LEU D 435 3.49 -21.65 -21.97
CA LEU D 435 2.77 -22.28 -20.87
C LEU D 435 1.73 -21.37 -20.24
N GLU D 436 1.78 -20.07 -20.53
CA GLU D 436 0.72 -19.14 -20.14
C GLU D 436 -0.36 -18.98 -21.19
N HIS D 437 -0.11 -19.42 -22.42
CA HIS D 437 -1.04 -19.17 -23.51
C HIS D 437 -2.34 -19.95 -23.30
N PRO D 438 -3.49 -19.35 -23.59
CA PRO D 438 -4.75 -20.08 -23.40
C PRO D 438 -4.84 -21.35 -24.24
N VAL D 439 -4.32 -21.32 -25.47
CA VAL D 439 -4.43 -22.47 -26.34
C VAL D 439 -3.67 -23.66 -25.75
N PHE D 440 -2.48 -23.41 -25.20
CA PHE D 440 -1.73 -24.50 -24.57
C PHE D 440 -2.44 -24.97 -23.31
N THR D 441 -2.92 -24.04 -22.48
CA THR D 441 -3.62 -24.40 -21.26
C THR D 441 -4.80 -25.32 -21.55
N ALA D 442 -5.50 -25.07 -22.65
CA ALA D 442 -6.70 -25.81 -23.02
C ALA D 442 -6.42 -27.15 -23.69
N GLY D 443 -5.19 -27.40 -24.12
CA GLY D 443 -4.85 -28.64 -24.79
C GLY D 443 -5.12 -28.63 -26.28
N ALA D 444 -5.02 -27.47 -26.92
CA ALA D 444 -5.26 -27.33 -28.35
C ALA D 444 -3.96 -27.15 -29.13
N ALA D 445 -2.82 -27.41 -28.51
CA ALA D 445 -1.56 -27.24 -29.20
C ALA D 445 -1.50 -28.12 -30.44
N THR D 446 -1.34 -27.49 -31.59
CA THR D 446 -1.22 -28.15 -32.88
C THR D 446 0.19 -27.94 -33.43
N VAL D 447 0.45 -28.51 -34.61
CA VAL D 447 1.74 -28.26 -35.24
C VAL D 447 1.86 -26.80 -35.64
N ASN D 448 0.71 -26.13 -35.86
CA ASN D 448 0.68 -24.73 -36.24
C ASN D 448 0.51 -23.80 -35.05
N PHE D 449 0.85 -24.28 -33.84
CA PHE D 449 0.67 -23.47 -32.64
C PHE D 449 1.47 -22.18 -32.71
N ILE D 450 2.75 -22.28 -33.07
CA ILE D 450 3.64 -21.12 -33.10
C ILE D 450 3.25 -20.18 -34.23
N PRO D 451 3.07 -20.68 -35.45
CA PRO D 451 2.64 -19.79 -36.55
C PRO D 451 1.35 -19.04 -36.28
N ARG D 452 0.33 -19.73 -35.77
CA ARG D 452 -1.00 -19.13 -35.66
C ARG D 452 -1.10 -18.13 -34.51
N HIS D 453 -0.23 -18.22 -33.51
CA HIS D 453 -0.22 -17.30 -32.38
C HIS D 453 1.16 -16.69 -32.25
N PRO D 454 1.43 -15.58 -32.96
CA PRO D 454 2.71 -14.88 -32.78
C PRO D 454 2.76 -14.05 -31.51
N GLU D 455 1.64 -13.93 -30.79
CA GLU D 455 1.62 -13.22 -29.52
C GLU D 455 2.55 -13.87 -28.49
N LEU D 456 2.94 -15.12 -28.70
CA LEU D 456 3.88 -15.77 -27.80
C LEU D 456 5.17 -14.96 -27.68
N PHE D 457 5.68 -14.47 -28.81
CA PHE D 457 6.95 -13.77 -28.82
C PHE D 457 6.86 -12.40 -28.17
N SER D 458 5.71 -11.75 -28.24
CA SER D 458 5.54 -10.51 -27.48
C SER D 458 5.69 -10.78 -25.99
N ARG D 459 4.98 -11.80 -25.48
CA ARG D 459 5.14 -12.18 -24.08
C ARG D 459 6.57 -12.59 -23.79
N ALA D 460 7.19 -13.32 -24.72
CA ALA D 460 8.58 -13.72 -24.54
C ALA D 460 9.48 -12.49 -24.42
N ALA D 461 9.23 -11.48 -25.26
CA ALA D 461 9.99 -10.24 -25.16
C ALA D 461 9.80 -9.62 -23.78
N GLU D 462 8.58 -9.69 -23.25
CA GLU D 462 8.31 -9.13 -21.94
C GLU D 462 9.08 -9.85 -20.83
N LEU D 463 9.37 -11.14 -21.01
CA LEU D 463 10.03 -11.91 -19.96
C LEU D 463 11.55 -11.92 -20.06
N THR D 464 12.14 -11.31 -21.09
CA THR D 464 13.59 -11.34 -21.19
C THR D 464 14.19 -10.20 -20.37
N PRO D 465 15.47 -10.31 -19.98
CA PRO D 465 16.14 -9.26 -19.20
C PRO D 465 16.07 -7.90 -19.86
N PRO E 6 33.15 -14.23 11.23
CA PRO E 6 32.42 -13.50 10.18
C PRO E 6 31.25 -12.67 10.72
N ALA E 7 30.12 -12.71 10.01
CA ALA E 7 28.89 -12.02 10.37
C ALA E 7 29.11 -10.53 10.59
N PRO E 8 29.44 -9.76 9.55
CA PRO E 8 29.60 -8.31 9.72
C PRO E 8 28.35 -7.69 10.32
N GLU E 9 28.55 -6.80 11.30
CA GLU E 9 27.40 -6.19 11.95
C GLU E 9 26.73 -5.18 11.03
N PRO E 10 25.42 -5.01 11.17
CA PRO E 10 24.68 -4.10 10.29
C PRO E 10 24.82 -2.65 10.72
N ARG E 11 24.38 -1.76 9.83
CA ARG E 11 24.27 -0.35 10.13
C ARG E 11 22.81 -0.04 10.42
N ARG E 12 22.53 0.43 11.63
CA ARG E 12 21.17 0.62 12.10
C ARG E 12 20.86 2.12 12.17
N PHE E 13 19.76 2.50 11.52
CA PHE E 13 19.34 3.90 11.52
C PHE E 13 17.87 4.01 11.84
N THR E 14 17.46 5.12 12.41
CA THR E 14 16.05 5.40 12.66
C THR E 14 15.60 6.48 11.70
N ILE E 15 14.62 6.15 10.85
CA ILE E 15 14.19 7.02 9.77
C ILE E 15 12.75 7.43 10.03
N GLU E 16 12.49 8.73 9.99
CA GLU E 16 11.14 9.28 10.12
C GLU E 16 10.70 9.76 8.74
N VAL E 17 9.67 9.11 8.20
CA VAL E 17 9.11 9.46 6.90
C VAL E 17 7.71 10.00 7.14
N ASN E 18 7.52 11.30 6.92
CA ASN E 18 6.23 11.94 7.11
C ASN E 18 5.67 11.62 8.51
N GLY E 19 6.54 11.64 9.51
CA GLY E 19 6.12 11.46 10.89
C GLY E 19 6.00 10.03 11.37
N ARG E 20 6.40 9.05 10.56
CA ARG E 20 6.30 7.64 10.91
C ARG E 20 7.70 7.12 11.24
N ARG E 21 7.90 6.71 12.49
CA ARG E 21 9.21 6.24 12.92
C ARG E 21 9.43 4.82 12.44
N PHE E 22 10.59 4.56 11.84
CA PHE E 22 10.96 3.23 11.37
C PHE E 22 12.35 2.86 11.83
N GLY E 23 12.54 1.60 12.16
CA GLY E 23 13.84 1.05 12.49
C GLY E 23 14.41 0.30 11.30
N VAL E 24 15.55 0.78 10.80
CA VAL E 24 16.13 0.26 9.57
C VAL E 24 17.48 -0.36 9.90
N ALA E 25 17.73 -1.53 9.32
CA ALA E 25 19.04 -2.19 9.39
C ALA E 25 19.49 -2.47 7.98
N VAL E 26 20.68 -2.00 7.63
CA VAL E 26 21.25 -2.16 6.30
C VAL E 26 22.44 -3.09 6.41
N PHE E 27 22.53 -4.06 5.49
CA PHE E 27 23.57 -5.07 5.52
C PHE E 27 24.46 -4.94 4.29
N GLY E 28 25.76 -4.75 4.51
CA GLY E 28 26.72 -4.68 3.43
C GLY E 28 26.95 -3.27 2.92
N ALA F 7 19.00 26.56 -7.28
CA ALA F 7 18.16 25.42 -7.64
C ALA F 7 19.00 24.17 -7.89
N PRO F 8 19.60 23.63 -6.83
CA PRO F 8 20.42 22.42 -6.98
C PRO F 8 19.65 21.29 -7.66
N GLU F 9 20.30 20.64 -8.62
CA GLU F 9 19.66 19.56 -9.36
C GLU F 9 19.56 18.31 -8.49
N PRO F 10 18.57 17.46 -8.75
CA PRO F 10 18.39 16.26 -7.91
C PRO F 10 19.36 15.16 -8.29
N ARG F 11 19.45 14.17 -7.41
CA ARG F 11 20.21 12.94 -7.65
C ARG F 11 19.23 11.84 -8.01
N ARG F 12 19.34 11.30 -9.23
CA ARG F 12 18.38 10.34 -9.75
C ARG F 12 18.99 8.95 -9.86
N PHE F 13 18.35 7.98 -9.22
CA PHE F 13 18.75 6.58 -9.25
C PHE F 13 17.56 5.73 -9.67
N THR F 14 17.85 4.52 -10.11
CA THR F 14 16.84 3.49 -10.32
C THR F 14 17.09 2.38 -9.31
N ILE F 15 16.11 2.14 -8.43
CA ILE F 15 16.25 1.22 -7.31
C ILE F 15 15.29 0.06 -7.53
N GLU F 16 15.83 -1.16 -7.46
CA GLU F 16 15.04 -2.38 -7.59
C GLU F 16 14.95 -3.03 -6.22
N VAL F 17 13.74 -3.08 -5.67
CA VAL F 17 13.46 -3.67 -4.38
C VAL F 17 12.59 -4.90 -4.59
N ASN F 18 13.15 -6.08 -4.31
CA ASN F 18 12.44 -7.34 -4.49
C ASN F 18 11.85 -7.45 -5.89
N GLY F 19 12.62 -7.01 -6.88
CA GLY F 19 12.24 -7.14 -8.27
C GLY F 19 11.34 -6.05 -8.79
N ARG F 20 11.01 -5.05 -7.99
CA ARG F 20 10.11 -3.98 -8.39
C ARG F 20 10.94 -2.72 -8.63
N ARG F 21 10.96 -2.26 -9.85
CA ARG F 21 11.81 -1.12 -10.15
C ARG F 21 11.13 0.17 -9.83
N PHE F 22 11.68 0.89 -8.88
CA PHE F 22 11.15 2.19 -8.56
C PHE F 22 12.19 3.16 -9.06
N GLY F 23 11.82 4.41 -9.21
CA GLY F 23 12.77 5.41 -9.63
C GLY F 23 12.80 6.49 -8.58
N VAL F 24 13.98 6.83 -8.09
CA VAL F 24 14.04 7.78 -7.01
C VAL F 24 14.75 9.06 -7.35
N ALA F 25 14.38 10.14 -6.68
CA ALA F 25 15.01 11.42 -6.92
C ALA F 25 15.21 12.07 -5.58
N VAL F 26 16.46 12.25 -5.20
CA VAL F 26 16.75 12.79 -3.89
C VAL F 26 17.14 14.24 -3.96
N PHE F 27 16.66 15.04 -3.03
CA PHE F 27 16.95 16.47 -3.00
C PHE F 27 17.60 16.83 -1.67
N GLY F 28 18.78 17.43 -1.75
CA GLY F 28 19.47 17.90 -0.55
C GLY F 28 20.38 16.86 0.09
N PRO G 10 23.38 -3.34 -9.19
CA PRO G 10 24.83 -3.29 -9.02
C PRO G 10 25.23 -3.20 -7.55
N ARG G 11 24.72 -2.19 -6.85
CA ARG G 11 24.90 -2.08 -5.40
C ARG G 11 23.71 -2.78 -4.75
N ARG G 12 23.94 -4.01 -4.27
CA ARG G 12 22.88 -4.82 -3.69
C ARG G 12 23.08 -4.92 -2.19
N PHE G 13 22.02 -4.63 -1.44
CA PHE G 13 22.00 -4.71 0.00
C PHE G 13 20.74 -5.43 0.45
N THR G 14 20.68 -5.72 1.75
CA THR G 14 19.48 -6.23 2.39
C THR G 14 19.09 -5.26 3.48
N ILE G 15 17.80 -4.95 3.57
CA ILE G 15 17.29 -3.93 4.47
C ILE G 15 16.15 -4.53 5.25
N GLU G 16 16.13 -4.30 6.56
CA GLU G 16 15.10 -4.82 7.45
C GLU G 16 14.38 -3.61 8.05
N VAL G 17 13.26 -3.22 7.42
CA VAL G 17 12.46 -2.11 7.91
C VAL G 17 11.50 -2.63 8.97
N ASN G 18 11.78 -2.33 10.23
CA ASN G 18 10.95 -2.77 11.35
C ASN G 18 10.68 -4.27 11.29
N GLY G 19 11.66 -5.03 10.84
CA GLY G 19 11.52 -6.47 10.79
C GLY G 19 11.42 -7.05 9.38
N ARG G 20 10.72 -6.36 8.48
CA ARG G 20 10.49 -6.90 7.14
C ARG G 20 11.77 -6.85 6.31
N ARG G 21 12.18 -8.01 5.81
CA ARG G 21 13.36 -8.07 4.95
C ARG G 21 13.00 -7.63 3.54
N PHE G 22 13.81 -6.73 2.98
CA PHE G 22 13.61 -6.24 1.63
C PHE G 22 14.95 -6.29 0.93
N GLY G 23 14.97 -6.85 -0.28
CA GLY G 23 16.18 -6.96 -1.06
C GLY G 23 16.27 -5.80 -2.03
N VAL G 24 17.28 -4.95 -1.82
CA VAL G 24 17.40 -3.72 -2.60
C VAL G 24 18.57 -3.84 -3.56
N ALA G 25 18.49 -3.04 -4.62
CA ALA G 25 19.51 -2.98 -5.66
C ALA G 25 19.47 -1.54 -6.16
N VAL G 26 20.52 -0.78 -5.86
CA VAL G 26 20.48 0.67 -6.07
C VAL G 26 20.87 1.12 -7.47
N PHE G 27 21.56 0.29 -8.25
CA PHE G 27 21.96 0.69 -9.60
C PHE G 27 22.65 2.06 -9.59
N GLY G 28 22.04 3.04 -10.25
CA GLY G 28 22.62 4.36 -10.36
C GLY G 28 21.88 5.23 -11.35
N ARG H 11 19.40 15.13 9.68
CA ARG H 11 19.65 15.08 8.24
C ARG H 11 18.34 14.94 7.47
N ARG H 12 17.86 16.05 6.90
CA ARG H 12 16.57 16.10 6.23
C ARG H 12 16.74 16.27 4.73
N PHE H 13 16.06 15.41 3.96
CA PHE H 13 15.99 15.58 2.52
C PHE H 13 14.57 15.27 2.06
N THR H 14 14.29 15.53 0.80
CA THR H 14 13.02 15.22 0.17
C THR H 14 13.25 14.26 -0.98
N ILE H 15 12.39 13.24 -1.07
CA ILE H 15 12.60 12.12 -1.97
C ILE H 15 11.32 11.89 -2.77
N GLU H 16 11.47 11.64 -4.07
CA GLU H 16 10.36 11.44 -5.00
C GLU H 16 10.41 10.02 -5.57
N VAL H 17 9.66 9.10 -4.96
CA VAL H 17 9.60 7.73 -5.45
C VAL H 17 8.53 7.65 -6.54
N ASN H 18 8.97 7.57 -7.80
CA ASN H 18 8.07 7.49 -8.95
C ASN H 18 7.00 8.56 -8.91
N GLY H 19 7.37 9.75 -8.45
CA GLY H 19 6.45 10.86 -8.40
C GLY H 19 6.00 11.32 -7.03
N ARG H 20 5.82 10.37 -6.11
CA ARG H 20 5.31 10.71 -4.80
C ARG H 20 6.31 11.40 -3.92
N ARG H 21 5.94 12.55 -3.41
CA ARG H 21 6.84 13.31 -2.60
C ARG H 21 6.83 12.78 -1.20
N PHE H 22 8.01 12.62 -0.63
CA PHE H 22 8.15 12.11 0.73
C PHE H 22 9.20 12.91 1.48
N GLY H 23 8.87 13.33 2.69
CA GLY H 23 9.83 14.02 3.53
C GLY H 23 10.51 13.07 4.49
N VAL H 24 11.80 12.85 4.32
CA VAL H 24 12.53 11.86 5.10
C VAL H 24 13.47 12.57 6.06
N ALA H 25 13.84 11.86 7.12
CA ALA H 25 14.76 12.40 8.13
C ALA H 25 15.57 11.25 8.71
N VAL H 26 16.85 11.18 8.32
CA VAL H 26 17.72 10.09 8.72
C VAL H 26 18.44 10.46 10.01
N PHE H 27 18.37 9.58 11.00
CA PHE H 27 19.05 9.78 12.29
C PHE H 27 20.28 8.88 12.29
N GLY H 28 21.38 9.39 11.74
CA GLY H 28 22.62 8.63 11.62
C GLY H 28 23.03 7.83 12.83
#